data_7NEQ
#
_entry.id   7NEQ
#
_cell.length_a   1.00
_cell.length_b   1.00
_cell.length_c   1.00
_cell.angle_alpha   90.00
_cell.angle_beta   90.00
_cell.angle_gamma   90.00
#
_symmetry.space_group_name_H-M   'P 1'
#
loop_
_entity.id
_entity.type
_entity.pdbx_description
1 polymer 'ATP-binding cassette sub-family G member 2'
2 polymer '5D3(Fab) light chain variable domain'
3 polymer '5D3(Fab) heavy chain variable domain'
4 non-polymer 2-acetamido-2-deoxy-beta-D-glucopyranose
5 non-polymer '[(2~{S})-3-[2-azanylethoxy(oxidanyl)phosphoryl]oxy-2-decanoyloxy-propyl] octadecanoate'
6 non-polymer CHOLESTEROL
7 non-polymer tariquidar
8 water water
#
loop_
_entity_poly.entity_id
_entity_poly.type
_entity_poly.pdbx_seq_one_letter_code
_entity_poly.pdbx_strand_id
1 'polypeptide(L)'
;MSSSNVEVFIPVSQGNTNGFPATASNDLKAFTEGAVLSFHNICYRVKLKSGFLPCRKPVEKEILSNINGIMKPGLNAILG
PTGGGKSSLLDVLAARKDPSGLSGDVLINGAPRPANFKCNSGYVVQDDVVMGTLTVRENLQFSAALRLATTMTNHEKNER
INRVIQELGLDKVADSKVGTQFIRGVSGGERKRTSIGMELITDPSILFLDEPTTGLDSSTANAVLLLLKRMSKQGRTIIF
SIHQPRYSIFKLFDSLTLLASGRLMFHGPAQEALGYFESAGYHCEAYNNPADFFLDIINGDSTAVALNREEDFKATEIIE
PSKQDKPLIEKLAEIYVNSSFYKETKAELHQLSGGEKKKKITVFKEISYTTSFCHQLRWVSKRSFKNLLGNPQASIAQII
VTVVLGLVIGAIYFGLKNDSTGIQNRAGVLFFLTTNQCFSSVSAVELFVVEKKLFIHEYISGYYRVSSYFLGKLLSDLLP
MRMLPSIIFTCIVYFMLGLKPKADAFFVMMFTLMMVAYSASSMALAIAAGQSVVSVATLLMTICFVFMMIFSGLLVNLTT
IASWLSWLQYFSIPRYGFTALQHNEFLGQNFCPGLNATGNNPCNYATCTGEEYLVKQGIDLSPWGLWKNHVALACMIVIF
LTIAYLKLLFLKKYS
;
A,B
2 'polypeptide(L)'
;DIVLTQSPSSFSVSLGDRVTISCKASGYILNRLAWYQQKPGNAPRLLISGATSLETGFPSRFSGTGSGKDYTLSISSLQT
EDVGTYYCQQYWSTPWTFGGGTKLEIRRADAAPTVSIFPPSSEQLTSGGASVVCFLNNFYPKDINVKWKIDGSERQNGVL
NSWTDQDSKDSTYSMSSTLTLTKDEYERHNSYTCEATHKTSTSPIVKSFNRNEC
;
C,E
3 'polypeptide(L)'
;QVQLQESGPGLVKPSQSLSLTCTVTGFSITSDYAWNWIRQFPGKKLEWMGYINFDGGTTYNPSLRGRISITRDTSKNQFF
LQLRSVTPEDTATYYCATFYGAKGTLDYWGQGTSVTVSSAKTTPPSVYPLAPVCGDTSGSSVTLGCLVKGYFPEPVTLTW
NSGSLSSGVHTFPAVLQSDLYTLSSSVTVTSSTWPSQSITCNVAHPASSTKVDKKIEPRGP
;
D,F
#
# COMPACT_ATOMS: atom_id res chain seq x y z
N ALA A 35 -55.61 4.99 11.48
CA ALA A 35 -55.04 5.94 10.53
C ALA A 35 -55.37 5.53 9.10
N VAL A 36 -55.89 6.47 8.32
CA VAL A 36 -56.27 6.23 6.93
C VAL A 36 -55.59 7.29 6.07
N LEU A 37 -54.39 6.97 5.59
CA LEU A 37 -53.64 7.89 4.75
C LEU A 37 -54.39 8.14 3.44
N SER A 38 -54.07 9.26 2.80
CA SER A 38 -54.70 9.62 1.53
C SER A 38 -53.73 10.46 0.71
N PHE A 39 -53.82 10.34 -0.61
CA PHE A 39 -52.92 11.03 -1.51
C PHE A 39 -53.66 11.49 -2.77
N HIS A 40 -53.54 12.79 -3.08
CA HIS A 40 -54.18 13.34 -4.26
C HIS A 40 -53.13 14.13 -5.04
N ASN A 41 -53.08 13.94 -6.35
CA ASN A 41 -52.29 14.80 -7.25
C ASN A 41 -50.82 14.88 -6.85
N ILE A 42 -50.29 13.84 -6.21
CA ILE A 42 -48.87 13.83 -5.88
C ILE A 42 -48.06 13.81 -7.17
N CYS A 43 -47.05 14.66 -7.24
CA CYS A 43 -46.15 14.71 -8.40
C CYS A 43 -44.75 14.96 -7.88
N TYR A 44 -43.80 14.11 -8.27
CA TYR A 44 -42.43 14.23 -7.80
C TYR A 44 -41.52 14.64 -8.94
N ARG A 45 -40.56 15.50 -8.63
CA ARG A 45 -39.58 15.99 -9.59
C ARG A 45 -38.21 15.99 -8.94
N VAL A 46 -37.25 15.33 -9.58
CA VAL A 46 -35.91 15.20 -9.03
C VAL A 46 -35.22 16.57 -8.98
N LYS A 61 -38.48 15.46 -16.33
CA LYS A 61 -38.85 14.09 -15.99
C LYS A 61 -39.51 14.01 -14.61
N GLU A 62 -40.82 13.83 -14.59
CA GLU A 62 -41.56 13.62 -13.35
C GLU A 62 -41.79 12.13 -13.18
N ILE A 63 -41.09 11.53 -12.22
CA ILE A 63 -41.21 10.10 -11.97
C ILE A 63 -42.61 9.72 -11.54
N LEU A 64 -43.39 10.67 -10.99
CA LEU A 64 -44.72 10.40 -10.49
C LEU A 64 -45.67 11.44 -11.09
N SER A 65 -46.58 10.98 -11.95
CA SER A 65 -47.41 11.92 -12.70
C SER A 65 -48.60 12.39 -11.89
N ASN A 66 -49.50 11.49 -11.51
CA ASN A 66 -50.75 11.86 -10.86
C ASN A 66 -51.32 10.65 -10.14
N ILE A 67 -51.43 10.73 -8.82
CA ILE A 67 -51.78 9.59 -7.98
C ILE A 67 -52.86 10.02 -7.01
N ASN A 68 -53.95 9.26 -6.93
CA ASN A 68 -55.06 9.57 -6.04
C ASN A 68 -55.59 8.29 -5.42
N GLY A 69 -55.72 8.26 -4.10
CA GLY A 69 -56.26 7.09 -3.44
C GLY A 69 -56.18 7.20 -1.93
N ILE A 70 -57.00 6.37 -1.28
CA ILE A 70 -57.11 6.30 0.18
C ILE A 70 -56.69 4.91 0.62
N MET A 71 -56.03 4.83 1.78
CA MET A 71 -55.49 3.57 2.27
C MET A 71 -56.15 3.22 3.60
N LYS A 72 -57.28 2.52 3.53
CA LYS A 72 -58.06 2.08 4.68
C LYS A 72 -57.25 1.12 5.54
N PRO A 73 -57.68 0.82 6.77
CA PRO A 73 -56.90 -0.12 7.61
C PRO A 73 -57.05 -1.56 7.18
N GLY A 74 -56.01 -2.09 6.55
CA GLY A 74 -55.99 -3.47 6.09
C GLY A 74 -54.62 -3.88 5.63
N LEU A 75 -54.57 -4.68 4.57
CA LEU A 75 -53.30 -5.14 4.01
C LEU A 75 -53.18 -4.77 2.53
N ASN A 76 -52.92 -3.48 2.25
CA ASN A 76 -52.79 -2.99 0.88
C ASN A 76 -51.37 -3.13 0.34
N ALA A 77 -51.23 -3.19 -0.99
CA ALA A 77 -49.93 -3.34 -1.61
C ALA A 77 -49.76 -2.53 -2.91
N ILE A 78 -48.55 -2.02 -3.10
CA ILE A 78 -48.20 -1.23 -4.28
C ILE A 78 -47.21 -2.03 -5.11
N LEU A 79 -47.64 -2.48 -6.28
CA LEU A 79 -46.76 -3.31 -7.10
C LEU A 79 -46.75 -2.79 -8.53
N GLY A 80 -45.57 -2.85 -9.14
CA GLY A 80 -45.39 -2.47 -10.51
C GLY A 80 -44.08 -3.05 -11.02
N PRO A 81 -43.69 -2.68 -12.23
CA PRO A 81 -42.40 -3.15 -12.76
C PRO A 81 -41.23 -2.51 -12.04
N THR A 82 -40.01 -2.93 -12.38
CA THR A 82 -38.84 -2.26 -11.86
C THR A 82 -38.76 -0.83 -12.40
N GLY A 83 -39.30 -0.60 -13.59
CA GLY A 83 -39.31 0.72 -14.19
C GLY A 83 -40.59 1.49 -13.92
N GLY A 84 -41.32 1.11 -12.87
CA GLY A 84 -42.56 1.75 -12.54
C GLY A 84 -42.41 2.91 -11.58
N GLY A 85 -43.04 2.81 -10.41
CA GLY A 85 -42.90 3.82 -9.38
C GLY A 85 -42.87 3.21 -7.99
N LYS A 86 -42.53 1.93 -7.93
CA LYS A 86 -42.63 1.16 -6.68
C LYS A 86 -41.77 1.77 -5.59
N SER A 87 -40.47 1.86 -5.83
CA SER A 87 -39.51 2.32 -4.82
C SER A 87 -39.60 3.81 -4.56
N SER A 88 -40.54 4.55 -5.11
CA SER A 88 -40.64 5.98 -4.86
C SER A 88 -41.96 6.42 -4.26
N LEU A 89 -43.08 5.81 -4.65
CA LEU A 89 -44.35 6.16 -4.02
C LEU A 89 -44.38 5.80 -2.54
N LEU A 90 -43.58 4.83 -2.11
CA LEU A 90 -43.54 4.49 -0.69
C LEU A 90 -42.77 5.54 0.09
N ASP A 91 -41.57 5.91 -0.38
CA ASP A 91 -40.80 6.96 0.27
C ASP A 91 -41.53 8.29 0.21
N VAL A 92 -42.38 8.49 -0.80
CA VAL A 92 -43.26 9.66 -0.81
C VAL A 92 -44.31 9.52 0.29
N LEU A 93 -45.02 8.39 0.33
CA LEU A 93 -46.09 8.19 1.28
C LEU A 93 -45.59 8.12 2.71
N ALA A 94 -44.31 7.80 2.92
CA ALA A 94 -43.75 7.65 4.25
C ALA A 94 -42.93 8.86 4.68
N ALA A 95 -43.03 9.98 3.97
CA ALA A 95 -42.28 11.20 4.26
C ALA A 95 -40.77 10.98 4.23
N ARG A 96 -40.32 9.91 3.57
CA ARG A 96 -38.90 9.66 3.35
C ARG A 96 -38.37 10.38 2.12
N LYS A 97 -39.18 11.19 1.44
CA LYS A 97 -38.78 11.87 0.23
C LYS A 97 -38.84 13.38 0.44
N ASP A 98 -38.06 14.10 -0.37
CA ASP A 98 -37.95 15.54 -0.23
C ASP A 98 -39.32 16.19 -0.43
N PRO A 99 -39.74 17.10 0.46
CA PRO A 99 -41.00 17.80 0.26
C PRO A 99 -40.98 18.80 -0.89
N SER A 100 -39.85 18.94 -1.58
CA SER A 100 -39.79 19.86 -2.72
C SER A 100 -40.72 19.42 -3.84
N GLY A 101 -40.53 18.18 -4.32
CA GLY A 101 -41.24 17.75 -5.50
C GLY A 101 -42.74 17.65 -5.30
N LEU A 102 -43.17 17.00 -4.22
CA LEU A 102 -44.57 16.64 -4.07
C LEU A 102 -45.45 17.88 -3.99
N SER A 103 -46.67 17.76 -4.51
CA SER A 103 -47.59 18.88 -4.58
C SER A 103 -48.93 18.62 -3.90
N GLY A 104 -49.40 17.38 -3.89
CA GLY A 104 -50.65 17.08 -3.21
C GLY A 104 -50.50 17.14 -1.71
N ASP A 105 -51.65 17.02 -1.04
CA ASP A 105 -51.73 17.13 0.41
C ASP A 105 -51.94 15.74 0.99
N VAL A 106 -50.83 15.07 1.30
CA VAL A 106 -50.88 13.76 1.96
C VAL A 106 -51.37 13.98 3.38
N LEU A 107 -52.60 13.55 3.66
CA LEU A 107 -53.31 13.91 4.89
C LEU A 107 -53.88 12.66 5.55
N ILE A 108 -53.80 12.64 6.88
CA ILE A 108 -54.37 11.56 7.69
C ILE A 108 -55.62 12.10 8.37
N ASN A 109 -56.71 11.34 8.27
CA ASN A 109 -57.97 11.66 8.95
C ASN A 109 -58.35 13.13 8.81
N GLY A 110 -58.02 13.73 7.67
CA GLY A 110 -58.23 15.14 7.45
C GLY A 110 -57.06 16.03 7.85
N ALA A 111 -56.37 15.67 8.94
CA ALA A 111 -55.27 16.47 9.49
C ALA A 111 -54.03 16.35 8.61
N PRO A 112 -53.59 17.44 7.97
CA PRO A 112 -52.37 17.38 7.16
C PRO A 112 -51.18 16.97 8.01
N ARG A 113 -50.50 15.91 7.56
CA ARG A 113 -49.54 15.16 8.35
C ARG A 113 -48.55 16.08 9.06
N PRO A 114 -48.45 16.02 10.38
CA PRO A 114 -47.61 16.99 11.10
C PRO A 114 -46.13 16.71 10.94
N ALA A 115 -45.31 17.52 11.62
CA ALA A 115 -43.86 17.39 11.50
C ALA A 115 -43.33 16.19 12.27
N ASN A 116 -44.01 15.76 13.33
CA ASN A 116 -43.59 14.61 14.12
C ASN A 116 -44.01 13.29 13.50
N PHE A 117 -44.35 13.29 12.21
CA PHE A 117 -44.89 12.09 11.57
C PHE A 117 -43.88 10.95 11.55
N LYS A 118 -42.64 11.25 11.14
CA LYS A 118 -41.68 10.18 10.90
C LYS A 118 -41.36 9.40 12.16
N CYS A 119 -41.12 10.09 13.27
CA CYS A 119 -40.87 9.39 14.52
C CYS A 119 -42.13 8.69 15.03
N ASN A 120 -43.30 9.13 14.59
CA ASN A 120 -44.55 8.47 14.96
C ASN A 120 -44.81 7.22 14.13
N SER A 121 -44.39 7.21 12.88
CA SER A 121 -44.65 6.11 11.96
C SER A 121 -43.59 5.01 12.13
N GLY A 122 -43.60 4.06 11.20
CA GLY A 122 -42.61 2.99 11.19
C GLY A 122 -42.46 2.38 9.82
N TYR A 123 -41.23 2.30 9.32
CA TYR A 123 -40.97 1.93 7.93
C TYR A 123 -39.86 0.89 7.89
N VAL A 124 -40.20 -0.32 7.46
CA VAL A 124 -39.25 -1.42 7.42
C VAL A 124 -38.45 -1.34 6.13
N VAL A 125 -37.12 -1.51 6.25
CA VAL A 125 -36.24 -1.30 5.10
C VAL A 125 -36.37 -2.47 4.11
N GLN A 126 -35.91 -2.22 2.88
CA GLN A 126 -35.98 -3.23 1.83
C GLN A 126 -35.24 -4.50 2.22
N ASP A 127 -33.92 -4.41 2.38
CA ASP A 127 -33.11 -5.49 2.91
C ASP A 127 -33.18 -5.46 4.43
N ASP A 128 -32.29 -6.19 5.08
CA ASP A 128 -32.22 -6.19 6.53
C ASP A 128 -31.10 -5.29 7.02
N VAL A 129 -31.35 -4.60 8.14
CA VAL A 129 -30.41 -3.66 8.71
C VAL A 129 -29.92 -4.05 10.09
N VAL A 130 -30.49 -5.12 10.69
CA VAL A 130 -30.09 -5.51 12.04
C VAL A 130 -28.60 -5.87 12.08
N MET A 131 -28.04 -5.80 13.28
CA MET A 131 -26.63 -6.10 13.49
C MET A 131 -26.43 -7.60 13.73
N GLY A 132 -25.43 -8.16 13.07
CA GLY A 132 -25.16 -9.58 13.21
C GLY A 132 -24.40 -9.98 14.45
N THR A 133 -23.79 -9.03 15.15
CA THR A 133 -22.99 -9.37 16.32
C THR A 133 -23.79 -9.40 17.62
N LEU A 134 -24.86 -8.61 17.71
CA LEU A 134 -25.70 -8.64 18.89
C LEU A 134 -26.81 -9.68 18.70
N THR A 135 -27.43 -10.06 19.81
CA THR A 135 -28.54 -11.00 19.78
C THR A 135 -29.86 -10.26 19.60
N VAL A 136 -30.90 -11.03 19.28
CA VAL A 136 -32.22 -10.46 19.02
C VAL A 136 -32.69 -9.62 20.19
N ARG A 137 -32.40 -10.06 21.42
CA ARG A 137 -32.84 -9.32 22.59
C ARG A 137 -32.17 -7.95 22.67
N GLU A 138 -30.85 -7.91 22.47
CA GLU A 138 -30.16 -6.63 22.47
C GLU A 138 -30.63 -5.72 21.34
N ASN A 139 -30.96 -6.30 20.19
CA ASN A 139 -31.46 -5.50 19.08
C ASN A 139 -32.81 -4.88 19.40
N LEU A 140 -33.73 -5.67 19.92
CA LEU A 140 -35.02 -5.12 20.31
C LEU A 140 -34.94 -4.24 21.54
N GLN A 141 -33.84 -4.27 22.30
CA GLN A 141 -33.66 -3.38 23.44
C GLN A 141 -33.03 -2.04 23.08
N PHE A 142 -32.08 -2.04 22.13
CA PHE A 142 -31.48 -0.79 21.68
C PHE A 142 -32.47 0.08 20.94
N SER A 143 -33.44 -0.54 20.26
CA SER A 143 -34.50 0.19 19.59
C SER A 143 -35.63 0.60 20.53
N ALA A 144 -35.79 -0.10 21.64
CA ALA A 144 -36.80 0.24 22.63
C ALA A 144 -36.30 1.18 23.70
N ALA A 145 -35.01 1.54 23.67
CA ALA A 145 -34.45 2.46 24.64
C ALA A 145 -34.30 3.87 24.12
N LEU A 146 -34.28 4.06 22.81
CA LEU A 146 -34.14 5.40 22.23
C LEU A 146 -35.44 5.93 21.64
N ARG A 147 -36.42 5.07 21.39
CA ARG A 147 -37.70 5.51 20.86
C ARG A 147 -38.80 5.62 21.90
N LEU A 148 -38.64 4.97 23.05
CA LEU A 148 -39.62 5.04 24.11
C LEU A 148 -39.42 6.29 24.96
N ALA A 149 -40.24 6.44 25.99
CA ALA A 149 -40.23 7.63 26.83
C ALA A 149 -39.40 7.38 28.08
N THR A 150 -38.45 8.27 28.36
CA THR A 150 -37.54 8.09 29.48
C THR A 150 -38.25 8.19 30.83
N THR A 151 -39.49 8.65 30.85
CA THR A 151 -40.23 8.78 32.10
C THR A 151 -40.73 7.44 32.63
N MET A 152 -40.67 6.37 31.85
CA MET A 152 -41.20 5.08 32.25
C MET A 152 -40.06 4.17 32.73
N THR A 153 -40.39 3.25 33.63
CA THR A 153 -39.39 2.39 34.24
C THR A 153 -39.04 1.23 33.31
N ASN A 154 -37.92 0.56 33.64
CA ASN A 154 -37.48 -0.58 32.86
C ASN A 154 -38.44 -1.76 32.97
N HIS A 155 -39.26 -1.81 34.02
CA HIS A 155 -40.27 -2.86 34.12
C HIS A 155 -41.24 -2.81 32.95
N GLU A 156 -41.86 -1.65 32.74
CA GLU A 156 -42.78 -1.50 31.61
C GLU A 156 -42.07 -1.68 30.28
N LYS A 157 -40.84 -1.16 30.17
CA LYS A 157 -40.08 -1.28 28.93
C LYS A 157 -39.86 -2.75 28.57
N ASN A 158 -39.27 -3.51 29.48
CA ASN A 158 -39.03 -4.93 29.21
C ASN A 158 -40.33 -5.72 29.09
N GLU A 159 -41.40 -5.29 29.74
CA GLU A 159 -42.69 -5.95 29.54
C GLU A 159 -43.19 -5.78 28.12
N ARG A 160 -43.14 -4.54 27.61
CA ARG A 160 -43.50 -4.30 26.22
C ARG A 160 -42.61 -5.08 25.27
N ILE A 161 -41.31 -5.14 25.56
CA ILE A 161 -40.40 -5.90 24.70
C ILE A 161 -40.80 -7.37 24.70
N ASN A 162 -41.16 -7.89 25.87
CA ASN A 162 -41.56 -9.29 25.96
C ASN A 162 -42.84 -9.54 25.17
N ARG A 163 -43.82 -8.65 25.30
CA ARG A 163 -45.04 -8.77 24.51
C ARG A 163 -44.74 -8.78 23.02
N VAL A 164 -43.88 -7.86 22.58
CA VAL A 164 -43.53 -7.78 21.17
C VAL A 164 -42.89 -9.08 20.69
N ILE A 165 -41.84 -9.54 21.38
CA ILE A 165 -41.11 -10.71 20.92
C ILE A 165 -41.91 -11.99 21.11
N GLN A 166 -42.93 -11.97 21.96
CA GLN A 166 -43.77 -13.14 22.17
C GLN A 166 -44.92 -13.22 21.17
N GLU A 167 -45.45 -12.07 20.73
CA GLU A 167 -46.47 -12.10 19.69
C GLU A 167 -45.86 -12.25 18.31
N LEU A 168 -44.66 -11.73 18.10
CA LEU A 168 -43.99 -11.87 16.81
C LEU A 168 -43.72 -13.34 16.49
N GLY A 169 -43.18 -14.08 17.44
CA GLY A 169 -42.85 -15.47 17.24
C GLY A 169 -41.39 -15.82 17.48
N LEU A 170 -40.52 -14.85 17.70
CA LEU A 170 -39.12 -15.14 18.03
C LEU A 170 -38.92 -15.39 19.52
N ASP A 171 -39.97 -15.69 20.28
CA ASP A 171 -39.78 -16.02 21.68
C ASP A 171 -38.95 -17.27 21.84
N LYS A 172 -39.19 -18.28 21.00
CA LYS A 172 -38.34 -19.46 20.97
C LYS A 172 -36.92 -19.14 20.52
N VAL A 173 -36.72 -18.01 19.86
CA VAL A 173 -35.41 -17.62 19.32
C VAL A 173 -35.03 -16.28 19.95
N ALA A 174 -35.46 -16.05 21.19
CA ALA A 174 -35.24 -14.77 21.83
C ALA A 174 -33.77 -14.46 21.99
N ASP A 175 -33.05 -15.27 22.77
CA ASP A 175 -31.67 -14.97 23.08
C ASP A 175 -30.70 -15.38 21.98
N SER A 176 -31.17 -16.07 20.94
CA SER A 176 -30.25 -16.56 19.92
C SER A 176 -29.66 -15.40 19.14
N LYS A 177 -28.33 -15.40 19.00
CA LYS A 177 -27.65 -14.37 18.22
C LYS A 177 -28.21 -14.31 16.81
N VAL A 178 -28.43 -13.08 16.34
CA VAL A 178 -28.91 -12.89 14.97
C VAL A 178 -27.92 -13.47 13.98
N GLY A 179 -26.66 -13.11 14.11
CA GLY A 179 -25.62 -13.81 13.38
C GLY A 179 -25.00 -12.99 12.25
N THR A 180 -23.69 -13.08 12.13
CA THR A 180 -22.92 -12.49 11.04
C THR A 180 -22.49 -13.61 10.09
N GLN A 181 -21.65 -13.27 9.11
CA GLN A 181 -21.11 -14.27 8.21
C GLN A 181 -20.34 -15.36 8.95
N PHE A 182 -19.48 -14.96 9.90
CA PHE A 182 -18.61 -15.93 10.55
C PHE A 182 -19.39 -16.80 11.54
N ILE A 183 -19.98 -16.19 12.57
CA ILE A 183 -20.74 -16.96 13.54
C ILE A 183 -22.00 -17.50 12.88
N ARG A 184 -22.38 -18.71 13.26
CA ARG A 184 -23.61 -19.30 12.75
C ARG A 184 -24.79 -18.43 13.14
N GLY A 185 -25.54 -17.98 12.12
CA GLY A 185 -26.64 -17.06 12.33
C GLY A 185 -27.96 -17.76 12.57
N VAL A 186 -29.03 -16.98 12.49
CA VAL A 186 -30.39 -17.49 12.61
C VAL A 186 -31.03 -17.44 11.22
N SER A 187 -32.17 -18.11 11.05
CA SER A 187 -32.83 -18.16 9.75
C SER A 187 -33.16 -16.75 9.25
N GLY A 188 -33.07 -16.57 7.93
CA GLY A 188 -33.35 -15.27 7.35
C GLY A 188 -34.77 -14.79 7.59
N GLY A 189 -35.72 -15.72 7.67
CA GLY A 189 -37.05 -15.35 8.10
C GLY A 189 -37.04 -14.71 9.48
N GLU A 190 -36.21 -15.23 10.37
CA GLU A 190 -36.10 -14.65 11.71
C GLU A 190 -35.40 -13.30 11.66
N ARG A 191 -34.48 -13.10 10.72
CA ARG A 191 -33.88 -11.78 10.55
C ARG A 191 -34.91 -10.75 10.10
N LYS A 192 -35.72 -11.10 9.09
CA LYS A 192 -36.77 -10.18 8.66
C LYS A 192 -37.79 -9.94 9.77
N ARG A 193 -38.08 -10.97 10.56
CA ARG A 193 -39.00 -10.79 11.68
C ARG A 193 -38.41 -9.87 12.74
N THR A 194 -37.10 -9.96 12.97
CA THR A 194 -36.44 -9.06 13.90
C THR A 194 -36.53 -7.62 13.41
N SER A 195 -36.32 -7.41 12.11
CA SER A 195 -36.43 -6.06 11.56
C SER A 195 -37.85 -5.53 11.69
N ILE A 196 -38.85 -6.36 11.37
CA ILE A 196 -40.23 -5.97 11.58
C ILE A 196 -40.51 -5.69 13.05
N GLY A 197 -39.72 -6.28 13.94
CA GLY A 197 -39.92 -6.11 15.37
C GLY A 197 -39.29 -4.88 15.97
N MET A 198 -38.32 -4.28 15.28
CA MET A 198 -37.74 -3.04 15.76
C MET A 198 -38.56 -1.81 15.36
N GLU A 199 -39.79 -2.01 14.86
CA GLU A 199 -40.69 -0.91 14.59
C GLU A 199 -42.07 -1.10 15.19
N LEU A 200 -42.37 -2.26 15.75
CA LEU A 200 -43.59 -2.45 16.52
C LEU A 200 -43.46 -1.99 17.95
N ILE A 201 -42.24 -1.71 18.42
CA ILE A 201 -42.03 -1.28 19.79
C ILE A 201 -42.84 -0.03 20.09
N THR A 202 -42.64 1.02 19.30
CA THR A 202 -43.30 2.30 19.52
C THR A 202 -44.80 2.24 19.35
N ASP A 203 -45.34 1.13 18.87
CA ASP A 203 -46.78 0.94 18.63
C ASP A 203 -47.29 2.02 17.67
N PRO A 204 -46.94 1.97 16.40
CA PRO A 204 -47.50 2.90 15.42
C PRO A 204 -48.86 2.39 14.93
N SER A 205 -49.49 3.20 14.08
CA SER A 205 -50.70 2.78 13.39
C SER A 205 -50.48 2.42 11.93
N ILE A 206 -49.50 3.06 11.28
CA ILE A 206 -49.17 2.78 9.89
C ILE A 206 -47.78 2.16 9.83
N LEU A 207 -47.67 1.01 9.17
CA LEU A 207 -46.40 0.33 8.96
C LEU A 207 -46.11 0.24 7.47
N PHE A 208 -44.97 0.79 7.06
CA PHE A 208 -44.53 0.78 5.67
C PHE A 208 -43.47 -0.29 5.48
N LEU A 209 -43.64 -1.13 4.47
CA LEU A 209 -42.68 -2.17 4.12
C LEU A 209 -42.31 -2.04 2.65
N ASP A 210 -41.04 -1.80 2.38
CA ASP A 210 -40.54 -1.81 1.01
C ASP A 210 -39.89 -3.15 0.73
N GLU A 211 -40.45 -3.90 -0.23
CA GLU A 211 -39.94 -5.18 -0.67
C GLU A 211 -39.58 -6.09 0.51
N PRO A 212 -40.57 -6.63 1.22
CA PRO A 212 -40.24 -7.52 2.35
C PRO A 212 -39.78 -8.90 1.93
N THR A 213 -39.79 -9.23 0.64
CA THR A 213 -39.50 -10.58 0.19
C THR A 213 -38.30 -10.68 -0.75
N THR A 214 -37.77 -9.57 -1.24
CA THR A 214 -36.61 -9.61 -2.14
C THR A 214 -35.39 -10.00 -1.33
N GLY A 215 -35.03 -11.28 -1.39
CA GLY A 215 -33.91 -11.81 -0.63
C GLY A 215 -34.29 -13.03 0.17
N LEU A 216 -35.50 -13.54 -0.05
CA LEU A 216 -36.01 -14.69 0.68
C LEU A 216 -36.42 -15.78 -0.29
N ASP A 217 -36.03 -17.02 0.04
CA ASP A 217 -36.55 -18.18 -0.68
C ASP A 217 -38.06 -18.23 -0.57
N SER A 218 -38.68 -18.96 -1.50
CA SER A 218 -40.14 -19.08 -1.55
C SER A 218 -40.69 -19.78 -0.32
N SER A 219 -39.82 -20.23 0.59
CA SER A 219 -40.25 -20.97 1.77
C SER A 219 -40.74 -20.04 2.85
N THR A 220 -39.98 -18.99 3.16
CA THR A 220 -40.30 -18.10 4.27
C THR A 220 -41.29 -17.01 3.91
N ALA A 221 -41.55 -16.80 2.62
CA ALA A 221 -42.42 -15.70 2.20
C ALA A 221 -43.85 -15.90 2.68
N ASN A 222 -44.36 -17.12 2.58
CA ASN A 222 -45.71 -17.39 3.05
C ASN A 222 -45.84 -17.14 4.54
N ALA A 223 -44.84 -17.56 5.32
CA ALA A 223 -44.89 -17.36 6.77
C ALA A 223 -44.81 -15.88 7.12
N VAL A 224 -43.94 -15.13 6.43
CA VAL A 224 -43.82 -13.70 6.74
C VAL A 224 -45.11 -12.97 6.37
N LEU A 225 -45.72 -13.32 5.24
CA LEU A 225 -46.97 -12.67 4.86
C LEU A 225 -48.11 -13.05 5.79
N LEU A 226 -48.12 -14.29 6.29
CA LEU A 226 -49.09 -14.66 7.32
C LEU A 226 -48.85 -13.90 8.61
N LEU A 227 -47.59 -13.64 8.95
CA LEU A 227 -47.28 -12.83 10.12
C LEU A 227 -47.84 -11.42 9.97
N LEU A 228 -47.59 -10.80 8.82
CA LEU A 228 -48.17 -9.49 8.52
C LEU A 228 -49.68 -9.52 8.60
N LYS A 229 -50.30 -10.55 8.01
CA LYS A 229 -51.75 -10.68 8.06
C LYS A 229 -52.26 -10.74 9.50
N ARG A 230 -51.59 -11.54 10.34
CA ARG A 230 -51.99 -11.63 11.74
C ARG A 230 -51.84 -10.30 12.45
N MET A 231 -50.82 -9.50 12.08
CA MET A 231 -50.74 -8.15 12.62
C MET A 231 -51.92 -7.30 12.17
N SER A 232 -52.31 -7.41 10.89
CA SER A 232 -53.32 -6.52 10.33
C SER A 232 -54.73 -6.80 10.85
N LYS A 233 -54.95 -7.93 11.51
CA LYS A 233 -56.28 -8.25 12.04
C LYS A 233 -56.61 -7.50 13.31
N GLN A 234 -55.73 -6.60 13.76
CA GLN A 234 -55.93 -5.86 14.99
C GLN A 234 -56.08 -4.35 14.79
N GLY A 235 -55.82 -3.83 13.59
CA GLY A 235 -56.03 -2.42 13.36
C GLY A 235 -54.81 -1.63 12.91
N ARG A 236 -53.87 -2.29 12.24
CA ARG A 236 -52.68 -1.62 11.70
C ARG A 236 -52.81 -1.52 10.18
N THR A 237 -52.52 -0.32 9.65
CA THR A 237 -52.51 -0.10 8.21
C THR A 237 -51.13 -0.46 7.67
N ILE A 238 -51.04 -1.56 6.94
CA ILE A 238 -49.78 -2.07 6.42
C ILE A 238 -49.72 -1.77 4.94
N ILE A 239 -48.68 -1.05 4.52
CA ILE A 239 -48.54 -0.59 3.15
C ILE A 239 -47.17 -1.05 2.66
N PHE A 240 -47.16 -1.98 1.71
CA PHE A 240 -45.90 -2.56 1.26
C PHE A 240 -45.82 -2.61 -0.25
N SER A 241 -44.59 -2.59 -0.74
CA SER A 241 -44.26 -2.70 -2.16
C SER A 241 -43.64 -4.07 -2.40
N ILE A 242 -44.11 -4.77 -3.44
CA ILE A 242 -43.75 -6.16 -3.66
C ILE A 242 -43.24 -6.34 -5.08
N HIS A 243 -42.42 -7.38 -5.28
CA HIS A 243 -41.74 -7.67 -6.54
C HIS A 243 -42.18 -9.03 -7.06
N GLN A 244 -43.12 -9.03 -8.01
CA GLN A 244 -43.67 -10.22 -8.65
C GLN A 244 -44.18 -11.23 -7.62
N PRO A 245 -45.28 -10.94 -6.95
CA PRO A 245 -45.76 -11.83 -5.89
C PRO A 245 -46.38 -13.10 -6.43
N ARG A 246 -46.28 -14.16 -5.63
CA ARG A 246 -46.97 -15.41 -5.89
C ARG A 246 -48.43 -15.31 -5.46
N TYR A 247 -49.30 -16.10 -6.10
CA TYR A 247 -50.70 -16.11 -5.72
C TYR A 247 -50.91 -16.61 -4.30
N SER A 248 -49.94 -17.34 -3.74
CA SER A 248 -50.02 -17.70 -2.33
C SER A 248 -49.89 -16.49 -1.42
N ILE A 249 -49.66 -15.31 -2.00
CA ILE A 249 -49.65 -14.04 -1.27
C ILE A 249 -50.82 -13.16 -1.68
N PHE A 250 -51.00 -12.95 -2.98
CA PHE A 250 -51.95 -11.98 -3.52
C PHE A 250 -53.39 -12.25 -3.10
N LYS A 251 -53.66 -13.39 -2.48
CA LYS A 251 -55.05 -13.76 -2.19
C LYS A 251 -55.68 -12.87 -1.13
N LEU A 252 -54.93 -12.47 -0.12
CA LEU A 252 -55.48 -11.79 1.06
C LEU A 252 -55.41 -10.27 1.00
N PHE A 253 -54.96 -9.71 -0.12
CA PHE A 253 -54.75 -8.27 -0.19
C PHE A 253 -56.08 -7.51 -0.12
N ASP A 254 -56.03 -6.36 0.54
CA ASP A 254 -57.21 -5.49 0.60
C ASP A 254 -57.31 -4.62 -0.64
N SER A 255 -56.33 -3.76 -0.87
CA SER A 255 -56.37 -2.78 -1.94
C SER A 255 -55.10 -2.85 -2.76
N LEU A 256 -55.25 -2.81 -4.09
CA LEU A 256 -54.13 -2.92 -5.00
C LEU A 256 -53.87 -1.57 -5.67
N THR A 257 -52.59 -1.28 -5.88
CA THR A 257 -52.17 -0.10 -6.63
C THR A 257 -51.09 -0.51 -7.61
N LEU A 258 -51.30 -0.18 -8.88
CA LEU A 258 -50.41 -0.57 -9.97
C LEU A 258 -49.75 0.68 -10.52
N LEU A 259 -48.42 0.74 -10.42
CA LEU A 259 -47.64 1.91 -10.82
C LEU A 259 -46.80 1.50 -12.03
N ALA A 260 -47.35 1.71 -13.22
CA ALA A 260 -46.71 1.31 -14.47
C ALA A 260 -46.02 2.52 -15.09
N SER A 261 -44.71 2.62 -14.89
CA SER A 261 -43.87 3.66 -15.47
C SER A 261 -44.39 5.07 -15.15
N GLY A 262 -44.43 5.37 -13.86
CA GLY A 262 -44.71 6.74 -13.44
C GLY A 262 -46.13 7.20 -13.65
N ARG A 263 -47.07 6.26 -13.74
CA ARG A 263 -48.49 6.61 -13.79
C ARG A 263 -49.27 5.55 -13.02
N LEU A 264 -50.51 5.91 -12.67
CA LEU A 264 -51.35 5.05 -11.84
C LEU A 264 -52.28 4.26 -12.75
N MET A 265 -51.85 3.05 -13.11
CA MET A 265 -52.66 2.22 -13.99
C MET A 265 -53.86 1.62 -13.27
N PHE A 266 -53.81 1.51 -11.95
CA PHE A 266 -54.94 1.01 -11.18
C PHE A 266 -54.72 1.31 -9.70
N HIS A 267 -55.78 1.73 -9.03
CA HIS A 267 -55.82 1.79 -7.57
C HIS A 267 -57.24 1.47 -7.11
N GLY A 268 -57.36 0.45 -6.28
CA GLY A 268 -58.64 0.02 -5.77
C GLY A 268 -58.50 -1.29 -5.01
N PRO A 269 -59.62 -1.93 -4.69
CA PRO A 269 -59.56 -3.24 -4.04
C PRO A 269 -58.83 -4.25 -4.91
N ALA A 270 -58.06 -5.13 -4.26
CA ALA A 270 -57.17 -6.05 -4.96
C ALA A 270 -57.86 -7.32 -5.45
N GLN A 271 -59.01 -7.68 -4.86
CA GLN A 271 -59.78 -8.79 -5.40
C GLN A 271 -60.39 -8.43 -6.74
N GLU A 272 -60.50 -7.14 -7.05
CA GLU A 272 -61.16 -6.66 -8.26
C GLU A 272 -60.15 -6.11 -9.26
N ALA A 273 -59.00 -6.78 -9.37
CA ALA A 273 -57.97 -6.42 -10.33
C ALA A 273 -58.06 -7.25 -11.61
N LEU A 274 -58.21 -8.57 -11.47
CA LEU A 274 -58.44 -9.41 -12.64
C LEU A 274 -59.76 -9.07 -13.32
N GLY A 275 -60.77 -8.69 -12.52
CA GLY A 275 -62.01 -8.20 -13.10
C GLY A 275 -61.86 -6.87 -13.81
N TYR A 276 -60.81 -6.12 -13.48
CA TYR A 276 -60.55 -4.88 -14.19
C TYR A 276 -60.07 -5.15 -15.61
N PHE A 277 -59.12 -6.07 -15.77
CA PHE A 277 -58.54 -6.37 -17.08
C PHE A 277 -59.37 -7.35 -17.90
N GLU A 278 -60.23 -8.15 -17.26
CA GLU A 278 -61.11 -9.02 -18.04
C GLU A 278 -62.22 -8.22 -18.72
N SER A 279 -62.71 -7.17 -18.07
CA SER A 279 -63.70 -6.28 -18.67
C SER A 279 -63.07 -5.18 -19.49
N ALA A 280 -61.75 -5.15 -19.61
CA ALA A 280 -61.06 -4.21 -20.47
C ALA A 280 -60.90 -4.72 -21.90
N GLY A 281 -61.19 -6.00 -22.14
CA GLY A 281 -61.11 -6.56 -23.48
C GLY A 281 -60.23 -7.80 -23.58
N TYR A 282 -59.42 -8.06 -22.55
CA TYR A 282 -58.50 -9.19 -22.55
C TYR A 282 -59.21 -10.46 -22.08
N HIS A 283 -58.45 -11.56 -22.02
CA HIS A 283 -58.98 -12.85 -21.64
C HIS A 283 -58.17 -13.40 -20.47
N CYS A 284 -58.87 -14.02 -19.53
CA CYS A 284 -58.26 -14.54 -18.30
C CYS A 284 -57.95 -16.02 -18.51
N GLU A 285 -56.70 -16.32 -18.85
CA GLU A 285 -56.27 -17.71 -18.94
C GLU A 285 -56.22 -18.32 -17.54
N ALA A 286 -55.88 -19.60 -17.50
CA ALA A 286 -55.73 -20.32 -16.24
C ALA A 286 -54.27 -20.70 -16.02
N TYR A 287 -53.99 -21.15 -14.79
CA TYR A 287 -52.66 -21.61 -14.40
C TYR A 287 -51.60 -20.53 -14.59
N ASN A 288 -51.99 -19.29 -14.32
CA ASN A 288 -51.02 -18.19 -14.37
C ASN A 288 -51.23 -17.27 -13.18
N ASN A 289 -50.15 -16.99 -12.46
CA ASN A 289 -50.11 -16.03 -11.37
C ASN A 289 -50.63 -14.68 -11.88
N PRO A 290 -51.77 -14.20 -11.38
CA PRO A 290 -52.36 -12.97 -11.92
C PRO A 290 -51.44 -11.77 -11.79
N ALA A 291 -50.55 -11.75 -10.80
CA ALA A 291 -49.61 -10.65 -10.68
C ALA A 291 -48.60 -10.66 -11.83
N ASP A 292 -48.10 -11.84 -12.19
CA ASP A 292 -47.26 -11.94 -13.38
C ASP A 292 -48.04 -11.55 -14.63
N PHE A 293 -49.33 -11.86 -14.67
CA PHE A 293 -50.16 -11.41 -15.79
C PHE A 293 -50.19 -9.88 -15.86
N PHE A 294 -50.32 -9.24 -14.69
CA PHE A 294 -50.33 -7.78 -14.65
C PHE A 294 -48.99 -7.22 -15.13
N LEU A 295 -47.88 -7.79 -14.65
CA LEU A 295 -46.55 -7.34 -15.05
C LEU A 295 -46.24 -7.70 -16.50
N ASP A 296 -47.02 -8.60 -17.10
CA ASP A 296 -46.85 -8.94 -18.51
C ASP A 296 -47.73 -8.09 -19.42
N ILE A 297 -48.82 -7.52 -18.89
CA ILE A 297 -49.60 -6.56 -19.67
C ILE A 297 -48.73 -5.34 -20.00
N ILE A 298 -47.89 -4.92 -19.05
CA ILE A 298 -46.97 -3.82 -19.29
C ILE A 298 -45.91 -4.18 -20.32
N ASN A 299 -45.69 -5.46 -20.58
CA ASN A 299 -44.64 -5.88 -21.49
C ASN A 299 -45.19 -6.76 -22.61
N GLY A 300 -46.28 -6.34 -23.24
CA GLY A 300 -46.81 -7.04 -24.41
C GLY A 300 -47.77 -8.17 -24.12
N ASP A 301 -48.87 -7.85 -23.43
CA ASP A 301 -49.99 -8.78 -23.21
C ASP A 301 -49.58 -10.00 -22.37
N LEU A 328 -48.80 2.60 -25.50
CA LEU A 328 -49.25 1.52 -24.62
C LEU A 328 -49.30 1.98 -23.17
N ILE A 329 -48.13 2.36 -22.63
CA ILE A 329 -48.05 2.85 -21.26
C ILE A 329 -48.93 4.07 -21.07
N GLU A 330 -49.11 4.88 -22.12
CA GLU A 330 -49.98 6.04 -22.08
C GLU A 330 -51.38 5.75 -22.60
N LYS A 331 -51.69 4.48 -22.86
CA LYS A 331 -53.04 4.08 -23.26
C LYS A 331 -53.86 3.54 -22.10
N LEU A 332 -53.33 2.55 -21.38
CA LEU A 332 -54.01 2.08 -20.18
C LEU A 332 -54.07 3.17 -19.12
N ALA A 333 -53.03 4.01 -19.04
CA ALA A 333 -53.00 5.07 -18.04
C ALA A 333 -54.12 6.08 -18.24
N GLU A 334 -54.56 6.29 -19.49
CA GLU A 334 -55.68 7.16 -19.78
C GLU A 334 -56.99 6.40 -19.94
N ILE A 335 -56.95 5.07 -19.97
CA ILE A 335 -58.17 4.29 -19.88
C ILE A 335 -58.61 4.11 -18.42
N TYR A 336 -57.67 4.16 -17.47
CA TYR A 336 -58.03 3.93 -16.08
C TYR A 336 -58.85 5.08 -15.50
N VAL A 337 -58.49 6.32 -15.83
CA VAL A 337 -59.26 7.47 -15.37
C VAL A 337 -60.72 7.37 -15.79
N ASN A 338 -61.01 6.61 -16.84
CA ASN A 338 -62.39 6.39 -17.28
C ASN A 338 -63.14 5.38 -16.43
N SER A 339 -62.47 4.69 -15.52
CA SER A 339 -63.09 3.60 -14.77
C SER A 339 -63.59 4.10 -13.41
N SER A 340 -64.71 3.51 -12.97
CA SER A 340 -65.39 3.97 -11.75
C SER A 340 -64.50 3.88 -10.52
N PHE A 341 -63.47 3.03 -10.53
CA PHE A 341 -62.54 2.97 -9.41
C PHE A 341 -61.81 4.29 -9.21
N TYR A 342 -61.83 5.16 -10.21
CA TYR A 342 -61.31 6.52 -10.14
C TYR A 342 -62.37 7.49 -9.65
N LYS A 343 -63.56 7.45 -10.24
CA LYS A 343 -64.58 8.46 -9.96
C LYS A 343 -65.13 8.30 -8.55
N GLU A 344 -65.43 7.07 -8.14
CA GLU A 344 -65.96 6.85 -6.80
C GLU A 344 -64.97 7.27 -5.72
N THR A 345 -63.69 6.89 -5.89
CA THR A 345 -62.71 7.27 -4.88
C THR A 345 -62.44 8.77 -4.90
N LYS A 346 -62.45 9.41 -6.07
CA LYS A 346 -62.25 10.85 -6.11
C LYS A 346 -63.41 11.58 -5.43
N ALA A 347 -64.63 11.08 -5.60
CA ALA A 347 -65.78 11.66 -4.90
C ALA A 347 -65.65 11.47 -3.40
N GLU A 348 -65.21 10.29 -2.97
CA GLU A 348 -64.95 10.05 -1.55
C GLU A 348 -63.91 11.03 -1.01
N LEU A 349 -62.88 11.32 -1.79
CA LEU A 349 -61.79 12.17 -1.29
C LEU A 349 -62.20 13.63 -1.30
N HIS A 350 -63.03 14.04 -2.26
CA HIS A 350 -63.58 15.39 -2.23
C HIS A 350 -64.57 15.56 -1.07
N GLN A 351 -65.26 14.49 -0.69
CA GLN A 351 -66.06 14.55 0.53
C GLN A 351 -65.17 14.70 1.75
N LEU A 352 -64.16 13.82 1.88
CA LEU A 352 -63.23 13.89 3.00
C LEU A 352 -62.65 15.29 3.17
N SER A 353 -62.10 15.85 2.09
CA SER A 353 -61.55 17.20 2.16
C SER A 353 -62.62 18.25 2.46
N GLY A 354 -63.89 17.95 2.16
CA GLY A 354 -64.97 18.87 2.44
C GLY A 354 -65.82 18.45 3.62
N TYR A 369 -36.39 16.50 20.96
CA TYR A 369 -36.28 15.06 20.87
C TYR A 369 -36.92 14.38 22.06
N THR A 370 -37.20 13.08 21.91
CA THR A 370 -37.83 12.29 22.97
C THR A 370 -36.81 11.69 23.94
N THR A 371 -35.54 12.08 23.83
CA THR A 371 -34.50 11.56 24.71
C THR A 371 -33.50 12.67 24.99
N SER A 372 -32.64 12.41 25.99
CA SER A 372 -31.61 13.37 26.40
C SER A 372 -30.43 13.27 25.44
N PHE A 373 -29.31 13.89 25.80
CA PHE A 373 -28.09 13.76 25.01
C PHE A 373 -27.23 12.61 25.50
N CYS A 374 -26.85 12.64 26.79
CA CYS A 374 -26.09 11.54 27.36
C CYS A 374 -26.83 10.21 27.23
N HIS A 375 -28.16 10.25 27.24
CA HIS A 375 -28.94 9.06 26.96
C HIS A 375 -28.80 8.62 25.52
N GLN A 376 -28.72 9.58 24.59
CA GLN A 376 -28.49 9.27 23.18
C GLN A 376 -27.03 9.03 22.86
N LEU A 377 -26.17 8.91 23.87
CA LEU A 377 -24.79 8.50 23.70
C LEU A 377 -24.48 7.20 24.41
N ARG A 378 -25.10 6.96 25.56
CA ARG A 378 -24.92 5.73 26.30
C ARG A 378 -25.16 4.51 25.43
N TRP A 379 -26.34 4.45 24.81
CA TRP A 379 -26.73 3.24 24.09
C TRP A 379 -26.02 3.12 22.75
N VAL A 380 -25.64 4.23 22.13
CA VAL A 380 -24.88 4.15 20.89
C VAL A 380 -23.48 3.63 21.17
N SER A 381 -22.80 4.18 22.19
CA SER A 381 -21.49 3.67 22.57
C SER A 381 -21.58 2.22 23.02
N LYS A 382 -22.68 1.84 23.69
CA LYS A 382 -22.87 0.47 24.14
C LYS A 382 -22.97 -0.49 22.96
N ARG A 383 -23.88 -0.21 22.03
CA ARG A 383 -24.05 -1.07 20.87
C ARG A 383 -22.76 -1.17 20.06
N SER A 384 -22.04 -0.05 19.93
CA SER A 384 -20.82 -0.09 19.14
C SER A 384 -19.74 -0.90 19.83
N PHE A 385 -19.61 -0.76 21.16
CA PHE A 385 -18.62 -1.54 21.89
C PHE A 385 -18.91 -3.03 21.79
N LYS A 386 -20.18 -3.41 21.96
CA LYS A 386 -20.55 -4.81 21.76
C LYS A 386 -20.19 -5.29 20.36
N ASN A 387 -20.57 -4.52 19.34
CA ASN A 387 -20.34 -4.97 17.97
C ASN A 387 -18.85 -5.03 17.63
N LEU A 388 -18.03 -4.24 18.30
CA LEU A 388 -16.59 -4.29 18.07
C LEU A 388 -15.94 -5.46 18.82
N LEU A 389 -16.41 -5.77 20.02
CA LEU A 389 -15.95 -6.97 20.71
C LEU A 389 -16.63 -8.22 20.14
N GLY A 390 -17.96 -8.15 19.96
CA GLY A 390 -18.72 -9.26 19.38
C GLY A 390 -18.25 -9.70 18.02
N ASN A 391 -17.43 -8.89 17.34
CA ASN A 391 -16.78 -9.28 16.10
C ASN A 391 -15.30 -9.38 16.37
N PRO A 392 -14.84 -10.42 17.08
CA PRO A 392 -13.42 -10.49 17.45
C PRO A 392 -12.50 -10.73 16.28
N GLN A 393 -13.02 -11.05 15.09
CA GLN A 393 -12.17 -11.41 13.97
C GLN A 393 -11.28 -10.25 13.56
N ALA A 394 -11.88 -9.10 13.24
CA ALA A 394 -11.10 -7.96 12.75
C ALA A 394 -10.16 -7.43 13.82
N SER A 395 -10.65 -7.26 15.05
CA SER A 395 -9.82 -6.66 16.09
C SER A 395 -8.69 -7.59 16.52
N ILE A 396 -8.97 -8.89 16.63
CA ILE A 396 -7.90 -9.81 16.99
C ILE A 396 -6.93 -9.98 15.83
N ALA A 397 -7.40 -9.90 14.58
CA ALA A 397 -6.47 -9.86 13.45
C ALA A 397 -5.55 -8.66 13.57
N GLN A 398 -6.09 -7.49 13.91
CA GLN A 398 -5.27 -6.30 14.07
C GLN A 398 -4.22 -6.50 15.17
N ILE A 399 -4.64 -6.95 16.34
CA ILE A 399 -3.71 -7.06 17.45
C ILE A 399 -2.67 -8.15 17.20
N ILE A 400 -3.08 -9.24 16.57
CA ILE A 400 -2.14 -10.33 16.27
C ILE A 400 -1.11 -9.87 15.26
N VAL A 401 -1.55 -9.25 14.16
CA VAL A 401 -0.60 -8.77 13.17
C VAL A 401 0.31 -7.70 13.77
N THR A 402 -0.20 -6.93 14.73
CA THR A 402 0.63 -5.88 15.32
C THR A 402 1.70 -6.48 16.23
N VAL A 403 1.33 -7.48 17.05
CA VAL A 403 2.31 -8.12 17.92
C VAL A 403 3.35 -8.87 17.09
N VAL A 404 2.92 -9.52 16.01
CA VAL A 404 3.85 -10.27 15.18
C VAL A 404 4.81 -9.32 14.46
N LEU A 405 4.28 -8.22 13.90
CA LEU A 405 5.14 -7.23 13.26
C LEU A 405 6.09 -6.60 14.27
N GLY A 406 5.62 -6.37 15.49
CA GLY A 406 6.49 -5.80 16.51
C GLY A 406 7.62 -6.73 16.89
N LEU A 407 7.34 -8.03 16.98
CA LEU A 407 8.41 -8.98 17.31
C LEU A 407 9.39 -9.15 16.16
N VAL A 408 8.89 -9.16 14.93
CA VAL A 408 9.76 -9.24 13.76
C VAL A 408 10.67 -8.02 13.70
N ILE A 409 10.09 -6.83 13.87
CA ILE A 409 10.85 -5.59 13.80
C ILE A 409 11.83 -5.50 14.96
N GLY A 410 11.48 -6.06 16.12
CA GLY A 410 12.41 -6.09 17.23
C GLY A 410 13.54 -7.07 17.04
N ALA A 411 13.31 -8.14 16.30
CA ALA A 411 14.38 -9.11 16.04
C ALA A 411 15.31 -8.65 14.93
N ILE A 412 14.79 -7.96 13.92
CA ILE A 412 15.66 -7.48 12.83
C ILE A 412 16.57 -6.37 13.33
N TYR A 413 16.04 -5.44 14.12
CA TYR A 413 16.78 -4.29 14.58
C TYR A 413 17.40 -4.49 15.95
N PHE A 414 17.36 -5.71 16.48
CA PHE A 414 17.77 -5.99 17.84
C PHE A 414 19.15 -5.43 18.15
N GLY A 415 19.22 -4.58 19.18
CA GLY A 415 20.48 -4.03 19.63
C GLY A 415 21.10 -3.02 18.69
N LEU A 416 20.48 -1.85 18.56
CA LEU A 416 21.05 -0.79 17.76
C LEU A 416 22.42 -0.37 18.30
N LYS A 417 23.39 -0.22 17.41
CA LYS A 417 24.74 0.19 17.78
C LYS A 417 24.92 1.68 17.53
N ASN A 418 25.91 2.25 18.21
CA ASN A 418 26.25 3.67 18.05
C ASN A 418 27.47 3.77 17.15
N ASP A 419 27.25 3.57 15.86
CA ASP A 419 28.30 3.72 14.87
C ASP A 419 27.67 4.18 13.55
N SER A 420 28.42 4.04 12.46
CA SER A 420 27.98 4.56 11.17
C SER A 420 26.62 4.02 10.77
N THR A 421 26.34 2.76 11.08
CA THR A 421 25.05 2.17 10.76
C THR A 421 23.95 2.55 11.75
N GLY A 422 24.32 3.17 12.88
CA GLY A 422 23.31 3.51 13.87
C GLY A 422 22.34 4.56 13.39
N ILE A 423 22.83 5.60 12.73
CA ILE A 423 21.96 6.65 12.22
C ILE A 423 20.98 6.08 11.21
N GLN A 424 21.49 5.28 10.28
CA GLN A 424 20.63 4.70 9.25
C GLN A 424 19.60 3.76 9.86
N ASN A 425 20.00 2.96 10.85
CA ASN A 425 19.07 2.01 11.44
C ASN A 425 17.99 2.72 12.24
N ARG A 426 18.36 3.73 13.02
CA ARG A 426 17.37 4.46 13.81
C ARG A 426 16.40 5.21 12.89
N ALA A 427 16.93 5.92 11.90
CA ALA A 427 16.06 6.60 10.95
C ALA A 427 15.11 5.62 10.26
N GLY A 428 15.60 4.44 9.91
CA GLY A 428 14.77 3.49 9.22
C GLY A 428 13.67 2.90 10.08
N VAL A 429 13.97 2.60 11.34
CA VAL A 429 12.95 2.01 12.19
C VAL A 429 11.90 3.05 12.59
N LEU A 430 12.33 4.29 12.85
CA LEU A 430 11.36 5.33 13.18
C LEU A 430 10.49 5.66 11.98
N PHE A 431 11.08 5.73 10.78
CA PHE A 431 10.30 5.90 9.57
C PHE A 431 9.30 4.76 9.39
N PHE A 432 9.73 3.53 9.67
CA PHE A 432 8.83 2.40 9.49
C PHE A 432 7.66 2.46 10.46
N LEU A 433 7.89 2.89 11.70
CA LEU A 433 6.79 2.99 12.66
C LEU A 433 5.80 4.08 12.25
N THR A 434 6.31 5.29 11.97
CA THR A 434 5.41 6.39 11.63
C THR A 434 4.67 6.13 10.31
N THR A 435 5.26 5.34 9.42
CA THR A 435 4.58 5.04 8.17
C THR A 435 3.64 3.85 8.31
N ASN A 436 3.94 2.93 9.24
CA ASN A 436 3.03 1.82 9.49
C ASN A 436 1.73 2.31 10.09
N GLN A 437 1.80 3.27 11.03
CA GLN A 437 0.57 3.84 11.59
C GLN A 437 -0.32 4.42 10.49
N CYS A 438 0.25 5.29 9.66
CA CYS A 438 -0.54 5.92 8.60
C CYS A 438 -1.10 4.91 7.62
N PHE A 439 -0.27 3.99 7.14
CA PHE A 439 -0.73 3.07 6.11
C PHE A 439 -1.65 1.98 6.65
N SER A 440 -1.67 1.76 7.97
CA SER A 440 -2.63 0.85 8.56
C SER A 440 -3.91 1.55 8.98
N SER A 441 -3.90 2.87 9.08
CA SER A 441 -5.14 3.60 9.33
C SER A 441 -6.01 3.73 8.09
N VAL A 442 -5.70 2.98 7.02
CA VAL A 442 -6.54 2.97 5.83
C VAL A 442 -7.78 2.12 6.02
N SER A 443 -7.88 1.41 7.15
CA SER A 443 -9.03 0.56 7.45
C SER A 443 -10.11 1.29 8.23
N ALA A 444 -9.88 2.57 8.57
CA ALA A 444 -10.91 3.41 9.15
C ALA A 444 -11.96 3.81 8.13
N VAL A 445 -11.80 3.40 6.86
CA VAL A 445 -12.73 3.75 5.81
C VAL A 445 -14.01 2.93 5.94
N GLU A 446 -13.93 1.79 6.64
CA GLU A 446 -15.11 0.94 6.83
C GLU A 446 -16.01 1.44 7.95
N LEU A 447 -15.54 2.40 8.75
CA LEU A 447 -16.35 2.94 9.84
C LEU A 447 -17.69 3.46 9.35
N PHE A 448 -17.67 4.46 8.47
CA PHE A 448 -18.88 5.16 8.07
C PHE A 448 -19.38 4.78 6.68
N VAL A 449 -18.59 4.01 5.91
CA VAL A 449 -19.06 3.59 4.60
C VAL A 449 -19.81 2.26 4.68
N VAL A 450 -19.38 1.35 5.56
CA VAL A 450 -20.10 0.10 5.78
C VAL A 450 -21.38 0.31 6.57
N GLU A 451 -21.50 1.41 7.30
CA GLU A 451 -22.66 1.68 8.15
C GLU A 451 -23.51 2.84 7.66
N LYS A 452 -23.29 3.31 6.43
CA LYS A 452 -24.02 4.46 5.91
C LYS A 452 -25.53 4.24 5.94
N LYS A 453 -25.97 3.07 5.49
CA LYS A 453 -27.40 2.80 5.31
C LYS A 453 -28.14 2.87 6.63
N LEU A 454 -27.66 2.12 7.63
CA LEU A 454 -28.36 2.08 8.91
C LEU A 454 -28.29 3.43 9.61
N PHE A 455 -27.18 4.15 9.48
CA PHE A 455 -27.13 5.50 10.04
C PHE A 455 -28.22 6.37 9.46
N ILE A 456 -28.31 6.43 8.13
CA ILE A 456 -29.31 7.28 7.49
C ILE A 456 -30.71 6.86 7.92
N HIS A 457 -30.98 5.55 7.93
CA HIS A 457 -32.31 5.07 8.27
C HIS A 457 -32.69 5.44 9.70
N GLU A 458 -31.80 5.17 10.66
CA GLU A 458 -32.09 5.45 12.06
C GLU A 458 -32.24 6.95 12.30
N TYR A 459 -31.39 7.76 11.68
CA TYR A 459 -31.51 9.21 11.85
C TYR A 459 -32.83 9.72 11.31
N ILE A 460 -33.20 9.29 10.10
CA ILE A 460 -34.46 9.73 9.50
C ILE A 460 -35.64 9.27 10.35
N SER A 461 -35.54 8.08 10.94
CA SER A 461 -36.60 7.60 11.83
C SER A 461 -36.71 8.48 13.07
N GLY A 462 -35.57 8.76 13.71
CA GLY A 462 -35.57 9.69 14.83
C GLY A 462 -35.00 9.15 16.12
N TYR A 463 -34.17 8.10 16.04
CA TYR A 463 -33.57 7.54 17.24
C TYR A 463 -32.71 8.58 17.96
N TYR A 464 -31.72 9.13 17.26
CA TYR A 464 -30.74 10.00 17.88
C TYR A 464 -30.51 11.20 16.96
N ARG A 465 -29.54 12.03 17.33
CA ARG A 465 -29.08 13.13 16.50
C ARG A 465 -27.71 12.80 15.92
N VAL A 466 -27.26 13.66 15.00
CA VAL A 466 -26.02 13.39 14.29
C VAL A 466 -24.82 13.53 15.22
N SER A 467 -24.86 14.50 16.13
CA SER A 467 -23.73 14.72 17.02
C SER A 467 -23.57 13.56 18.00
N SER A 468 -24.69 13.11 18.59
CA SER A 468 -24.63 11.99 19.53
C SER A 468 -24.18 10.71 18.84
N TYR A 469 -24.64 10.49 17.61
CA TYR A 469 -24.19 9.32 16.86
C TYR A 469 -22.71 9.41 16.52
N PHE A 470 -22.24 10.58 16.12
CA PHE A 470 -20.82 10.79 15.87
C PHE A 470 -20.00 10.44 17.10
N LEU A 471 -20.37 11.00 18.25
CA LEU A 471 -19.59 10.78 19.46
C LEU A 471 -19.75 9.37 20.02
N GLY A 472 -20.85 8.68 19.72
CA GLY A 472 -21.05 7.32 20.17
C GLY A 472 -20.54 6.25 19.23
N LYS A 473 -20.16 6.63 18.01
CA LYS A 473 -19.40 5.74 17.14
C LYS A 473 -17.94 6.11 17.09
N LEU A 474 -17.54 7.23 17.69
CA LEU A 474 -16.13 7.57 17.80
C LEU A 474 -15.53 7.21 19.14
N LEU A 475 -16.34 7.08 20.19
CA LEU A 475 -15.85 6.69 21.51
C LEU A 475 -15.70 5.18 21.67
N SER A 476 -16.27 4.38 20.76
CA SER A 476 -16.23 2.94 20.93
C SER A 476 -15.80 2.22 19.67
N ASP A 477 -15.21 2.94 18.71
CA ASP A 477 -14.62 2.33 17.52
C ASP A 477 -13.24 2.87 17.18
N LEU A 478 -12.88 4.06 17.66
CA LEU A 478 -11.59 4.65 17.37
C LEU A 478 -10.72 4.87 18.59
N LEU A 479 -11.31 5.02 19.76
CA LEU A 479 -10.54 5.10 21.00
C LEU A 479 -10.06 3.73 21.47
N PRO A 480 -10.89 2.68 21.46
CA PRO A 480 -10.42 1.38 21.92
C PRO A 480 -9.66 0.58 20.88
N MET A 481 -9.52 1.06 19.65
CA MET A 481 -8.78 0.34 18.62
C MET A 481 -7.42 0.96 18.33
N ARG A 482 -7.38 2.24 17.95
CA ARG A 482 -6.13 2.87 17.54
C ARG A 482 -5.23 3.23 18.71
N MET A 483 -5.67 2.98 19.94
CA MET A 483 -4.83 3.19 21.11
C MET A 483 -4.02 1.95 21.46
N LEU A 484 -4.43 0.78 21.00
CA LEU A 484 -3.77 -0.47 21.39
C LEU A 484 -2.43 -0.66 20.67
N PRO A 485 -2.38 -0.66 19.33
CA PRO A 485 -1.06 -0.85 18.68
C PRO A 485 -0.04 0.19 19.09
N SER A 486 -0.48 1.41 19.36
CA SER A 486 0.46 2.46 19.76
C SER A 486 1.12 2.15 21.10
N ILE A 487 0.44 1.40 21.96
CA ILE A 487 1.04 0.97 23.22
C ILE A 487 1.80 -0.34 23.06
N ILE A 488 1.31 -1.25 22.22
CA ILE A 488 1.93 -2.56 22.08
C ILE A 488 3.29 -2.43 21.37
N PHE A 489 3.33 -1.72 20.24
CA PHE A 489 4.60 -1.46 19.57
C PHE A 489 5.60 -0.84 20.53
N THR A 490 5.19 0.17 21.27
CA THR A 490 6.10 0.88 22.15
C THR A 490 6.55 0.02 23.33
N CYS A 491 5.71 -0.92 23.78
CA CYS A 491 6.15 -1.82 24.84
C CYS A 491 7.15 -2.83 24.31
N ILE A 492 6.85 -3.44 23.16
CA ILE A 492 7.69 -4.51 22.65
C ILE A 492 9.02 -3.98 22.13
N VAL A 493 8.97 -3.12 21.11
CA VAL A 493 10.19 -2.80 20.37
C VAL A 493 11.11 -1.87 21.15
N TYR A 494 10.58 -1.06 22.06
CA TYR A 494 11.41 -0.02 22.69
C TYR A 494 12.57 -0.61 23.47
N PHE A 495 12.43 -1.82 23.98
CA PHE A 495 13.49 -2.44 24.78
C PHE A 495 14.23 -3.54 24.07
N MET A 496 13.62 -4.19 23.08
CA MET A 496 14.37 -5.06 22.19
C MET A 496 15.39 -4.26 21.39
N LEU A 497 14.98 -3.09 20.85
CA LEU A 497 15.87 -2.28 20.06
C LEU A 497 16.95 -1.62 20.92
N GLY A 498 16.53 -0.89 21.95
CA GLY A 498 17.47 -0.22 22.81
C GLY A 498 17.41 1.28 22.66
N LEU A 499 16.22 1.80 22.40
CA LEU A 499 16.05 3.25 22.26
C LEU A 499 16.28 3.92 23.61
N LYS A 500 16.14 5.24 23.64
CA LYS A 500 16.58 6.05 24.78
C LYS A 500 16.03 5.53 26.09
N PRO A 501 16.88 5.07 27.00
CA PRO A 501 16.42 4.44 28.27
C PRO A 501 16.14 5.48 29.35
N LYS A 502 15.03 6.20 29.21
CA LYS A 502 14.68 7.26 30.14
C LYS A 502 13.19 7.20 30.40
N ALA A 503 12.78 7.77 31.54
CA ALA A 503 11.40 7.67 31.97
C ALA A 503 10.47 8.42 31.03
N ASP A 504 10.82 9.66 30.69
CA ASP A 504 9.91 10.49 29.91
C ASP A 504 9.90 10.10 28.43
N ALA A 505 11.07 9.83 27.85
CA ALA A 505 11.18 9.57 26.42
C ALA A 505 10.29 8.42 25.98
N PHE A 506 10.16 7.40 26.82
CA PHE A 506 9.30 6.26 26.50
C PHE A 506 7.86 6.70 26.31
N PHE A 507 7.34 7.47 27.26
CA PHE A 507 5.95 7.90 27.17
C PHE A 507 5.77 8.96 26.09
N VAL A 508 6.79 9.77 25.80
CA VAL A 508 6.68 10.73 24.72
C VAL A 508 6.59 10.01 23.38
N MET A 509 7.40 8.96 23.20
CA MET A 509 7.31 8.15 21.99
C MET A 509 5.93 7.51 21.85
N MET A 510 5.42 6.95 22.96
CA MET A 510 4.09 6.34 22.94
C MET A 510 3.02 7.35 22.56
N PHE A 511 3.06 8.53 23.17
CA PHE A 511 2.09 9.58 22.90
C PHE A 511 2.17 10.05 21.46
N THR A 512 3.38 10.18 20.92
CA THR A 512 3.53 10.59 19.52
C THR A 512 2.91 9.57 18.57
N LEU A 513 3.22 8.28 18.78
CA LEU A 513 2.63 7.26 17.92
C LEU A 513 1.11 7.27 18.02
N MET A 514 0.57 7.50 19.22
CA MET A 514 -0.87 7.60 19.39
C MET A 514 -1.45 8.76 18.59
N MET A 515 -0.80 9.92 18.64
CA MET A 515 -1.29 11.09 17.91
C MET A 515 -1.27 10.85 16.41
N VAL A 516 -0.20 10.23 15.90
CA VAL A 516 -0.14 9.93 14.47
C VAL A 516 -1.28 9.00 14.07
N ALA A 517 -1.54 7.98 14.91
CA ALA A 517 -2.65 7.07 14.62
C ALA A 517 -3.98 7.82 14.55
N TYR A 518 -4.24 8.69 15.53
CA TYR A 518 -5.52 9.39 15.55
C TYR A 518 -5.63 10.39 14.40
N SER A 519 -4.53 11.03 14.00
CA SER A 519 -4.60 11.99 12.90
C SER A 519 -4.82 11.30 11.57
N ALA A 520 -4.13 10.20 11.32
CA ALA A 520 -4.39 9.44 10.09
C ALA A 520 -5.82 8.92 10.08
N SER A 521 -6.33 8.52 11.25
CA SER A 521 -7.71 8.06 11.33
C SER A 521 -8.70 9.19 11.03
N SER A 522 -8.45 10.38 11.58
CA SER A 522 -9.34 11.51 11.33
C SER A 522 -9.31 11.92 9.87
N MET A 523 -8.14 11.88 9.23
CA MET A 523 -8.07 12.20 7.81
C MET A 523 -8.80 11.16 6.97
N ALA A 524 -8.68 9.88 7.33
CA ALA A 524 -9.43 8.85 6.63
C ALA A 524 -10.92 9.07 6.77
N LEU A 525 -11.36 9.49 7.96
CA LEU A 525 -12.79 9.78 8.16
C LEU A 525 -13.23 10.98 7.34
N ALA A 526 -12.42 12.04 7.29
CA ALA A 526 -12.78 13.22 6.52
C ALA A 526 -12.90 12.89 5.04
N ILE A 527 -11.98 12.07 4.51
CA ILE A 527 -12.07 11.69 3.11
C ILE A 527 -13.22 10.72 2.87
N ALA A 528 -13.57 9.91 3.87
CA ALA A 528 -14.48 8.80 3.64
C ALA A 528 -15.93 9.07 4.02
N ALA A 529 -16.20 10.03 4.91
CA ALA A 529 -17.55 10.21 5.43
C ALA A 529 -18.50 10.61 4.30
N GLY A 530 -19.70 10.03 4.33
CA GLY A 530 -20.70 10.27 3.32
C GLY A 530 -20.53 9.49 2.04
N GLN A 531 -19.30 9.11 1.68
CA GLN A 531 -19.07 8.38 0.46
C GLN A 531 -19.64 6.97 0.59
N SER A 532 -20.50 6.60 -0.36
CA SER A 532 -21.22 5.34 -0.29
C SER A 532 -20.38 4.14 -0.74
N VAL A 533 -19.25 4.38 -1.41
CA VAL A 533 -18.44 3.30 -1.96
C VAL A 533 -17.03 3.41 -1.40
N VAL A 534 -16.37 2.27 -1.28
CA VAL A 534 -15.12 2.18 -0.54
C VAL A 534 -13.89 2.36 -1.42
N SER A 535 -13.95 1.92 -2.68
CA SER A 535 -12.74 1.77 -3.49
C SER A 535 -12.11 3.12 -3.81
N VAL A 536 -12.91 4.09 -4.25
CA VAL A 536 -12.35 5.40 -4.59
C VAL A 536 -11.79 6.08 -3.35
N ALA A 537 -12.44 5.87 -2.19
CA ALA A 537 -11.91 6.43 -0.95
C ALA A 537 -10.56 5.81 -0.61
N THR A 538 -10.44 4.49 -0.78
CA THR A 538 -9.16 3.84 -0.51
C THR A 538 -8.08 4.34 -1.47
N LEU A 539 -8.43 4.56 -2.74
CA LEU A 539 -7.46 5.09 -3.69
C LEU A 539 -7.00 6.49 -3.29
N LEU A 540 -7.94 7.35 -2.90
CA LEU A 540 -7.59 8.70 -2.49
C LEU A 540 -6.69 8.69 -1.27
N MET A 541 -7.03 7.87 -0.27
CA MET A 541 -6.20 7.77 0.92
C MET A 541 -4.80 7.26 0.56
N THR A 542 -4.72 6.28 -0.33
CA THR A 542 -3.41 5.72 -0.69
C THR A 542 -2.55 6.76 -1.39
N ILE A 543 -3.13 7.53 -2.32
CA ILE A 543 -2.34 8.54 -3.03
C ILE A 543 -1.88 9.63 -2.07
N CYS A 544 -2.80 10.11 -1.22
CA CYS A 544 -2.42 11.12 -0.24
C CYS A 544 -1.31 10.60 0.67
N PHE A 545 -1.36 9.33 1.03
CA PHE A 545 -0.38 8.80 1.97
C PHE A 545 0.98 8.61 1.30
N VAL A 546 1.02 8.19 0.03
CA VAL A 546 2.33 8.09 -0.61
C VAL A 546 2.94 9.47 -0.82
N PHE A 547 2.12 10.50 -1.07
CA PHE A 547 2.69 11.83 -1.21
C PHE A 547 3.21 12.36 0.12
N MET A 548 2.45 12.17 1.20
CA MET A 548 2.94 12.55 2.51
C MET A 548 4.20 11.78 2.88
N MET A 549 4.29 10.52 2.45
CA MET A 549 5.48 9.72 2.71
C MET A 549 6.68 10.28 1.96
N ILE A 550 6.47 10.75 0.73
CA ILE A 550 7.55 11.41 0.00
C ILE A 550 8.03 12.64 0.77
N PHE A 551 7.08 13.45 1.26
CA PHE A 551 7.43 14.65 2.00
C PHE A 551 7.71 14.39 3.48
N SER A 552 7.88 13.13 3.88
CA SER A 552 8.09 12.83 5.30
C SER A 552 9.47 13.24 5.79
N GLY A 553 10.48 13.22 4.93
CA GLY A 553 11.81 13.68 5.30
C GLY A 553 12.90 12.62 5.31
N LEU A 554 12.62 11.38 4.90
CA LEU A 554 13.67 10.39 4.74
C LEU A 554 14.10 10.22 3.30
N LEU A 555 13.16 10.26 2.35
CA LEU A 555 13.50 10.03 0.96
C LEU A 555 14.17 11.24 0.35
N VAL A 556 13.55 12.41 0.44
CA VAL A 556 14.15 13.66 -0.05
C VAL A 556 14.42 14.56 1.13
N ASN A 557 15.60 15.17 1.14
CA ASN A 557 15.96 16.15 2.16
C ASN A 557 15.08 17.38 2.02
N LEU A 558 14.26 17.65 3.03
CA LEU A 558 13.25 18.70 2.98
C LEU A 558 13.83 20.11 2.93
N THR A 559 15.14 20.27 3.01
CA THR A 559 15.75 21.59 2.93
C THR A 559 16.38 21.87 1.56
N THR A 560 16.21 20.96 0.60
CA THR A 560 16.77 21.14 -0.73
C THR A 560 15.71 21.39 -1.79
N ILE A 561 14.43 21.31 -1.44
CA ILE A 561 13.37 21.51 -2.43
C ILE A 561 13.27 22.99 -2.79
N ALA A 562 12.87 23.25 -4.04
CA ALA A 562 12.67 24.62 -4.49
C ALA A 562 11.55 25.27 -3.70
N SER A 563 11.69 26.57 -3.45
CA SER A 563 10.80 27.25 -2.51
C SER A 563 9.36 27.30 -2.99
N TRP A 564 9.13 27.21 -4.30
CA TRP A 564 7.76 27.24 -4.80
C TRP A 564 7.03 25.93 -4.59
N LEU A 565 7.69 24.92 -4.01
CA LEU A 565 7.08 23.64 -3.72
C LEU A 565 7.38 23.14 -2.32
N SER A 566 8.21 23.85 -1.56
CA SER A 566 8.58 23.39 -0.23
C SER A 566 7.44 23.54 0.77
N TRP A 567 6.57 24.52 0.58
CA TRP A 567 5.42 24.70 1.47
C TRP A 567 4.52 23.47 1.52
N LEU A 568 4.67 22.54 0.57
CA LEU A 568 3.88 21.31 0.55
C LEU A 568 4.23 20.37 1.69
N GLN A 569 5.32 20.63 2.42
CA GLN A 569 5.71 19.73 3.50
C GLN A 569 4.88 19.91 4.76
N TYR A 570 4.13 21.01 4.86
CA TYR A 570 3.30 21.25 6.04
C TYR A 570 1.97 20.54 5.98
N PHE A 571 1.60 19.97 4.84
CA PHE A 571 0.33 19.26 4.67
C PHE A 571 0.48 17.76 4.82
N SER A 572 1.38 17.29 5.68
CA SER A 572 1.67 15.87 5.77
C SER A 572 1.87 15.45 7.23
N ILE A 573 1.11 14.44 7.64
CA ILE A 573 1.11 13.90 9.01
C ILE A 573 2.36 13.07 9.30
N PRO A 574 2.77 12.16 8.41
CA PRO A 574 4.01 11.42 8.67
C PRO A 574 5.19 12.31 8.97
N ARG A 575 5.23 13.52 8.41
CA ARG A 575 6.36 14.40 8.67
C ARG A 575 6.40 14.85 10.12
N TYR A 576 5.24 15.21 10.69
CA TYR A 576 5.21 15.62 12.08
C TYR A 576 5.50 14.45 13.02
N GLY A 577 4.94 13.28 12.70
CA GLY A 577 5.25 12.11 13.52
C GLY A 577 6.72 11.77 13.51
N PHE A 578 7.31 11.69 12.32
CA PHE A 578 8.72 11.35 12.18
C PHE A 578 9.61 12.42 12.80
N THR A 579 9.22 13.69 12.69
CA THR A 579 10.00 14.76 13.30
C THR A 579 9.99 14.65 14.81
N ALA A 580 8.82 14.37 15.40
CA ALA A 580 8.75 14.21 16.85
C ALA A 580 9.57 13.01 17.31
N LEU A 581 9.50 11.89 16.60
CA LEU A 581 10.27 10.71 17.01
C LEU A 581 11.78 10.96 16.89
N GLN A 582 12.22 11.51 15.76
CA GLN A 582 13.63 11.81 15.58
C GLN A 582 14.13 12.77 16.63
N HIS A 583 13.35 13.79 16.96
CA HIS A 583 13.74 14.71 18.02
C HIS A 583 13.84 13.97 19.35
N ASN A 584 12.84 13.16 19.67
CA ASN A 584 12.80 12.44 20.92
C ASN A 584 13.99 11.52 21.11
N GLU A 585 14.54 10.99 20.01
CA GLU A 585 15.56 9.95 20.13
C GLU A 585 16.97 10.39 19.80
N PHE A 586 17.16 11.27 18.82
CA PHE A 586 18.50 11.56 18.32
C PHE A 586 19.26 12.58 19.14
N LEU A 587 18.62 13.25 20.09
CA LEU A 587 19.22 14.42 20.71
C LEU A 587 20.58 14.16 21.35
N GLY A 588 20.64 13.34 22.39
CA GLY A 588 21.90 13.07 23.06
C GLY A 588 22.61 11.79 22.64
N GLN A 589 23.03 11.69 21.39
CA GLN A 589 23.69 10.49 20.91
C GLN A 589 25.01 10.83 20.23
N ASN A 590 25.85 9.81 20.07
CA ASN A 590 27.11 9.91 19.33
C ASN A 590 27.26 8.67 18.46
N PHE A 591 27.77 8.87 17.25
CA PHE A 591 27.84 7.79 16.27
C PHE A 591 29.20 7.67 15.61
N CYS A 592 30.27 8.11 16.28
CA CYS A 592 31.63 7.98 15.79
C CYS A 592 32.50 7.46 16.92
N PRO A 593 32.77 6.16 16.95
CA PRO A 593 33.57 5.59 18.05
C PRO A 593 34.96 6.21 18.10
N GLY A 594 35.31 6.74 19.26
CA GLY A 594 36.59 7.37 19.46
C GLY A 594 36.63 8.85 19.20
N LEU A 595 35.57 9.42 18.64
CA LEU A 595 35.57 10.81 18.19
C LEU A 595 34.52 11.58 18.98
N ASN A 596 34.97 12.44 19.89
CA ASN A 596 34.10 13.33 20.64
C ASN A 596 33.95 14.63 19.85
N ALA A 597 32.77 14.82 19.25
CA ALA A 597 32.50 15.98 18.41
C ALA A 597 31.78 17.10 19.15
N THR A 598 31.33 16.85 20.38
CA THR A 598 30.65 17.87 21.18
C THR A 598 31.53 19.10 21.40
N GLY A 599 32.85 18.96 21.21
CA GLY A 599 33.78 20.04 21.44
C GLY A 599 34.08 20.77 20.15
N ASN A 600 35.17 20.43 19.48
CA ASN A 600 35.41 20.88 18.11
C ASN A 600 35.36 19.67 17.18
N ASN A 601 34.40 19.65 16.27
CA ASN A 601 34.32 18.57 15.28
C ASN A 601 35.48 18.71 14.30
N PRO A 602 36.35 17.71 14.16
CA PRO A 602 37.37 17.76 13.13
C PRO A 602 36.90 17.09 11.84
N CYS A 603 37.27 17.70 10.71
CA CYS A 603 37.00 17.12 9.40
C CYS A 603 35.50 16.91 9.18
N ASN A 604 34.81 18.05 8.99
CA ASN A 604 33.38 18.07 8.71
C ASN A 604 33.01 17.20 7.51
N TYR A 605 31.72 17.02 7.28
CA TYR A 605 31.07 16.01 6.45
C TYR A 605 30.94 14.69 7.23
N ALA A 606 31.33 14.66 8.50
CA ALA A 606 31.33 13.42 9.26
C ALA A 606 29.92 13.01 9.69
N THR A 607 29.12 13.97 10.19
CA THR A 607 27.84 13.68 10.83
C THR A 607 28.03 12.73 12.01
N CYS A 608 28.74 13.25 13.02
CA CYS A 608 29.23 12.44 14.14
C CYS A 608 28.39 12.60 15.40
N THR A 609 27.21 13.20 15.31
CA THR A 609 26.37 13.39 16.48
C THR A 609 24.91 13.45 16.03
N GLY A 610 24.00 13.37 17.01
CA GLY A 610 22.60 13.39 16.68
C GLY A 610 22.06 14.77 16.37
N GLU A 611 22.69 15.81 16.92
CA GLU A 611 22.24 17.17 16.64
C GLU A 611 22.61 17.61 15.24
N GLU A 612 23.80 17.22 14.76
CA GLU A 612 24.18 17.52 13.38
C GLU A 612 23.22 16.86 12.40
N TYR A 613 22.90 15.59 12.64
CA TYR A 613 21.94 14.91 11.80
C TYR A 613 20.57 15.56 11.89
N LEU A 614 20.20 16.05 13.08
CA LEU A 614 18.89 16.67 13.23
C LEU A 614 18.81 17.97 12.46
N VAL A 615 19.87 18.77 12.48
CA VAL A 615 19.84 20.04 11.78
C VAL A 615 19.99 19.86 10.28
N LYS A 616 20.69 18.81 9.83
CA LYS A 616 20.78 18.55 8.39
C LYS A 616 19.41 18.29 7.78
N GLN A 617 18.47 17.76 8.56
CA GLN A 617 17.12 17.51 8.08
C GLN A 617 16.20 18.71 8.23
N GLY A 618 16.64 19.78 8.87
CA GLY A 618 15.81 20.93 9.12
C GLY A 618 14.86 20.73 10.28
N ILE A 619 15.41 20.56 11.48
CA ILE A 619 14.63 20.24 12.68
C ILE A 619 15.13 21.12 13.82
N ASP A 620 14.21 21.72 14.56
CA ASP A 620 14.58 22.58 15.68
C ASP A 620 15.16 21.76 16.83
N LEU A 621 16.01 22.40 17.61
CA LEU A 621 16.67 21.76 18.75
C LEU A 621 16.25 22.38 20.08
N SER A 622 14.98 22.72 20.20
CA SER A 622 14.40 23.29 21.41
C SER A 622 13.15 22.51 21.77
N PRO A 623 12.72 22.55 23.04
CA PRO A 623 11.50 21.82 23.41
C PRO A 623 10.29 22.22 22.58
N TRP A 624 10.19 23.50 22.21
CA TRP A 624 9.18 23.91 21.24
C TRP A 624 9.35 23.16 19.93
N GLY A 625 10.60 22.90 19.54
CA GLY A 625 10.83 22.13 18.34
C GLY A 625 10.24 20.74 18.39
N LEU A 626 10.13 20.18 19.60
CA LEU A 626 9.49 18.88 19.75
C LEU A 626 7.98 19.00 19.82
N TRP A 627 7.48 20.00 20.56
CA TRP A 627 6.05 20.05 20.88
C TRP A 627 5.19 20.74 19.83
N LYS A 628 5.79 21.51 18.92
CA LYS A 628 4.98 22.07 17.84
C LYS A 628 4.45 21.01 16.91
N ASN A 629 5.12 19.87 16.80
CA ASN A 629 4.59 18.78 15.99
C ASN A 629 3.33 18.20 16.62
N HIS A 630 3.31 18.10 17.95
CA HIS A 630 2.12 17.61 18.63
C HIS A 630 0.98 18.62 18.54
N VAL A 631 1.30 19.91 18.65
CA VAL A 631 0.30 20.95 18.45
C VAL A 631 -0.32 20.84 17.06
N ALA A 632 0.54 20.69 16.04
CA ALA A 632 0.06 20.54 14.68
C ALA A 632 -0.81 19.30 14.53
N LEU A 633 -0.43 18.19 15.15
CA LEU A 633 -1.23 16.98 15.01
C LEU A 633 -2.58 17.11 15.69
N ALA A 634 -2.63 17.80 16.84
CA ALA A 634 -3.90 18.07 17.49
C ALA A 634 -4.80 18.96 16.63
N CYS A 635 -4.23 20.01 16.04
CA CYS A 635 -5.00 20.87 15.15
C CYS A 635 -5.51 20.10 13.94
N MET A 636 -4.70 19.18 13.42
CA MET A 636 -5.15 18.36 12.30
C MET A 636 -6.31 17.47 12.72
N ILE A 637 -6.22 16.86 13.91
CA ILE A 637 -7.32 16.04 14.41
C ILE A 637 -8.60 16.85 14.49
N VAL A 638 -8.51 18.07 15.05
CA VAL A 638 -9.70 18.90 15.22
C VAL A 638 -10.30 19.26 13.87
N ILE A 639 -9.48 19.77 12.94
CA ILE A 639 -9.99 20.18 11.63
C ILE A 639 -10.61 19.00 10.90
N PHE A 640 -9.99 17.82 10.99
CA PHE A 640 -10.45 16.69 10.21
C PHE A 640 -11.74 16.12 10.79
N LEU A 641 -11.87 16.11 12.12
CA LEU A 641 -13.12 15.66 12.71
C LEU A 641 -14.24 16.67 12.47
N THR A 642 -13.91 17.96 12.42
CA THR A 642 -14.94 18.95 12.08
C THR A 642 -15.41 18.78 10.64
N ILE A 643 -14.49 18.53 9.71
CA ILE A 643 -14.90 18.27 8.33
C ILE A 643 -15.77 17.01 8.25
N ALA A 644 -15.41 15.97 9.00
CA ALA A 644 -16.21 14.76 8.98
C ALA A 644 -17.60 15.00 9.56
N TYR A 645 -17.69 15.78 10.63
CA TYR A 645 -18.98 16.10 11.22
C TYR A 645 -19.83 16.92 10.25
N LEU A 646 -19.22 17.87 9.54
CA LEU A 646 -19.97 18.67 8.58
C LEU A 646 -20.43 17.84 7.40
N LYS A 647 -19.60 16.90 6.94
CA LYS A 647 -20.01 16.01 5.87
C LYS A 647 -21.09 15.04 6.31
N LEU A 648 -21.17 14.75 7.61
CA LEU A 648 -22.27 13.92 8.10
C LEU A 648 -23.55 14.73 8.27
N LEU A 649 -23.43 16.00 8.65
CA LEU A 649 -24.62 16.82 8.90
C LEU A 649 -25.33 17.20 7.61
N PHE A 650 -24.57 17.56 6.57
CA PHE A 650 -25.12 18.05 5.32
C PHE A 650 -25.42 16.96 4.31
N LEU A 651 -25.26 15.70 4.70
CA LEU A 651 -25.47 14.58 3.80
C LEU A 651 -26.91 14.57 3.28
N LYS A 652 -27.09 13.93 2.12
CA LYS A 652 -28.40 13.79 1.50
C LYS A 652 -29.17 12.72 2.25
N LYS A 653 -29.91 13.13 3.28
CA LYS A 653 -30.60 12.18 4.12
C LYS A 653 -31.85 11.59 3.45
N TYR A 654 -32.37 12.24 2.42
CA TYR A 654 -33.50 11.70 1.68
C TYR A 654 -33.05 11.17 0.34
N ASP B 1 32.86 -11.22 8.35
CA ASP B 1 34.22 -10.88 8.74
C ASP B 1 35.13 -10.77 7.52
N ILE B 2 36.04 -9.81 7.55
CA ILE B 2 37.03 -9.62 6.50
C ILE B 2 38.33 -10.28 6.94
N VAL B 3 38.79 -11.27 6.20
CA VAL B 3 40.02 -11.98 6.49
C VAL B 3 41.14 -11.41 5.63
N LEU B 4 42.25 -11.07 6.26
CA LEU B 4 43.43 -10.61 5.54
C LEU B 4 44.45 -11.73 5.44
N THR B 5 45.08 -11.85 4.28
CA THR B 5 46.12 -12.85 4.07
C THR B 5 47.39 -12.17 3.59
N GLN B 6 48.52 -12.71 3.99
CA GLN B 6 49.82 -12.28 3.50
C GLN B 6 50.48 -13.48 2.84
N SER B 7 50.74 -13.38 1.54
CA SER B 7 51.31 -14.51 0.82
C SER B 7 52.71 -14.89 1.30
N PRO B 8 53.69 -13.98 1.37
CA PRO B 8 55.03 -14.43 1.79
C PRO B 8 55.25 -14.39 3.30
N SER B 9 54.73 -15.43 3.99
CA SER B 9 54.86 -15.52 5.44
C SER B 9 56.31 -15.42 5.91
N SER B 10 57.28 -15.63 5.03
CA SER B 10 58.68 -15.40 5.33
C SER B 10 59.37 -14.94 4.06
N PHE B 11 60.38 -14.10 4.23
CA PHE B 11 61.18 -13.59 3.12
C PHE B 11 62.64 -13.98 3.31
N SER B 12 63.44 -13.58 2.33
CA SER B 12 64.90 -13.66 2.42
C SER B 12 65.44 -12.60 1.47
N VAL B 13 65.84 -11.46 2.02
CA VAL B 13 66.19 -10.29 1.23
C VAL B 13 67.62 -9.89 1.55
N SER B 14 68.37 -9.57 0.50
CA SER B 14 69.74 -9.11 0.65
C SER B 14 69.77 -7.65 1.08
N LEU B 15 70.68 -7.34 2.02
CA LEU B 15 70.75 -5.99 2.57
C LEU B 15 71.08 -4.98 1.48
N GLY B 16 70.37 -3.85 1.50
CA GLY B 16 70.56 -2.80 0.53
C GLY B 16 69.65 -2.87 -0.68
N ASP B 17 68.91 -3.96 -0.83
CA ASP B 17 68.05 -4.15 -1.99
C ASP B 17 66.64 -3.65 -1.70
N ARG B 18 65.71 -3.97 -2.60
CA ARG B 18 64.33 -3.56 -2.46
C ARG B 18 63.45 -4.78 -2.20
N VAL B 19 62.39 -4.57 -1.41
CA VAL B 19 61.52 -5.65 -0.95
C VAL B 19 60.08 -5.15 -1.00
N THR B 20 59.14 -6.07 -1.24
CA THR B 20 57.75 -5.70 -1.42
C THR B 20 56.85 -6.79 -0.84
N ILE B 21 56.04 -6.40 0.14
CA ILE B 21 55.11 -7.29 0.82
C ILE B 21 53.70 -7.02 0.30
N SER B 22 52.85 -8.04 0.37
CA SER B 22 51.49 -7.95 -0.16
C SER B 22 50.50 -8.39 0.90
N CYS B 23 49.32 -7.76 0.89
CA CYS B 23 48.28 -7.98 1.90
C CYS B 23 46.92 -8.11 1.24
N LYS B 24 46.81 -9.02 0.27
CA LYS B 24 45.52 -9.35 -0.33
C LYS B 24 44.45 -9.51 0.75
N ALA B 25 43.24 -9.05 0.46
CA ALA B 25 42.15 -9.00 1.42
C ALA B 25 40.97 -9.82 0.95
N SER B 26 40.01 -10.04 1.85
CA SER B 26 38.82 -10.82 1.55
C SER B 26 37.72 -10.01 0.91
N GLY B 27 37.41 -8.84 1.46
CA GLY B 27 36.42 -7.96 0.88
C GLY B 27 37.04 -6.62 0.52
N TYR B 28 36.22 -5.68 0.07
CA TYR B 28 36.73 -4.38 -0.32
C TYR B 28 36.96 -3.52 0.92
N ILE B 29 38.17 -2.99 1.01
CA ILE B 29 38.62 -2.29 2.22
C ILE B 29 38.68 -0.79 2.03
N LEU B 30 38.87 -0.31 0.79
CA LEU B 30 38.80 1.12 0.47
C LEU B 30 39.88 1.90 1.23
N ASN B 31 41.12 1.44 1.09
CA ASN B 31 42.30 2.11 1.63
C ASN B 31 42.26 2.25 3.15
N ARG B 32 41.46 1.44 3.82
CA ARG B 32 41.47 1.37 5.29
C ARG B 32 42.41 0.25 5.71
N LEU B 33 43.70 0.50 5.49
CA LEU B 33 44.73 -0.52 5.67
C LEU B 33 45.92 0.10 6.35
N ALA B 34 46.36 -0.48 7.46
CA ALA B 34 47.48 0.00 8.24
C ALA B 34 48.58 -1.05 8.29
N TRP B 35 49.82 -0.59 8.38
CA TRP B 35 50.98 -1.47 8.47
C TRP B 35 51.67 -1.23 9.80
N TYR B 36 51.87 -2.30 10.57
CA TYR B 36 52.57 -2.25 11.83
C TYR B 36 53.85 -3.05 11.72
N GLN B 37 54.91 -2.54 12.34
CA GLN B 37 56.21 -3.20 12.35
C GLN B 37 56.55 -3.57 13.79
N GLN B 38 56.63 -4.86 14.06
CA GLN B 38 56.95 -5.35 15.40
C GLN B 38 58.35 -5.94 15.41
N LYS B 39 59.15 -5.49 16.37
CA LYS B 39 60.46 -6.03 16.65
C LYS B 39 60.35 -7.14 17.68
N PRO B 40 61.44 -7.87 17.95
CA PRO B 40 61.35 -8.93 18.96
C PRO B 40 61.06 -8.41 20.37
N GLY B 41 59.88 -8.75 20.88
CA GLY B 41 59.55 -8.46 22.27
C GLY B 41 58.94 -7.10 22.56
N ASN B 42 58.11 -6.57 21.65
CA ASN B 42 57.54 -5.25 21.83
C ASN B 42 56.11 -5.23 21.30
N ALA B 43 55.45 -4.12 21.54
CA ALA B 43 54.12 -3.89 21.01
C ALA B 43 54.22 -3.36 19.58
N PRO B 44 53.30 -3.74 18.70
CA PRO B 44 53.35 -3.24 17.32
C PRO B 44 53.44 -1.73 17.26
N ARG B 45 53.94 -1.20 16.14
CA ARG B 45 54.18 0.23 16.02
C ARG B 45 53.71 0.67 14.64
N LEU B 46 52.72 1.57 14.63
CA LEU B 46 52.10 1.95 13.37
C LEU B 46 53.10 2.60 12.43
N LEU B 47 53.03 2.24 11.16
CA LEU B 47 53.96 2.70 10.14
C LEU B 47 53.27 3.48 9.04
N ILE B 48 52.16 2.98 8.51
CA ILE B 48 51.51 3.54 7.34
C ILE B 48 50.01 3.42 7.53
N SER B 49 49.33 4.56 7.63
CA SER B 49 47.88 4.59 7.78
C SER B 49 47.21 4.99 6.48
N GLY B 50 46.00 4.51 6.27
CA GLY B 50 45.29 4.84 5.05
C GLY B 50 45.87 4.25 3.79
N ALA B 51 46.81 3.31 3.91
CA ALA B 51 47.41 2.53 2.84
C ALA B 51 48.28 3.37 1.91
N THR B 52 48.34 4.67 2.09
CA THR B 52 49.23 5.52 1.30
C THR B 52 50.09 6.43 2.15
N SER B 53 49.56 6.93 3.26
CA SER B 53 50.30 7.88 4.10
C SER B 53 51.48 7.19 4.77
N LEU B 54 52.18 7.97 5.59
CA LEU B 54 53.37 7.46 6.28
C LEU B 54 53.54 8.25 7.57
N GLU B 55 53.70 7.54 8.67
CA GLU B 55 53.67 8.18 9.98
C GLU B 55 54.91 9.04 10.21
N THR B 56 54.73 10.09 11.00
CA THR B 56 55.84 10.94 11.39
C THR B 56 56.79 10.16 12.29
N GLY B 57 58.00 9.91 11.78
CA GLY B 57 58.97 9.14 12.53
C GLY B 57 59.41 7.89 11.80
N PHE B 58 59.03 7.78 10.53
CA PHE B 58 59.41 6.65 9.70
C PHE B 58 59.97 7.18 8.38
N PRO B 59 61.16 6.74 7.96
CA PRO B 59 61.79 7.30 6.77
C PRO B 59 60.94 7.08 5.52
N SER B 60 61.27 7.83 4.46
CA SER B 60 60.51 7.80 3.22
C SER B 60 60.93 6.67 2.30
N ARG B 61 61.62 5.66 2.81
CA ARG B 61 61.83 4.44 2.05
C ARG B 61 60.58 3.58 1.97
N PHE B 62 59.69 3.70 2.96
CA PHE B 62 58.46 2.93 3.00
C PHE B 62 57.40 3.61 2.14
N SER B 63 56.62 2.80 1.43
CA SER B 63 55.56 3.37 0.60
C SER B 63 54.44 2.35 0.43
N GLY B 64 53.20 2.78 0.63
CA GLY B 64 52.04 1.95 0.44
C GLY B 64 51.29 2.34 -0.82
N THR B 65 51.01 1.36 -1.66
CA THR B 65 50.35 1.58 -2.96
C THR B 65 49.36 0.44 -3.17
N GLY B 66 48.11 0.68 -2.78
CA GLY B 66 47.09 -0.34 -2.91
C GLY B 66 45.80 0.23 -3.47
N SER B 67 44.96 -0.68 -3.95
CA SER B 67 43.65 -0.34 -4.45
C SER B 67 42.81 -1.59 -4.53
N GLY B 68 41.51 -1.44 -4.32
CA GLY B 68 40.60 -2.56 -4.40
C GLY B 68 40.79 -3.55 -3.27
N LYS B 69 41.34 -4.72 -3.57
CA LYS B 69 41.52 -5.77 -2.59
C LYS B 69 42.98 -6.17 -2.38
N ASP B 70 43.91 -5.62 -3.14
CA ASP B 70 45.31 -6.04 -3.09
C ASP B 70 46.18 -4.83 -2.78
N TYR B 71 46.55 -4.69 -1.51
CA TYR B 71 47.40 -3.60 -1.06
C TYR B 71 48.80 -4.13 -0.85
N THR B 72 49.79 -3.26 -1.05
CA THR B 72 51.17 -3.68 -0.95
C THR B 72 51.99 -2.62 -0.23
N LEU B 73 53.09 -3.07 0.35
CA LEU B 73 54.07 -2.22 1.01
C LEU B 73 55.40 -2.41 0.31
N SER B 74 56.12 -1.31 0.09
CA SER B 74 57.40 -1.35 -0.61
C SER B 74 58.46 -0.66 0.22
N ILE B 75 59.62 -1.29 0.32
CA ILE B 75 60.80 -0.75 0.99
C ILE B 75 61.93 -0.74 -0.04
N SER B 76 62.36 0.45 -0.43
CA SER B 76 63.46 0.59 -1.38
C SER B 76 64.76 0.85 -0.62
N SER B 77 65.77 0.00 -0.87
CA SER B 77 67.08 0.11 -0.23
C SER B 77 66.97 0.05 1.29
N LEU B 78 66.53 -1.10 1.79
CA LEU B 78 66.34 -1.27 3.22
C LEU B 78 67.67 -1.20 3.96
N GLN B 79 67.59 -0.89 5.25
CA GLN B 79 68.72 -0.95 6.14
C GLN B 79 68.52 -2.10 7.12
N THR B 80 69.42 -2.20 8.10
CA THR B 80 69.30 -3.28 9.08
C THR B 80 68.17 -3.01 10.08
N GLU B 81 67.84 -1.74 10.32
CA GLU B 81 66.75 -1.46 11.26
C GLU B 81 65.42 -1.60 10.54
N ASP B 82 65.27 -2.72 9.83
CA ASP B 82 64.06 -3.05 9.09
C ASP B 82 63.62 -4.49 9.28
N VAL B 83 64.50 -5.36 9.75
CA VAL B 83 64.17 -6.76 9.98
C VAL B 83 63.14 -6.83 11.11
N GLY B 84 61.94 -7.31 10.79
CA GLY B 84 60.91 -7.46 11.79
C GLY B 84 59.70 -8.11 11.18
N THR B 85 58.64 -8.22 11.98
CA THR B 85 57.39 -8.73 11.47
C THR B 85 56.53 -7.55 11.02
N TYR B 86 55.83 -7.71 9.91
CA TYR B 86 55.04 -6.64 9.31
C TYR B 86 53.60 -7.12 9.22
N TYR B 87 52.78 -6.65 10.14
CA TYR B 87 51.37 -7.00 10.16
C TYR B 87 50.59 -5.94 9.40
N CYS B 88 49.57 -6.37 8.67
CA CYS B 88 48.63 -5.44 8.09
C CYS B 88 47.30 -5.58 8.79
N GLN B 89 46.55 -4.50 8.84
CA GLN B 89 45.31 -4.45 9.58
C GLN B 89 44.27 -3.67 8.80
N GLN B 90 43.06 -4.19 8.73
CA GLN B 90 41.95 -3.44 8.17
C GLN B 90 41.16 -2.84 9.31
N TYR B 91 40.83 -1.55 9.21
CA TYR B 91 39.97 -0.89 10.16
C TYR B 91 38.70 -0.40 9.48
N TRP B 92 38.22 -1.19 8.53
CA TRP B 92 37.02 -0.83 7.79
C TRP B 92 35.75 -1.36 8.44
N SER B 93 35.80 -2.57 8.99
CA SER B 93 34.62 -3.20 9.56
C SER B 93 34.81 -3.36 11.07
N THR B 94 33.76 -3.87 11.73
CA THR B 94 33.66 -3.75 13.18
C THR B 94 34.63 -4.65 13.94
N PRO B 95 34.86 -5.92 13.55
CA PRO B 95 36.01 -6.67 14.10
C PRO B 95 37.27 -6.40 13.29
N TRP B 96 38.22 -5.72 13.90
CA TRP B 96 39.46 -5.39 13.22
C TRP B 96 40.38 -6.59 13.20
N THR B 97 40.79 -7.01 12.02
CA THR B 97 41.56 -8.23 11.83
C THR B 97 42.95 -7.91 11.32
N PHE B 98 43.93 -8.66 11.80
CA PHE B 98 45.31 -8.50 11.39
C PHE B 98 45.69 -9.57 10.36
N GLY B 99 46.79 -9.31 9.67
CA GLY B 99 47.36 -10.30 8.81
C GLY B 99 48.31 -11.23 9.54
N GLY B 100 48.56 -12.39 8.94
CA GLY B 100 49.37 -13.40 9.60
C GLY B 100 50.75 -12.92 9.99
N GLY B 101 51.28 -11.94 9.26
CA GLY B 101 52.60 -11.42 9.57
C GLY B 101 53.68 -12.06 8.73
N THR B 102 54.58 -11.25 8.17
CA THR B 102 55.65 -11.72 7.30
C THR B 102 56.98 -11.30 7.89
N LYS B 103 57.69 -12.25 8.49
CA LYS B 103 59.02 -11.96 8.98
C LYS B 103 59.99 -11.79 7.82
N LEU B 104 60.95 -10.88 8.00
CA LEU B 104 61.96 -10.59 7.01
C LEU B 104 63.32 -11.00 7.54
N GLU B 105 64.13 -11.64 6.69
CA GLU B 105 65.45 -12.11 7.08
C GLU B 105 66.50 -11.54 6.15
N ILE B 106 67.73 -11.44 6.68
CA ILE B 106 68.89 -10.96 5.93
C ILE B 106 69.83 -12.13 5.73
N ARG B 107 70.21 -12.38 4.48
CA ARG B 107 71.11 -13.49 4.14
C ARG B 107 72.54 -13.21 4.57
N VAL C 2 47.73 7.84 26.44
CA VAL C 2 48.87 8.43 25.77
C VAL C 2 50.17 7.95 26.44
N GLN C 3 50.06 7.52 27.69
CA GLN C 3 51.15 6.83 28.38
C GLN C 3 50.61 5.62 29.11
N LEU C 4 49.83 4.79 28.41
CA LEU C 4 49.16 3.64 29.00
C LEU C 4 50.17 2.68 29.65
N GLN C 5 49.67 1.92 30.61
CA GLN C 5 50.48 0.93 31.31
C GLN C 5 49.55 -0.08 31.95
N GLU C 6 49.92 -1.36 31.87
CA GLU C 6 49.05 -2.44 32.30
C GLU C 6 49.66 -3.21 33.47
N SER C 7 48.78 -3.79 34.28
CA SER C 7 49.17 -4.52 35.48
C SER C 7 48.15 -5.63 35.73
N GLY C 8 48.60 -6.67 36.43
CA GLY C 8 47.72 -7.76 36.80
C GLY C 8 48.47 -9.01 37.21
N PRO C 9 47.75 -10.14 37.29
CA PRO C 9 48.38 -11.39 37.72
C PRO C 9 48.97 -12.18 36.57
N GLY C 10 50.25 -12.57 36.68
CA GLY C 10 50.94 -13.28 35.64
C GLY C 10 50.67 -14.76 35.56
N LEU C 11 49.66 -15.27 36.26
CA LEU C 11 49.36 -16.70 36.28
C LEU C 11 47.97 -16.93 36.85
N VAL C 12 47.15 -17.70 36.15
CA VAL C 12 45.80 -18.03 36.60
C VAL C 12 45.60 -19.54 36.50
N LYS C 13 44.45 -20.01 36.99
CA LYS C 13 44.03 -21.40 36.94
C LYS C 13 42.86 -21.57 35.99
N PRO C 14 42.80 -22.68 35.25
CA PRO C 14 41.67 -22.90 34.35
C PRO C 14 40.34 -22.82 35.06
N SER C 15 39.30 -22.49 34.29
CA SER C 15 37.94 -22.31 34.80
C SER C 15 37.90 -21.26 35.90
N GLN C 16 38.44 -20.08 35.59
CA GLN C 16 38.49 -18.98 36.54
C GLN C 16 38.35 -17.67 35.75
N SER C 17 38.67 -16.56 36.41
CA SER C 17 38.57 -15.24 35.80
C SER C 17 39.93 -14.56 35.86
N LEU C 18 40.40 -14.10 34.72
CA LEU C 18 41.58 -13.25 34.62
C LEU C 18 41.16 -11.79 34.62
N SER C 19 41.97 -10.94 35.23
CA SER C 19 41.59 -9.55 35.41
C SER C 19 42.83 -8.67 35.37
N LEU C 20 42.90 -7.79 34.37
CA LEU C 20 44.01 -6.86 34.21
C LEU C 20 43.49 -5.44 34.20
N THR C 21 44.38 -4.50 34.51
CA THR C 21 44.04 -3.09 34.56
C THR C 21 45.04 -2.29 33.74
N CYS C 22 44.57 -1.18 33.17
CA CYS C 22 45.41 -0.24 32.45
C CYS C 22 45.06 1.16 32.92
N THR C 23 46.06 1.87 33.43
CA THR C 23 45.89 3.22 33.96
C THR C 23 46.58 4.21 33.03
N VAL C 24 45.83 5.21 32.58
CA VAL C 24 46.30 6.18 31.61
C VAL C 24 46.84 7.40 32.35
N THR C 25 47.95 7.95 31.85
CA THR C 25 48.62 9.09 32.48
C THR C 25 49.02 10.08 31.40
N GLY C 26 48.19 11.09 31.19
CA GLY C 26 48.45 12.08 30.16
C GLY C 26 47.22 12.38 29.34
N PHE C 27 46.07 11.88 29.78
CA PHE C 27 44.80 12.10 29.11
C PHE C 27 43.69 11.78 30.09
N SER C 28 42.45 11.92 29.64
CA SER C 28 41.28 11.59 30.43
C SER C 28 40.44 10.59 29.64
N ILE C 29 40.28 9.39 30.20
CA ILE C 29 39.69 8.27 29.46
C ILE C 29 38.21 8.53 29.21
N THR C 30 37.71 9.67 29.68
CA THR C 30 36.38 10.12 29.34
C THR C 30 36.38 11.29 28.37
N SER C 31 37.56 11.75 27.96
CA SER C 31 37.64 12.94 27.12
C SER C 31 37.41 12.62 25.64
N ASP C 32 38.34 11.89 25.01
CA ASP C 32 38.24 11.75 23.57
C ASP C 32 38.13 10.33 23.00
N TYR C 33 39.09 9.45 23.28
CA TYR C 33 39.35 8.34 22.37
C TYR C 33 38.54 7.09 22.73
N ALA C 34 38.90 5.98 22.08
CA ALA C 34 38.43 4.66 22.47
C ALA C 34 39.60 3.83 22.94
N TRP C 35 39.35 2.93 23.90
CA TRP C 35 40.41 2.22 24.59
C TRP C 35 40.22 0.72 24.42
N ASN C 36 41.23 0.06 23.84
CA ASN C 36 41.12 -1.27 23.27
C ASN C 36 42.01 -2.26 24.02
N TRP C 37 41.65 -3.55 23.90
CA TRP C 37 42.46 -4.65 24.38
C TRP C 37 42.84 -5.55 23.22
N ILE C 38 44.12 -5.93 23.17
CA ILE C 38 44.68 -6.73 22.09
C ILE C 38 45.53 -7.82 22.71
N ARG C 39 45.58 -8.98 22.07
CA ARG C 39 46.44 -10.05 22.56
C ARG C 39 47.17 -10.74 21.41
N GLN C 40 48.39 -11.12 21.67
CA GLN C 40 49.26 -11.77 20.69
C GLN C 40 49.54 -13.18 21.18
N PHE C 41 49.03 -14.17 20.44
CA PHE C 41 49.20 -15.55 20.84
C PHE C 41 50.64 -15.99 20.68
N PRO C 42 51.07 -17.00 21.44
CA PRO C 42 52.34 -17.67 21.12
C PRO C 42 52.25 -18.32 19.76
N GLY C 43 53.13 -17.88 18.86
CA GLY C 43 52.96 -18.09 17.44
C GLY C 43 52.74 -16.81 16.67
N LYS C 44 52.72 -15.67 17.36
CA LYS C 44 52.73 -14.34 16.78
C LYS C 44 51.52 -14.08 15.88
N LYS C 45 50.33 -14.20 16.44
CA LYS C 45 49.10 -13.80 15.76
C LYS C 45 48.37 -12.83 16.67
N LEU C 46 48.03 -11.66 16.13
CA LEU C 46 47.36 -10.62 16.90
C LEU C 46 45.85 -10.78 16.80
N GLU C 47 45.16 -10.42 17.89
CA GLU C 47 43.72 -10.55 17.96
C GLU C 47 43.15 -9.43 18.80
N TRP C 48 42.18 -8.72 18.24
CA TRP C 48 41.52 -7.60 18.90
C TRP C 48 40.33 -8.12 19.68
N MET C 49 40.27 -7.79 20.98
CA MET C 49 39.24 -8.32 21.87
C MET C 49 38.06 -7.40 22.01
N GLY C 50 38.30 -6.12 22.29
CA GLY C 50 37.20 -5.17 22.41
C GLY C 50 37.71 -3.83 22.86
N TYR C 51 36.77 -2.89 22.96
CA TYR C 51 37.11 -1.54 23.41
C TYR C 51 35.97 -0.96 24.22
N ILE C 52 36.28 0.09 24.96
CA ILE C 52 35.32 0.89 25.71
C ILE C 52 35.46 2.33 25.24
N ASN C 53 34.33 2.94 24.89
CA ASN C 53 34.33 4.28 24.31
C ASN C 53 34.75 5.32 25.35
N PHE C 54 34.78 6.58 24.92
CA PHE C 54 34.97 7.69 25.84
C PHE C 54 33.72 7.99 26.63
N ASP C 55 32.56 7.51 26.19
CA ASP C 55 31.30 7.76 26.88
C ASP C 55 30.80 6.55 27.66
N GLY C 56 31.55 5.44 27.67
CA GLY C 56 31.19 4.28 28.44
C GLY C 56 30.59 3.14 27.64
N GLY C 57 30.25 3.36 26.37
CA GLY C 57 29.81 2.26 25.53
C GLY C 57 30.98 1.35 25.16
N THR C 58 30.70 0.05 25.11
CA THR C 58 31.70 -0.95 24.83
C THR C 58 31.31 -1.77 23.61
N THR C 59 32.30 -2.40 22.99
CA THR C 59 32.05 -3.31 21.89
C THR C 59 33.13 -4.37 21.86
N TYR C 60 32.71 -5.64 21.73
CA TYR C 60 33.60 -6.78 21.91
C TYR C 60 33.66 -7.63 20.66
N ASN C 61 34.70 -8.44 20.58
CA ASN C 61 34.88 -9.38 19.49
C ASN C 61 33.87 -10.51 19.62
N PRO C 62 33.17 -10.88 18.53
CA PRO C 62 32.23 -12.01 18.64
C PRO C 62 32.86 -13.32 19.08
N SER C 63 34.10 -13.60 18.66
CA SER C 63 34.76 -14.83 19.06
C SER C 63 35.20 -14.81 20.52
N LEU C 64 34.84 -13.79 21.28
CA LEU C 64 34.96 -13.77 22.73
C LEU C 64 33.59 -13.36 23.26
N ARG C 65 32.71 -14.35 23.40
CA ARG C 65 31.29 -14.09 23.67
C ARG C 65 30.96 -14.54 25.08
N GLY C 66 30.30 -13.67 25.84
CA GLY C 66 29.93 -13.96 27.21
C GLY C 66 31.10 -14.28 28.10
N ARG C 67 32.31 -13.96 27.65
CA ARG C 67 33.52 -14.25 28.39
C ARG C 67 34.37 -13.02 28.67
N ILE C 68 34.08 -11.88 28.07
CA ILE C 68 34.91 -10.70 28.18
C ILE C 68 34.06 -9.54 28.64
N SER C 69 34.64 -8.71 29.52
CA SER C 69 34.00 -7.45 29.89
C SER C 69 35.08 -6.42 30.13
N ILE C 70 34.82 -5.20 29.69
CA ILE C 70 35.72 -4.07 29.90
C ILE C 70 34.95 -3.01 30.67
N THR C 71 35.58 -2.44 31.68
CA THR C 71 34.94 -1.46 32.54
C THR C 71 35.91 -0.31 32.78
N ARG C 72 35.41 0.77 33.39
CA ARG C 72 36.28 1.92 33.63
C ARG C 72 35.96 2.58 34.96
N ASP C 73 37.01 3.03 35.63
CA ASP C 73 36.92 3.90 36.79
C ASP C 73 37.50 5.25 36.38
N THR C 74 36.61 6.24 36.24
CA THR C 74 36.98 7.56 35.76
C THR C 74 37.60 8.44 36.84
N SER C 75 37.99 7.88 37.98
CA SER C 75 38.60 8.67 39.04
C SER C 75 40.11 8.75 38.87
N LYS C 76 40.73 7.57 38.84
CA LYS C 76 42.17 7.42 38.68
C LYS C 76 42.54 7.00 37.25
N ASN C 77 41.67 7.31 36.29
CA ASN C 77 41.91 7.04 34.87
C ASN C 77 42.28 5.58 34.63
N GLN C 78 41.32 4.70 34.89
CA GLN C 78 41.60 3.27 34.78
C GLN C 78 40.54 2.57 33.95
N PHE C 79 40.96 1.56 33.19
CA PHE C 79 39.99 0.62 32.60
C PHE C 79 40.49 -0.81 32.75
N PHE C 80 39.54 -1.71 32.94
CA PHE C 80 39.78 -3.08 33.36
C PHE C 80 39.26 -4.07 32.32
N LEU C 81 40.00 -5.17 32.17
CA LEU C 81 39.67 -6.29 31.30
C LEU C 81 39.45 -7.51 32.19
N GLN C 82 38.24 -8.06 32.16
CA GLN C 82 37.89 -9.26 32.90
C GLN C 82 37.50 -10.34 31.91
N LEU C 83 38.34 -11.37 31.81
CA LEU C 83 38.14 -12.49 30.90
C LEU C 83 37.77 -13.71 31.73
N ARG C 84 36.52 -14.13 31.64
CA ARG C 84 35.98 -15.18 32.49
C ARG C 84 36.00 -16.53 31.77
N SER C 85 36.05 -17.61 32.55
CA SER C 85 36.15 -18.98 32.05
C SER C 85 37.42 -19.18 31.24
N VAL C 86 38.55 -18.95 31.91
CA VAL C 86 39.86 -19.00 31.27
C VAL C 86 40.20 -20.45 30.94
N THR C 87 41.18 -20.66 30.07
CA THR C 87 41.60 -21.96 29.57
C THR C 87 43.12 -21.93 29.41
N PRO C 88 43.79 -23.07 29.54
CA PRO C 88 45.24 -23.07 29.30
C PRO C 88 45.60 -22.87 27.84
N GLU C 89 44.60 -22.50 27.03
CA GLU C 89 44.80 -22.14 25.64
C GLU C 89 45.20 -20.68 25.46
N ASP C 90 44.41 -19.73 25.99
CA ASP C 90 44.68 -18.31 25.79
C ASP C 90 45.79 -17.86 26.75
N THR C 91 47.01 -18.17 26.34
CA THR C 91 48.24 -17.84 27.07
C THR C 91 48.96 -16.69 26.38
N ALA C 92 48.20 -15.71 25.88
CA ALA C 92 48.75 -14.70 24.99
C ALA C 92 49.47 -13.62 25.77
N THR C 93 49.95 -12.61 25.04
CA THR C 93 50.47 -11.38 25.63
C THR C 93 49.42 -10.29 25.42
N TYR C 94 49.13 -9.52 26.46
CA TYR C 94 47.99 -8.61 26.46
C TYR C 94 48.48 -7.16 26.48
N TYR C 95 48.02 -6.38 25.50
CA TYR C 95 48.29 -4.94 25.43
C TYR C 95 46.99 -4.17 25.54
N CYS C 96 47.09 -2.97 26.10
CA CYS C 96 45.99 -2.01 26.12
C CYS C 96 46.45 -0.98 25.09
N ALA C 97 45.54 -0.54 24.22
CA ALA C 97 45.86 0.36 23.12
C ALA C 97 44.80 1.45 23.02
N THR C 98 45.08 2.44 22.20
CA THR C 98 44.22 3.60 22.03
C THR C 98 43.83 3.74 20.57
N PHE C 99 42.63 4.27 20.33
CA PHE C 99 42.08 4.38 18.98
C PHE C 99 41.45 5.76 18.85
N TYR C 100 41.85 6.51 17.81
CA TYR C 100 41.34 7.87 17.66
C TYR C 100 39.97 7.88 16.97
N GLY C 101 39.90 7.40 15.74
CA GLY C 101 38.62 7.38 15.06
C GLY C 101 38.55 8.31 13.87
N ALA C 102 39.09 9.52 14.04
CA ALA C 102 39.29 10.39 12.89
C ALA C 102 40.42 9.89 12.02
N LYS C 103 41.44 9.27 12.63
CA LYS C 103 42.55 8.69 11.90
C LYS C 103 42.35 7.20 11.63
N GLY C 104 41.82 6.47 12.61
CA GLY C 104 41.41 5.10 12.42
C GLY C 104 42.36 4.05 12.95
N THR C 105 43.63 4.39 13.09
CA THR C 105 44.65 3.42 13.45
C THR C 105 44.91 3.42 14.95
N LEU C 106 45.35 2.26 15.45
CA LEU C 106 45.73 2.12 16.85
C LEU C 106 47.03 2.88 17.06
N ASP C 107 46.94 4.09 17.60
CA ASP C 107 48.11 4.96 17.63
C ASP C 107 49.04 4.61 18.77
N TYR C 108 48.52 4.37 19.97
CA TYR C 108 49.32 4.13 21.16
C TYR C 108 49.05 2.75 21.70
N TRP C 109 50.10 2.08 22.15
CA TRP C 109 50.01 0.73 22.70
C TRP C 109 50.53 0.72 24.12
N GLY C 110 50.27 -0.38 24.81
CA GLY C 110 50.79 -0.55 26.16
C GLY C 110 52.24 -0.96 26.16
N GLN C 111 52.59 -1.89 27.04
CA GLN C 111 53.94 -2.43 27.10
C GLN C 111 53.98 -3.95 26.95
N GLY C 112 52.91 -4.64 27.31
CA GLY C 112 52.83 -6.08 27.12
C GLY C 112 52.98 -6.87 28.39
N THR C 113 51.87 -7.29 28.99
CA THR C 113 51.88 -8.10 30.20
C THR C 113 51.60 -9.56 29.83
N SER C 114 52.60 -10.41 30.00
CA SER C 114 52.44 -11.82 29.70
C SER C 114 51.58 -12.48 30.75
N VAL C 115 50.53 -13.18 30.31
CA VAL C 115 49.63 -13.90 31.19
C VAL C 115 49.67 -15.37 30.79
N THR C 116 50.11 -16.22 31.72
CA THR C 116 50.27 -17.65 31.48
C THR C 116 49.20 -18.40 32.27
N VAL C 117 48.49 -19.30 31.59
CA VAL C 117 47.44 -20.10 32.20
C VAL C 117 47.95 -21.53 32.38
N SER C 118 47.77 -22.07 33.57
CA SER C 118 48.16 -23.45 33.87
C SER C 118 47.44 -23.90 35.13
N SER C 119 47.52 -25.20 35.38
CA SER C 119 46.93 -25.79 36.58
C SER C 119 47.99 -26.54 37.39
N ASP D 1 18.26 31.64 3.91
CA ASP D 1 19.70 31.48 4.12
C ASP D 1 20.11 32.00 5.49
N ILE D 2 21.01 31.28 6.15
CA ILE D 2 21.49 31.71 7.46
C ILE D 2 22.16 33.06 7.32
N VAL D 3 21.66 34.05 8.06
CA VAL D 3 22.16 35.41 7.98
C VAL D 3 22.80 35.76 9.32
N LEU D 4 24.11 35.99 9.30
CA LEU D 4 24.81 36.37 10.51
C LEU D 4 24.46 37.81 10.90
N THR D 5 24.88 38.20 12.10
CA THR D 5 24.60 39.55 12.58
C THR D 5 25.61 39.88 13.66
N GLN D 6 26.42 40.89 13.41
CA GLN D 6 27.33 41.43 14.41
C GLN D 6 26.68 42.69 14.96
N SER D 7 25.78 42.51 15.92
CA SER D 7 25.03 43.62 16.49
C SER D 7 25.89 44.82 16.86
N PRO D 8 27.05 44.67 17.51
CA PRO D 8 27.88 45.87 17.72
C PRO D 8 28.72 46.19 16.49
N SER D 9 28.12 46.91 15.55
CA SER D 9 28.77 47.23 14.28
C SER D 9 29.97 48.16 14.45
N SER D 10 30.29 48.51 15.70
CA SER D 10 31.47 49.30 16.01
C SER D 10 31.88 49.02 17.45
N PHE D 11 33.11 49.41 17.78
CA PHE D 11 33.63 49.26 19.12
C PHE D 11 34.69 50.30 19.37
N SER D 12 34.91 50.61 20.64
CA SER D 12 35.84 51.65 21.07
C SER D 12 36.48 51.21 22.36
N VAL D 13 37.81 51.23 22.41
CA VAL D 13 38.55 50.54 23.47
C VAL D 13 39.96 51.09 23.50
N SER D 14 40.56 51.11 24.69
CA SER D 14 41.95 51.52 24.85
C SER D 14 42.86 50.31 24.70
N LEU D 15 44.17 50.55 24.85
CA LEU D 15 45.16 49.50 24.61
C LEU D 15 45.34 48.64 25.86
N GLY D 16 45.01 47.36 25.75
CA GLY D 16 45.23 46.41 26.83
C GLY D 16 43.97 45.90 27.47
N ASP D 17 42.80 46.38 27.08
CA ASP D 17 41.54 45.97 27.70
C ASP D 17 40.84 44.91 26.87
N ARG D 18 40.15 44.01 27.56
CA ARG D 18 39.43 42.93 26.91
C ARG D 18 38.29 43.48 26.04
N VAL D 19 38.02 42.79 24.94
CA VAL D 19 36.89 43.12 24.06
C VAL D 19 36.27 41.81 23.58
N THR D 20 34.96 41.84 23.33
CA THR D 20 34.21 40.66 22.96
C THR D 20 33.20 41.02 21.88
N ILE D 21 33.25 40.30 20.76
CA ILE D 21 32.38 40.54 19.62
C ILE D 21 31.42 39.37 19.50
N SER D 22 30.15 39.66 19.27
CA SER D 22 29.11 38.64 19.17
C SER D 22 28.62 38.55 17.74
N CYS D 23 28.31 37.33 17.30
CA CYS D 23 27.86 37.05 15.93
C CYS D 23 26.65 36.13 15.95
N LYS D 24 25.62 36.51 16.70
CA LYS D 24 24.37 35.77 16.71
C LYS D 24 23.90 35.49 15.29
N ALA D 25 23.62 34.21 15.01
CA ALA D 25 23.18 33.76 13.70
C ALA D 25 21.66 33.62 13.70
N SER D 26 21.12 33.18 12.56
CA SER D 26 19.68 33.01 12.41
C SER D 26 19.30 31.55 12.22
N GLY D 27 20.14 30.64 12.69
CA GLY D 27 19.87 29.22 12.59
C GLY D 27 21.00 28.48 13.26
N TYR D 28 20.75 27.20 13.53
CA TYR D 28 21.77 26.38 14.19
C TYR D 28 22.91 26.13 13.22
N ILE D 29 24.10 26.60 13.58
CA ILE D 29 25.26 26.59 12.70
C ILE D 29 26.16 25.43 13.08
N LEU D 30 26.10 25.02 14.36
CA LEU D 30 26.76 23.81 14.85
C LEU D 30 28.28 23.94 14.78
N ASN D 31 28.79 25.07 15.26
CA ASN D 31 30.21 25.39 15.34
C ASN D 31 30.86 25.53 13.98
N ARG D 32 30.08 25.62 12.91
CA ARG D 32 30.61 25.95 11.58
C ARG D 32 30.70 27.47 11.43
N LEU D 33 31.56 28.08 12.24
CA LEU D 33 31.67 29.52 12.33
C LEU D 33 33.14 29.90 12.28
N ALA D 34 33.49 30.79 11.36
CA ALA D 34 34.85 31.23 11.17
C ALA D 34 34.95 32.73 11.34
N TRP D 35 36.09 33.18 11.84
CA TRP D 35 36.36 34.60 12.04
C TRP D 35 37.52 35.01 11.15
N TYR D 36 37.27 36.00 10.30
CA TYR D 36 38.26 36.61 9.43
C TYR D 36 38.54 38.04 9.90
N GLN D 37 39.77 38.48 9.70
CA GLN D 37 40.20 39.82 10.06
C GLN D 37 40.73 40.52 8.82
N GLN D 38 40.10 41.62 8.44
CA GLN D 38 40.50 42.38 7.27
C GLN D 38 41.18 43.67 7.70
N LYS D 39 42.32 43.96 7.08
CA LYS D 39 43.09 45.17 7.25
C LYS D 39 42.78 46.16 6.15
N PRO D 40 43.22 47.42 6.28
CA PRO D 40 42.99 48.38 5.19
C PRO D 40 43.75 48.03 3.92
N GLY D 41 43.01 47.71 2.86
CA GLY D 41 43.58 47.46 1.55
C GLY D 41 44.06 46.05 1.30
N ASN D 42 43.85 45.13 2.23
CA ASN D 42 44.25 43.75 2.07
C ASN D 42 43.02 42.86 1.94
N ALA D 43 43.26 41.60 1.61
CA ALA D 43 42.19 40.62 1.61
C ALA D 43 42.04 40.03 2.99
N PRO D 44 40.87 39.48 3.32
CA PRO D 44 40.69 38.85 4.62
C PRO D 44 41.72 37.75 4.87
N ARG D 45 41.91 37.42 6.13
CA ARG D 45 42.91 36.45 6.55
C ARG D 45 42.33 35.64 7.69
N LEU D 46 41.99 34.38 7.42
CA LEU D 46 41.28 33.54 8.38
C LEU D 46 41.96 33.54 9.72
N LEU D 47 41.17 33.71 10.77
CA LEU D 47 41.67 33.81 12.14
C LEU D 47 41.19 32.69 13.03
N ILE D 48 39.92 32.31 12.93
CA ILE D 48 39.38 31.20 13.72
C ILE D 48 38.54 30.33 12.81
N SER D 49 38.71 29.01 12.95
CA SER D 49 37.92 28.04 12.20
C SER D 49 37.27 27.07 13.18
N GLY D 50 35.99 26.82 13.00
CA GLY D 50 35.26 25.94 13.88
C GLY D 50 34.72 26.59 15.12
N ALA D 51 34.84 27.91 15.25
CA ALA D 51 34.29 28.72 16.35
C ALA D 51 35.06 28.50 17.65
N THR D 52 35.97 27.54 17.67
CA THR D 52 36.80 27.32 18.86
C THR D 52 38.29 27.23 18.53
N SER D 53 38.65 26.66 17.39
CA SER D 53 40.05 26.45 17.07
C SER D 53 40.71 27.79 16.75
N LEU D 54 42.00 27.73 16.40
CA LEU D 54 42.78 28.91 16.09
C LEU D 54 43.85 28.55 15.09
N GLU D 55 44.14 29.46 14.17
CA GLU D 55 45.06 29.19 13.09
C GLU D 55 46.48 29.56 13.47
N THR D 56 47.41 29.26 12.58
CA THR D 56 48.81 29.56 12.80
C THR D 56 49.12 30.99 12.39
N GLY D 57 50.19 31.54 12.97
CA GLY D 57 50.55 32.93 12.75
C GLY D 57 49.80 33.91 13.61
N PHE D 58 48.99 33.43 14.54
CA PHE D 58 48.22 34.26 15.46
C PHE D 58 48.53 33.86 16.91
N PRO D 59 48.62 34.83 17.82
CA PRO D 59 48.88 34.50 19.22
C PRO D 59 47.67 33.85 19.86
N SER D 60 47.87 33.36 21.08
CA SER D 60 46.82 32.70 21.83
C SER D 60 45.86 33.68 22.50
N ARG D 61 45.91 34.96 22.14
CA ARG D 61 45.00 35.94 22.74
C ARG D 61 43.59 35.77 22.18
N PHE D 62 43.46 35.74 20.86
CA PHE D 62 42.15 35.57 20.25
C PHE D 62 41.55 34.24 20.67
N SER D 63 40.30 34.27 21.12
CA SER D 63 39.61 33.06 21.54
C SER D 63 38.21 33.06 20.95
N GLY D 64 37.65 31.87 20.77
CA GLY D 64 36.32 31.76 20.23
C GLY D 64 35.44 30.85 21.07
N THR D 65 34.27 31.34 21.46
CA THR D 65 33.42 30.58 22.37
C THR D 65 31.96 30.79 21.99
N GLY D 66 31.22 29.69 21.85
CA GLY D 66 29.81 29.81 21.54
C GLY D 66 29.21 28.47 21.26
N SER D 67 27.89 28.47 21.11
CA SER D 67 27.14 27.26 20.83
C SER D 67 25.71 27.62 20.47
N GLY D 68 25.13 26.83 19.58
CA GLY D 68 23.78 27.09 19.11
C GLY D 68 23.75 28.19 18.07
N LYS D 69 23.09 29.30 18.39
CA LYS D 69 23.02 30.44 17.49
C LYS D 69 23.80 31.65 17.99
N ASP D 70 24.60 31.50 19.04
CA ASP D 70 25.35 32.62 19.60
C ASP D 70 26.81 32.22 19.74
N TYR D 71 27.70 32.98 19.10
CA TYR D 71 29.14 32.77 19.15
C TYR D 71 29.81 34.11 19.38
N THR D 72 30.95 34.10 20.07
CA THR D 72 31.67 35.31 20.39
C THR D 72 33.16 35.12 20.19
N LEU D 73 33.77 36.05 19.50
CA LEU D 73 35.21 36.19 19.52
C LEU D 73 35.59 37.05 20.73
N SER D 74 36.76 36.76 21.30
CA SER D 74 37.22 37.46 22.48
C SER D 74 38.69 37.81 22.30
N ILE D 75 38.98 39.10 22.24
CA ILE D 75 40.34 39.62 22.15
C ILE D 75 40.67 40.23 23.50
N SER D 76 41.36 39.47 24.34
CA SER D 76 41.80 39.95 25.64
C SER D 76 43.12 40.70 25.48
N SER D 77 43.17 41.93 25.99
CA SER D 77 44.37 42.77 25.96
C SER D 77 44.84 42.99 24.51
N LEU D 78 44.01 43.70 23.76
CA LEU D 78 44.31 43.96 22.37
C LEU D 78 45.48 44.93 22.24
N GLN D 79 46.43 44.60 21.37
CA GLN D 79 47.60 45.43 21.12
C GLN D 79 47.31 46.36 19.94
N THR D 80 48.37 46.99 19.42
CA THR D 80 48.20 47.87 18.26
C THR D 80 47.84 47.08 17.01
N GLU D 81 48.41 45.88 16.85
CA GLU D 81 48.17 45.11 15.65
C GLU D 81 46.88 44.31 15.74
N ASP D 82 45.79 44.98 16.14
CA ASP D 82 44.50 44.34 16.29
C ASP D 82 43.35 45.14 15.69
N VAL D 83 43.55 46.40 15.35
CA VAL D 83 42.49 47.19 14.73
C VAL D 83 42.25 46.67 13.31
N GLY D 84 41.03 46.81 12.84
CA GLY D 84 40.63 46.32 11.54
C GLY D 84 39.29 45.62 11.66
N THR D 85 38.66 45.39 10.52
CA THR D 85 37.31 44.83 10.53
C THR D 85 37.36 43.33 10.81
N TYR D 86 36.29 42.83 11.41
CA TYR D 86 36.18 41.42 11.80
C TYR D 86 34.88 40.86 11.25
N TYR D 87 34.98 39.90 10.34
CA TYR D 87 33.80 39.28 9.75
C TYR D 87 33.64 37.87 10.30
N CYS D 88 32.40 37.46 10.51
CA CYS D 88 32.09 36.10 10.92
C CYS D 88 31.34 35.43 9.79
N GLN D 89 31.94 34.37 9.25
CA GLN D 89 31.36 33.61 8.17
C GLN D 89 30.82 32.30 8.72
N GLN D 90 29.73 31.82 8.14
CA GLN D 90 29.27 30.47 8.39
C GLN D 90 29.55 29.64 7.15
N TYR D 91 29.97 28.40 7.36
CA TYR D 91 30.17 27.47 6.26
C TYR D 91 29.35 26.21 6.46
N TRP D 92 28.17 26.37 7.05
CA TRP D 92 27.25 25.26 7.25
C TRP D 92 26.44 24.98 5.99
N SER D 93 25.67 25.95 5.53
CA SER D 93 24.75 25.73 4.42
C SER D 93 25.38 26.22 3.12
N THR D 94 24.60 26.20 2.04
CA THR D 94 25.14 26.29 0.69
C THR D 94 25.65 27.68 0.33
N PRO D 95 24.85 28.77 0.49
CA PRO D 95 25.42 30.11 0.29
C PRO D 95 26.13 30.58 1.55
N TRP D 96 27.46 30.60 1.51
CA TRP D 96 28.25 30.97 2.66
C TRP D 96 28.13 32.47 2.90
N THR D 97 27.44 32.85 3.97
CA THR D 97 27.16 34.24 4.25
C THR D 97 28.16 34.80 5.25
N PHE D 98 28.42 36.10 5.15
CA PHE D 98 29.36 36.79 6.00
C PHE D 98 28.62 37.73 6.95
N GLY D 99 29.34 38.21 7.94
CA GLY D 99 28.79 39.20 8.85
C GLY D 99 29.00 40.61 8.34
N GLY D 100 28.32 41.56 9.00
CA GLY D 100 28.44 42.94 8.59
C GLY D 100 29.82 43.51 8.82
N GLY D 101 30.54 43.00 9.83
CA GLY D 101 31.87 43.46 10.10
C GLY D 101 31.90 44.59 11.11
N THR D 102 32.51 44.35 12.27
CA THR D 102 32.60 45.36 13.31
C THR D 102 33.94 46.06 13.18
N LYS D 103 33.94 47.24 12.58
CA LYS D 103 35.17 48.03 12.55
C LYS D 103 35.54 48.44 13.97
N LEU D 104 36.67 47.93 14.45
CA LEU D 104 37.18 48.39 15.73
C LEU D 104 37.76 49.79 15.57
N GLU D 105 37.89 50.49 16.70
CA GLU D 105 38.61 51.75 16.74
C GLU D 105 39.33 51.83 18.08
N ILE D 106 40.17 52.84 18.22
CA ILE D 106 41.00 53.00 19.41
C ILE D 106 40.68 54.35 20.05
N ARG D 107 41.35 54.62 21.17
CA ARG D 107 41.08 55.81 21.95
C ARG D 107 42.37 56.49 22.38
N VAL E 2 49.94 27.17 -2.58
CA VAL E 2 49.22 27.73 -3.73
C VAL E 2 49.19 29.24 -3.64
N GLN E 3 49.35 29.91 -4.77
CA GLN E 3 49.26 31.37 -4.84
C GLN E 3 48.49 31.78 -6.07
N LEU E 4 47.56 32.71 -5.90
CA LEU E 4 46.62 33.10 -6.94
C LEU E 4 46.89 34.52 -7.40
N GLN E 5 46.78 34.73 -8.71
CA GLN E 5 46.86 36.05 -9.31
C GLN E 5 45.59 36.32 -10.11
N GLU E 6 45.20 37.59 -10.19
CA GLU E 6 43.99 38.01 -10.88
C GLU E 6 44.30 39.06 -11.93
N SER E 7 43.53 39.06 -13.01
CA SER E 7 43.69 40.03 -14.09
C SER E 7 42.36 40.24 -14.78
N GLY E 8 42.25 41.38 -15.48
CA GLY E 8 41.07 41.70 -16.24
C GLY E 8 40.87 43.18 -16.46
N PRO E 9 39.74 43.56 -17.07
CA PRO E 9 39.46 44.98 -17.34
C PRO E 9 38.88 45.65 -16.11
N GLY E 10 39.53 46.72 -15.65
CA GLY E 10 39.11 47.47 -14.50
C GLY E 10 38.00 48.47 -14.74
N LEU E 11 37.39 48.46 -15.92
CA LEU E 11 36.27 49.35 -16.21
C LEU E 11 35.47 48.73 -17.35
N VAL E 12 34.18 48.51 -17.13
CA VAL E 12 33.31 47.97 -18.16
C VAL E 12 32.12 48.91 -18.32
N LYS E 13 31.55 48.91 -19.51
CA LYS E 13 30.38 49.73 -19.76
C LYS E 13 29.12 49.00 -19.30
N PRO E 14 28.14 49.71 -18.76
CA PRO E 14 26.96 49.05 -18.19
C PRO E 14 26.23 48.22 -19.24
N SER E 15 25.48 47.24 -18.75
CA SER E 15 24.73 46.30 -19.57
C SER E 15 25.64 45.68 -20.64
N GLN E 16 26.66 44.99 -20.15
CA GLN E 16 27.63 44.32 -21.00
C GLN E 16 28.13 43.09 -20.23
N SER E 17 29.26 42.54 -20.67
CA SER E 17 29.89 41.43 -19.97
C SER E 17 31.08 41.90 -19.16
N LEU E 18 31.52 41.04 -18.26
CA LEU E 18 32.76 41.26 -17.51
C LEU E 18 33.47 39.93 -17.45
N SER E 19 34.79 39.95 -17.59
CA SER E 19 35.58 38.72 -17.60
C SER E 19 36.84 38.93 -16.78
N LEU E 20 37.04 38.08 -15.78
CA LEU E 20 38.23 38.10 -14.96
C LEU E 20 38.91 36.74 -15.05
N THR E 21 40.24 36.74 -14.94
CA THR E 21 41.01 35.50 -14.97
C THR E 21 41.91 35.41 -13.74
N CYS E 22 42.35 34.20 -13.41
CA CYS E 22 43.21 34.00 -12.24
C CYS E 22 44.14 32.79 -12.42
N THR E 23 45.44 33.04 -12.34
CA THR E 23 46.44 31.98 -12.48
C THR E 23 46.83 31.41 -11.13
N VAL E 24 46.75 30.08 -11.02
CA VAL E 24 47.08 29.38 -9.78
C VAL E 24 48.45 28.75 -9.95
N THR E 25 49.44 29.27 -9.21
CA THR E 25 50.81 28.76 -9.29
C THR E 25 51.20 28.20 -7.93
N GLY E 26 51.74 27.00 -7.92
CA GLY E 26 52.04 26.29 -6.69
C GLY E 26 51.13 25.11 -6.42
N PHE E 27 50.17 24.84 -7.29
CA PHE E 27 49.20 23.77 -7.09
C PHE E 27 48.55 23.47 -8.43
N SER E 28 47.77 22.40 -8.45
CA SER E 28 47.02 22.00 -9.64
C SER E 28 45.53 22.17 -9.36
N ILE E 29 44.84 22.86 -10.27
CA ILE E 29 43.44 23.20 -10.05
C ILE E 29 42.56 22.03 -10.42
N THR E 30 43.18 20.90 -10.73
CA THR E 30 42.46 19.66 -10.96
C THR E 30 42.80 18.61 -9.90
N SER E 31 43.59 18.98 -8.89
CA SER E 31 44.03 18.03 -7.89
C SER E 31 43.08 17.94 -6.70
N ASP E 32 42.94 19.02 -5.93
CA ASP E 32 42.28 18.88 -4.64
C ASP E 32 41.03 19.72 -4.37
N TYR E 33 41.13 21.04 -4.48
CA TYR E 33 40.22 21.92 -3.75
C TYR E 33 39.05 22.38 -4.59
N ALA E 34 38.30 23.35 -4.04
CA ALA E 34 37.37 24.16 -4.80
C ALA E 34 37.86 25.60 -4.85
N TRP E 35 37.48 26.33 -5.90
CA TRP E 35 38.05 27.64 -6.20
C TRP E 35 36.91 28.64 -6.40
N ASN E 36 36.78 29.59 -5.49
CA ASN E 36 35.67 30.53 -5.59
C ASN E 36 36.00 31.99 -5.78
N TRP E 37 34.94 32.74 -6.06
CA TRP E 37 35.01 34.18 -6.27
C TRP E 37 34.24 34.86 -5.15
N ILE E 38 34.78 35.98 -4.65
CA ILE E 38 34.24 36.65 -3.47
C ILE E 38 34.40 38.15 -3.65
N ARG E 39 33.30 38.87 -3.77
CA ARG E 39 33.37 40.30 -4.02
C ARG E 39 33.04 41.13 -2.79
N GLN E 40 33.75 42.24 -2.64
CA GLN E 40 33.59 43.14 -1.50
C GLN E 40 33.19 44.51 -2.01
N PHE E 41 32.04 44.99 -1.56
CA PHE E 41 31.45 46.23 -2.06
C PHE E 41 32.15 47.44 -1.46
N PRO E 42 31.88 48.64 -1.98
CA PRO E 42 32.29 49.86 -1.27
C PRO E 42 31.38 50.08 -0.07
N GLY E 43 31.99 50.13 1.11
CA GLY E 43 31.28 49.98 2.36
C GLY E 43 31.62 48.71 3.11
N LYS E 44 32.36 47.80 2.49
CA LYS E 44 32.96 46.64 3.15
C LYS E 44 31.93 45.59 3.57
N LYS E 45 30.97 45.32 2.71
CA LYS E 45 30.21 44.08 2.78
C LYS E 45 30.92 43.02 1.95
N LEU E 46 30.62 41.75 2.22
CA LEU E 46 31.24 40.64 1.52
C LEU E 46 30.17 39.75 0.93
N GLU E 47 30.47 39.15 -0.23
CA GLU E 47 29.50 38.31 -0.92
C GLU E 47 30.22 37.22 -1.70
N TRP E 48 29.93 35.97 -1.34
CA TRP E 48 30.46 34.82 -2.06
C TRP E 48 29.62 34.58 -3.31
N MET E 49 30.28 34.41 -4.45
CA MET E 49 29.58 34.30 -5.72
C MET E 49 29.40 32.86 -6.19
N GLY E 50 30.45 32.05 -6.11
CA GLY E 50 30.35 30.67 -6.55
C GLY E 50 31.72 30.04 -6.54
N TYR E 51 31.75 28.77 -6.91
CA TYR E 51 33.01 28.03 -6.98
C TYR E 51 32.93 26.98 -8.07
N ILE E 52 34.11 26.63 -8.60
CA ILE E 52 34.30 25.49 -9.48
C ILE E 52 35.09 24.44 -8.71
N ASN E 53 34.65 23.19 -8.81
CA ASN E 53 35.27 22.09 -8.10
C ASN E 53 36.55 21.63 -8.78
N PHE E 54 37.32 20.81 -8.08
CA PHE E 54 38.49 20.18 -8.67
C PHE E 54 38.13 19.21 -9.78
N ASP E 55 36.87 18.83 -9.90
CA ASP E 55 36.43 17.86 -10.90
C ASP E 55 35.52 18.45 -11.96
N GLY E 56 35.26 19.77 -11.94
CA GLY E 56 34.51 20.44 -12.97
C GLY E 56 33.18 20.98 -12.53
N GLY E 57 32.54 20.34 -11.54
CA GLY E 57 31.25 20.82 -11.07
C GLY E 57 31.34 22.22 -10.53
N THR E 58 30.21 22.93 -10.58
CA THR E 58 30.19 24.35 -10.29
C THR E 58 28.91 24.72 -9.58
N THR E 59 29.00 25.65 -8.62
CA THR E 59 27.81 26.08 -7.89
C THR E 59 27.94 27.55 -7.53
N TYR E 60 26.88 28.31 -7.78
CA TYR E 60 26.88 29.76 -7.67
C TYR E 60 25.89 30.24 -6.63
N ASN E 61 26.06 31.49 -6.22
CA ASN E 61 25.15 32.12 -5.28
C ASN E 61 23.77 32.27 -5.93
N PRO E 62 22.70 31.88 -5.26
CA PRO E 62 21.36 32.00 -5.86
C PRO E 62 20.95 33.42 -6.18
N SER E 63 21.61 34.44 -5.62
CA SER E 63 21.23 35.80 -5.92
C SER E 63 21.59 36.17 -7.35
N LEU E 64 22.59 35.51 -7.92
CA LEU E 64 22.99 35.71 -9.32
C LEU E 64 22.58 34.46 -10.09
N ARG E 65 21.39 34.49 -10.67
CA ARG E 65 20.89 33.39 -11.47
C ARG E 65 21.01 33.76 -12.94
N GLY E 66 21.66 32.89 -13.72
CA GLY E 66 21.89 33.13 -15.12
C GLY E 66 22.89 34.22 -15.45
N ARG E 67 23.42 34.93 -14.45
CA ARG E 67 24.28 36.07 -14.70
C ARG E 67 25.75 35.79 -14.45
N ILE E 68 26.11 34.56 -14.05
CA ILE E 68 27.49 34.28 -13.66
C ILE E 68 27.89 32.92 -14.21
N SER E 69 29.12 32.83 -14.69
CA SER E 69 29.70 31.55 -15.08
C SER E 69 31.14 31.50 -14.61
N ILE E 70 31.56 30.34 -14.11
CA ILE E 70 32.95 30.09 -13.77
C ILE E 70 33.41 28.91 -14.62
N THR E 71 34.53 29.09 -15.31
CA THR E 71 35.07 28.05 -16.17
C THR E 71 36.54 27.83 -15.84
N ARG E 72 37.13 26.77 -16.39
CA ARG E 72 38.52 26.47 -16.09
C ARG E 72 39.28 26.10 -17.35
N ASP E 73 40.52 26.56 -17.41
CA ASP E 73 41.53 26.13 -18.37
C ASP E 73 42.47 25.23 -17.57
N THR E 74 42.20 23.93 -17.60
CA THR E 74 43.01 22.96 -16.89
C THR E 74 44.38 22.77 -17.52
N SER E 75 44.57 23.25 -18.75
CA SER E 75 45.85 23.07 -19.42
C SER E 75 46.92 23.96 -18.80
N LYS E 76 46.60 25.24 -18.59
CA LYS E 76 47.55 26.20 -18.04
C LYS E 76 47.13 26.73 -16.67
N ASN E 77 46.31 25.97 -15.95
CA ASN E 77 46.00 26.23 -14.54
C ASN E 77 45.36 27.61 -14.35
N GLN E 78 44.18 27.79 -14.94
CA GLN E 78 43.48 29.06 -14.80
C GLN E 78 42.00 28.83 -14.57
N PHE E 79 41.35 29.76 -13.88
CA PHE E 79 39.90 29.77 -13.92
C PHE E 79 39.39 31.18 -14.13
N PHE E 80 38.17 31.27 -14.66
CA PHE E 80 37.65 32.49 -15.24
C PHE E 80 36.24 32.77 -14.72
N LEU E 81 35.98 34.05 -14.47
CA LEU E 81 34.69 34.56 -14.00
C LEU E 81 34.10 35.41 -15.12
N GLN E 82 32.94 34.99 -15.62
CA GLN E 82 32.22 35.72 -16.66
C GLN E 82 30.90 36.19 -16.09
N LEU E 83 30.79 37.49 -15.83
CA LEU E 83 29.64 38.12 -15.21
C LEU E 83 28.92 38.94 -16.29
N ARG E 84 27.84 38.38 -16.82
CA ARG E 84 27.12 39.00 -17.92
C ARG E 84 26.07 39.98 -17.38
N SER E 85 25.61 40.86 -18.28
CA SER E 85 24.60 41.87 -17.99
C SER E 85 24.96 42.67 -16.73
N VAL E 86 26.09 43.37 -16.81
CA VAL E 86 26.65 44.11 -15.69
C VAL E 86 25.79 45.32 -15.38
N THR E 87 26.02 45.95 -14.23
CA THR E 87 25.25 47.07 -13.72
C THR E 87 26.20 47.92 -12.90
N PRO E 88 25.98 49.24 -12.80
CA PRO E 88 26.89 50.08 -12.01
C PRO E 88 27.02 49.70 -10.54
N GLU E 89 26.18 48.81 -10.02
CA GLU E 89 26.29 48.45 -8.61
C GLU E 89 27.33 47.37 -8.38
N ASP E 90 27.97 46.86 -9.43
CA ASP E 90 29.01 45.85 -9.30
C ASP E 90 30.39 46.51 -9.28
N THR E 91 30.54 47.47 -8.38
CA THR E 91 31.80 48.22 -8.25
C THR E 91 32.64 47.70 -7.10
N ALA E 92 33.06 46.44 -7.16
CA ALA E 92 33.84 45.93 -6.04
C ALA E 92 35.04 45.08 -6.43
N THR E 93 35.83 44.72 -5.44
CA THR E 93 36.99 43.87 -5.64
C THR E 93 36.47 42.43 -5.73
N TYR E 94 37.25 41.53 -6.32
CA TYR E 94 36.79 40.13 -6.46
C TYR E 94 37.55 39.01 -5.69
N TYR E 95 38.83 39.23 -5.38
CA TYR E 95 39.66 38.30 -4.58
C TYR E 95 39.98 36.85 -4.99
N CYS E 96 39.05 36.13 -5.62
CA CYS E 96 39.25 34.72 -6.03
C CYS E 96 39.96 33.80 -5.02
N ALA E 97 39.26 33.50 -3.94
CA ALA E 97 39.72 32.67 -2.82
C ALA E 97 39.66 31.17 -3.13
N THR E 98 40.22 30.38 -2.21
CA THR E 98 40.35 28.93 -2.34
C THR E 98 39.79 28.25 -1.08
N PHE E 99 39.05 27.16 -1.27
CA PHE E 99 38.29 26.52 -0.19
C PHE E 99 38.68 25.06 -0.07
N TYR E 100 39.22 24.67 1.09
CA TYR E 100 39.76 23.31 1.25
C TYR E 100 38.65 22.27 1.27
N GLY E 101 37.79 22.28 2.28
CA GLY E 101 36.68 21.34 2.34
C GLY E 101 36.73 20.36 3.48
N ALA E 102 37.87 19.76 3.78
CA ALA E 102 38.03 18.94 4.97
C ALA E 102 38.16 19.79 6.22
N LYS E 103 38.50 21.07 6.04
CA LYS E 103 38.53 22.00 7.16
C LYS E 103 37.35 22.96 7.10
N GLY E 104 36.90 23.30 5.89
CA GLY E 104 35.68 24.04 5.70
C GLY E 104 35.85 25.51 5.37
N THR E 105 36.97 26.12 5.75
CA THR E 105 37.14 27.56 5.64
C THR E 105 37.90 27.91 4.38
N LEU E 106 37.79 29.19 4.00
CA LEU E 106 38.51 29.77 2.88
C LEU E 106 39.96 29.98 3.31
N ASP E 107 40.83 29.08 2.87
CA ASP E 107 42.20 29.08 3.37
C ASP E 107 43.05 30.15 2.70
N TYR E 108 43.05 30.17 1.37
CA TYR E 108 43.92 31.06 0.60
C TYR E 108 43.08 32.05 -0.16
N TRP E 109 43.54 33.30 -0.20
CA TRP E 109 42.86 34.38 -0.89
C TRP E 109 43.79 34.95 -1.95
N GLY E 110 43.19 35.66 -2.90
CA GLY E 110 43.97 36.27 -3.96
C GLY E 110 44.61 37.55 -3.49
N GLN E 111 44.55 38.58 -4.34
CA GLN E 111 45.04 39.90 -3.98
C GLN E 111 44.03 41.01 -4.22
N GLY E 112 42.99 40.78 -5.01
CA GLY E 112 41.95 41.76 -5.18
C GLY E 112 42.21 42.76 -6.28
N THR E 113 41.26 42.93 -7.19
CA THR E 113 41.35 43.89 -8.28
C THR E 113 40.04 44.66 -8.36
N SER E 114 40.12 45.98 -8.18
CA SER E 114 38.93 46.82 -8.21
C SER E 114 38.37 46.88 -9.63
N VAL E 115 37.06 46.68 -9.76
CA VAL E 115 36.38 46.70 -11.05
C VAL E 115 35.26 47.72 -10.95
N THR E 116 35.40 48.83 -11.68
CA THR E 116 34.40 49.87 -11.73
C THR E 116 33.51 49.69 -12.95
N VAL E 117 32.21 49.96 -12.79
CA VAL E 117 31.23 49.77 -13.84
C VAL E 117 30.54 51.10 -14.07
N SER E 118 30.91 51.80 -15.13
CA SER E 118 30.33 53.10 -15.46
C SER E 118 30.44 53.32 -16.96
N SER E 119 30.11 54.52 -17.40
CA SER E 119 30.20 54.89 -18.82
C SER E 119 30.71 56.32 -18.97
N ALA F 35 -29.85 -36.72 -31.66
CA ALA F 35 -29.24 -37.13 -30.39
C ALA F 35 -30.29 -37.72 -29.46
N VAL F 36 -29.93 -38.83 -28.81
CA VAL F 36 -30.80 -39.46 -27.80
C VAL F 36 -29.90 -39.79 -26.61
N LEU F 37 -29.85 -38.89 -25.63
CA LEU F 37 -29.16 -39.19 -24.40
C LEU F 37 -30.04 -40.11 -23.54
N SER F 38 -29.39 -40.95 -22.75
CA SER F 38 -30.13 -41.90 -21.91
C SER F 38 -29.32 -42.19 -20.67
N PHE F 39 -29.83 -41.76 -19.52
CA PHE F 39 -29.15 -41.97 -18.26
C PHE F 39 -29.73 -43.20 -17.56
N HIS F 40 -29.03 -43.70 -16.55
CA HIS F 40 -29.46 -44.91 -15.87
C HIS F 40 -28.75 -45.04 -14.54
N ASN F 41 -29.52 -45.13 -13.45
CA ASN F 41 -29.03 -45.53 -12.13
C ASN F 41 -27.87 -44.69 -11.62
N ILE F 42 -27.74 -43.44 -12.09
CA ILE F 42 -26.60 -42.62 -11.72
C ILE F 42 -26.56 -42.38 -10.21
N CYS F 43 -25.34 -42.16 -9.70
CA CYS F 43 -25.12 -41.79 -8.31
C CYS F 43 -23.85 -40.95 -8.26
N TYR F 44 -23.85 -39.91 -7.43
CA TYR F 44 -22.67 -39.06 -7.30
C TYR F 44 -22.39 -38.78 -5.83
N ARG F 45 -21.10 -38.80 -5.49
CA ARG F 45 -20.65 -38.53 -4.13
C ARG F 45 -19.33 -37.79 -4.15
N VAL F 46 -19.09 -37.01 -3.11
CA VAL F 46 -17.81 -36.30 -2.97
C VAL F 46 -16.77 -37.23 -2.37
N LYS F 61 -21.49 -37.60 1.09
CA LYS F 61 -22.95 -37.58 0.97
C LYS F 61 -23.36 -37.83 -0.48
N GLU F 62 -23.66 -39.09 -0.80
CA GLU F 62 -24.15 -39.43 -2.12
C GLU F 62 -25.43 -38.65 -2.41
N ILE F 63 -25.36 -37.76 -3.40
CA ILE F 63 -26.40 -36.75 -3.58
C ILE F 63 -27.53 -37.25 -4.46
N LEU F 64 -27.21 -37.96 -5.54
CA LEU F 64 -28.23 -38.40 -6.50
C LEU F 64 -28.56 -39.85 -6.20
N SER F 65 -29.77 -40.08 -5.69
CA SER F 65 -30.21 -41.40 -5.25
C SER F 65 -30.27 -42.40 -6.39
N ASN F 66 -31.15 -42.17 -7.35
CA ASN F 66 -31.28 -43.07 -8.50
C ASN F 66 -32.08 -42.35 -9.56
N ILE F 67 -31.50 -42.17 -10.74
CA ILE F 67 -32.11 -41.44 -11.83
C ILE F 67 -32.31 -42.40 -13.00
N ASN F 68 -33.28 -42.10 -13.85
CA ASN F 68 -33.68 -43.06 -14.88
C ASN F 68 -34.51 -42.37 -15.94
N GLY F 69 -34.10 -42.49 -17.19
CA GLY F 69 -34.88 -41.98 -18.30
C GLY F 69 -33.99 -41.64 -19.48
N ILE F 70 -34.64 -41.08 -20.49
CA ILE F 70 -33.98 -40.65 -21.72
C ILE F 70 -34.19 -39.16 -21.87
N MET F 71 -33.64 -38.57 -22.93
CA MET F 71 -33.92 -37.19 -23.31
C MET F 71 -34.07 -37.17 -24.83
N LYS F 72 -35.30 -37.39 -25.29
CA LYS F 72 -35.58 -37.55 -26.71
C LYS F 72 -35.48 -36.21 -27.43
N PRO F 73 -35.38 -36.22 -28.76
CA PRO F 73 -35.30 -34.96 -29.51
C PRO F 73 -36.52 -34.09 -29.28
N GLY F 74 -36.28 -32.83 -28.91
CA GLY F 74 -37.34 -31.89 -28.62
C GLY F 74 -36.84 -30.74 -27.79
N LEU F 75 -37.56 -30.40 -26.72
CA LEU F 75 -37.19 -29.30 -25.84
C LEU F 75 -37.64 -29.69 -24.43
N ASN F 76 -36.72 -30.18 -23.63
CA ASN F 76 -37.05 -30.77 -22.33
C ASN F 76 -36.15 -30.20 -21.25
N ALA F 77 -36.74 -29.97 -20.07
CA ALA F 77 -36.09 -29.25 -18.99
C ALA F 77 -36.12 -30.06 -17.71
N ILE F 78 -35.32 -29.62 -16.73
CA ILE F 78 -35.35 -30.15 -15.38
C ILE F 78 -35.53 -28.98 -14.42
N LEU F 79 -36.49 -29.09 -13.51
CA LEU F 79 -36.79 -28.01 -12.58
C LEU F 79 -37.03 -28.58 -11.19
N GLY F 80 -36.86 -27.73 -10.18
CA GLY F 80 -37.05 -28.11 -8.81
C GLY F 80 -36.36 -27.17 -7.86
N PRO F 81 -36.35 -27.50 -6.57
CA PRO F 81 -35.67 -26.66 -5.58
C PRO F 81 -34.19 -26.52 -5.89
N THR F 82 -33.55 -25.60 -5.17
CA THR F 82 -32.13 -25.33 -5.37
C THR F 82 -31.23 -26.44 -4.84
N GLY F 83 -31.77 -27.38 -4.09
CA GLY F 83 -31.00 -28.45 -3.50
C GLY F 83 -31.12 -29.79 -4.16
N GLY F 84 -32.00 -29.94 -5.14
CA GLY F 84 -32.12 -31.19 -5.85
C GLY F 84 -30.95 -31.41 -6.79
N GLY F 85 -31.13 -32.30 -7.76
CA GLY F 85 -30.11 -32.49 -8.76
C GLY F 85 -30.24 -31.53 -9.91
N LYS F 86 -30.83 -30.35 -9.66
CA LYS F 86 -31.02 -29.38 -10.72
C LYS F 86 -29.68 -28.92 -11.29
N SER F 87 -28.86 -28.29 -10.46
CA SER F 87 -27.51 -27.90 -10.87
C SER F 87 -26.52 -29.04 -10.77
N SER F 88 -27.02 -30.27 -10.65
CA SER F 88 -26.19 -31.47 -10.53
C SER F 88 -26.40 -32.45 -11.67
N LEU F 89 -27.65 -32.80 -11.98
CA LEU F 89 -27.89 -33.75 -13.04
C LEU F 89 -27.46 -33.19 -14.39
N LEU F 90 -27.64 -31.89 -14.60
CA LEU F 90 -27.24 -31.29 -15.86
C LEU F 90 -25.72 -31.22 -15.98
N ASP F 91 -25.04 -30.97 -14.87
CA ASP F 91 -23.58 -30.99 -14.88
C ASP F 91 -23.06 -32.40 -15.10
N VAL F 92 -23.78 -33.41 -14.64
CA VAL F 92 -23.34 -34.79 -14.82
C VAL F 92 -23.59 -35.26 -16.25
N LEU F 93 -24.79 -35.03 -16.77
CA LEU F 93 -25.13 -35.50 -18.10
C LEU F 93 -24.25 -34.89 -19.18
N ALA F 94 -23.59 -33.77 -18.91
CA ALA F 94 -22.80 -33.06 -19.90
C ALA F 94 -21.30 -33.31 -19.74
N ALA F 95 -20.92 -34.33 -18.97
CA ALA F 95 -19.53 -34.72 -18.78
C ALA F 95 -18.68 -33.58 -18.23
N ARG F 96 -19.29 -32.67 -17.48
CA ARG F 96 -18.56 -31.60 -16.83
C ARG F 96 -18.29 -31.88 -15.36
N LYS F 97 -18.97 -32.87 -14.78
CA LYS F 97 -18.68 -33.29 -13.42
C LYS F 97 -17.52 -34.26 -13.40
N ASP F 98 -16.83 -34.30 -12.27
CA ASP F 98 -15.73 -35.24 -12.07
C ASP F 98 -16.26 -36.66 -12.20
N PRO F 99 -15.72 -37.48 -13.10
CA PRO F 99 -16.31 -38.80 -13.34
C PRO F 99 -15.90 -39.87 -12.34
N SER F 100 -15.25 -39.49 -11.24
CA SER F 100 -14.88 -40.44 -10.20
C SER F 100 -16.02 -40.77 -9.26
N GLY F 101 -17.19 -40.17 -9.46
CA GLY F 101 -18.33 -40.44 -8.60
C GLY F 101 -19.45 -41.19 -9.30
N LEU F 102 -19.61 -40.95 -10.60
CA LEU F 102 -20.70 -41.55 -11.37
C LEU F 102 -20.62 -43.07 -11.30
N SER F 103 -21.68 -43.68 -10.76
CA SER F 103 -21.78 -45.14 -10.71
C SER F 103 -22.74 -45.68 -11.75
N GLY F 104 -23.65 -44.86 -12.27
CA GLY F 104 -24.55 -45.31 -13.30
C GLY F 104 -23.84 -45.46 -14.63
N ASP F 105 -24.61 -45.26 -15.70
CA ASP F 105 -24.10 -45.43 -17.05
C ASP F 105 -24.83 -44.47 -17.98
N VAL F 106 -24.09 -43.48 -18.49
CA VAL F 106 -24.62 -42.60 -19.52
C VAL F 106 -24.50 -43.29 -20.87
N LEU F 107 -25.31 -42.84 -21.83
CA LEU F 107 -25.33 -43.45 -23.14
C LEU F 107 -25.86 -42.43 -24.15
N ILE F 108 -25.17 -42.32 -25.29
CA ILE F 108 -25.66 -41.53 -26.42
C ILE F 108 -26.00 -42.50 -27.54
N ASN F 109 -27.30 -42.63 -27.82
CA ASN F 109 -27.78 -43.48 -28.91
C ASN F 109 -27.40 -44.94 -28.71
N GLY F 110 -27.43 -45.41 -27.48
CA GLY F 110 -27.07 -46.79 -27.17
C GLY F 110 -25.60 -47.05 -26.94
N ALA F 111 -24.75 -46.46 -27.75
CA ALA F 111 -23.31 -46.57 -27.54
C ALA F 111 -22.92 -45.83 -26.25
N PRO F 112 -21.85 -46.24 -25.58
CA PRO F 112 -21.38 -45.46 -24.43
C PRO F 112 -20.96 -44.06 -24.87
N ARG F 113 -21.05 -43.12 -23.95
CA ARG F 113 -20.78 -41.72 -24.27
C ARG F 113 -19.37 -41.56 -24.80
N PRO F 114 -19.20 -41.15 -26.06
CA PRO F 114 -17.85 -41.09 -26.65
C PRO F 114 -16.98 -40.06 -25.95
N ALA F 115 -15.69 -40.10 -26.31
CA ALA F 115 -14.72 -39.23 -25.66
C ALA F 115 -14.84 -37.80 -26.16
N ASN F 116 -14.98 -37.62 -27.48
CA ASN F 116 -15.11 -36.32 -28.14
C ASN F 116 -16.42 -35.61 -27.82
N PHE F 117 -17.21 -36.17 -26.90
CA PHE F 117 -18.48 -35.58 -26.52
C PHE F 117 -18.33 -34.10 -26.16
N LYS F 118 -17.34 -33.78 -25.33
CA LYS F 118 -17.16 -32.40 -24.92
C LYS F 118 -16.90 -31.48 -26.12
N CYS F 119 -16.30 -32.02 -27.17
CA CYS F 119 -16.06 -31.25 -28.38
C CYS F 119 -17.14 -31.44 -29.43
N ASN F 120 -18.16 -32.24 -29.15
CA ASN F 120 -19.27 -32.42 -30.07
C ASN F 120 -20.61 -31.97 -29.51
N SER F 121 -20.66 -31.60 -28.23
CA SER F 121 -21.85 -31.02 -27.63
C SER F 121 -21.64 -29.54 -27.38
N GLY F 122 -22.73 -28.86 -27.01
CA GLY F 122 -22.64 -27.45 -26.71
C GLY F 122 -23.18 -27.13 -25.33
N TYR F 123 -22.32 -26.69 -24.43
CA TYR F 123 -22.71 -26.35 -23.07
C TYR F 123 -22.74 -24.83 -22.95
N VAL F 124 -23.95 -24.28 -23.03
CA VAL F 124 -24.14 -22.83 -22.89
C VAL F 124 -24.19 -22.50 -21.41
N VAL F 125 -23.21 -21.71 -20.95
CA VAL F 125 -23.14 -21.36 -19.53
C VAL F 125 -24.35 -20.51 -19.14
N GLN F 126 -24.65 -20.52 -17.84
CA GLN F 126 -25.78 -19.75 -17.32
C GLN F 126 -25.60 -18.26 -17.53
N ASP F 127 -24.59 -17.68 -16.87
CA ASP F 127 -24.40 -16.24 -16.91
C ASP F 127 -23.56 -15.87 -18.14
N ASP F 128 -23.13 -14.62 -18.20
CA ASP F 128 -22.42 -14.14 -19.38
C ASP F 128 -20.96 -14.53 -19.32
N VAL F 129 -20.46 -15.06 -20.44
CA VAL F 129 -19.05 -15.38 -20.58
C VAL F 129 -18.36 -14.64 -21.71
N VAL F 130 -19.11 -13.98 -22.59
CA VAL F 130 -18.51 -13.28 -23.72
C VAL F 130 -17.74 -12.06 -23.23
N MET F 131 -16.69 -11.70 -23.97
CA MET F 131 -15.91 -10.52 -23.62
C MET F 131 -16.71 -9.27 -23.91
N GLY F 132 -16.56 -8.27 -23.04
CA GLY F 132 -17.35 -7.07 -23.15
C GLY F 132 -16.91 -6.12 -24.23
N THR F 133 -15.60 -5.98 -24.41
CA THR F 133 -15.06 -5.05 -25.38
C THR F 133 -15.15 -5.58 -26.81
N LEU F 134 -14.92 -6.87 -27.00
CA LEU F 134 -15.00 -7.45 -28.33
C LEU F 134 -16.41 -7.26 -28.90
N THR F 135 -16.55 -7.50 -30.20
CA THR F 135 -17.79 -7.24 -30.91
C THR F 135 -18.53 -8.56 -31.17
N VAL F 136 -19.84 -8.46 -31.32
CA VAL F 136 -20.73 -9.60 -31.52
C VAL F 136 -20.22 -10.45 -32.68
N ARG F 137 -19.55 -9.83 -33.65
CA ARG F 137 -18.98 -10.61 -34.74
C ARG F 137 -17.57 -11.10 -34.40
N GLU F 138 -16.79 -10.29 -33.71
CA GLU F 138 -15.45 -10.72 -33.30
C GLU F 138 -15.50 -11.91 -32.36
N ASN F 139 -16.51 -11.97 -31.49
CA ASN F 139 -16.62 -13.10 -30.57
C ASN F 139 -16.99 -14.37 -31.31
N LEU F 140 -17.99 -14.27 -32.20
CA LEU F 140 -18.35 -15.41 -33.04
C LEU F 140 -17.21 -15.81 -33.96
N GLN F 141 -16.25 -14.92 -34.22
CA GLN F 141 -15.10 -15.27 -35.04
C GLN F 141 -14.02 -15.97 -34.22
N PHE F 142 -13.75 -15.47 -33.02
CA PHE F 142 -12.75 -16.10 -32.16
C PHE F 142 -13.20 -17.49 -31.72
N SER F 143 -14.49 -17.65 -31.43
CA SER F 143 -15.04 -18.96 -31.12
C SER F 143 -15.27 -19.81 -32.35
N ALA F 144 -14.82 -19.34 -33.51
CA ALA F 144 -14.89 -20.08 -34.75
C ALA F 144 -13.55 -20.47 -35.31
N ALA F 145 -12.50 -19.72 -35.00
CA ALA F 145 -11.16 -20.13 -35.43
C ALA F 145 -10.70 -21.36 -34.67
N LEU F 146 -10.76 -21.32 -33.34
CA LEU F 146 -10.12 -22.34 -32.52
C LEU F 146 -10.89 -23.65 -32.49
N ARG F 147 -12.22 -23.59 -32.61
CA ARG F 147 -13.02 -24.81 -32.59
C ARG F 147 -13.12 -25.49 -33.94
N LEU F 148 -13.15 -24.72 -35.03
CA LEU F 148 -13.39 -25.29 -36.35
C LEU F 148 -12.11 -25.92 -36.89
N ALA F 149 -12.11 -26.25 -38.18
CA ALA F 149 -10.99 -26.93 -38.82
C ALA F 149 -10.19 -25.94 -39.65
N THR F 150 -8.88 -25.85 -39.37
CA THR F 150 -8.02 -24.93 -40.09
C THR F 150 -7.92 -25.27 -41.58
N THR F 151 -8.16 -26.52 -41.95
CA THR F 151 -8.14 -26.92 -43.36
C THR F 151 -9.07 -26.05 -44.20
N MET F 152 -10.26 -25.77 -43.68
CA MET F 152 -11.20 -24.94 -44.39
C MET F 152 -10.71 -23.49 -44.47
N THR F 153 -11.23 -22.76 -45.44
CA THR F 153 -10.83 -21.39 -45.67
C THR F 153 -11.69 -20.44 -44.84
N ASN F 154 -11.22 -19.19 -44.73
CA ASN F 154 -11.98 -18.16 -44.04
C ASN F 154 -13.29 -17.83 -44.75
N HIS F 155 -13.39 -18.13 -46.05
CA HIS F 155 -14.65 -18.00 -46.74
C HIS F 155 -15.72 -18.86 -46.10
N GLU F 156 -15.43 -20.15 -45.91
CA GLU F 156 -16.39 -21.06 -45.31
C GLU F 156 -16.70 -20.66 -43.87
N LYS F 157 -15.68 -20.28 -43.12
CA LYS F 157 -15.90 -19.89 -41.73
C LYS F 157 -16.81 -18.68 -41.63
N ASN F 158 -16.60 -17.68 -42.50
CA ASN F 158 -17.46 -16.51 -42.45
C ASN F 158 -18.86 -16.80 -42.97
N GLU F 159 -18.99 -17.71 -43.94
CA GLU F 159 -20.32 -18.14 -44.37
C GLU F 159 -21.09 -18.78 -43.22
N ARG F 160 -20.42 -19.65 -42.46
CA ARG F 160 -21.08 -20.29 -41.32
C ARG F 160 -21.43 -19.26 -40.26
N ILE F 161 -20.51 -18.32 -39.98
CA ILE F 161 -20.81 -17.27 -39.01
C ILE F 161 -22.01 -16.45 -39.47
N ASN F 162 -22.17 -16.27 -40.79
CA ASN F 162 -23.29 -15.48 -41.29
C ASN F 162 -24.60 -16.23 -41.14
N ARG F 163 -24.61 -17.51 -41.54
CA ARG F 163 -25.83 -18.30 -41.38
C ARG F 163 -26.16 -18.52 -39.91
N VAL F 164 -25.18 -18.34 -39.01
CA VAL F 164 -25.46 -18.44 -37.59
C VAL F 164 -26.06 -17.15 -37.06
N ILE F 165 -25.47 -16.00 -37.43
CA ILE F 165 -26.04 -14.72 -37.00
C ILE F 165 -27.42 -14.49 -37.61
N GLN F 166 -27.71 -15.15 -38.73
CA GLN F 166 -29.08 -15.12 -39.26
C GLN F 166 -30.06 -15.75 -38.28
N GLU F 167 -29.82 -17.01 -37.88
CA GLU F 167 -30.71 -17.70 -36.98
C GLU F 167 -30.76 -17.03 -35.61
N LEU F 168 -29.60 -16.63 -35.10
CA LEU F 168 -29.50 -16.00 -33.78
C LEU F 168 -30.29 -14.70 -33.69
N GLY F 169 -30.77 -14.17 -34.82
CA GLY F 169 -31.54 -12.94 -34.80
C GLY F 169 -30.72 -11.70 -34.47
N LEU F 170 -29.45 -11.68 -34.85
CA LEU F 170 -28.54 -10.61 -34.47
C LEU F 170 -27.95 -9.90 -35.69
N ASP F 171 -28.69 -9.86 -36.79
CA ASP F 171 -28.21 -9.22 -38.01
C ASP F 171 -28.23 -7.70 -37.93
N LYS F 172 -28.62 -7.13 -36.79
CA LYS F 172 -28.68 -5.69 -36.64
C LYS F 172 -27.54 -5.12 -35.80
N VAL F 173 -26.92 -5.92 -34.93
CA VAL F 173 -25.91 -5.45 -34.01
C VAL F 173 -24.58 -6.17 -34.19
N ALA F 174 -24.48 -7.00 -35.24
CA ALA F 174 -23.27 -7.80 -35.46
C ALA F 174 -22.01 -6.93 -35.55
N ASP F 175 -22.16 -5.66 -35.93
CA ASP F 175 -21.01 -4.79 -36.12
C ASP F 175 -20.78 -3.83 -34.97
N SER F 176 -21.62 -3.87 -33.93
CA SER F 176 -21.44 -3.01 -32.77
C SER F 176 -20.99 -3.82 -31.57
N LYS F 177 -20.27 -3.16 -30.67
CA LYS F 177 -19.69 -3.82 -29.51
C LYS F 177 -20.77 -4.44 -28.64
N VAL F 178 -20.42 -5.55 -27.99
CA VAL F 178 -21.37 -6.20 -27.08
C VAL F 178 -21.54 -5.38 -25.81
N GLY F 179 -20.51 -4.68 -25.41
CA GLY F 179 -20.63 -3.69 -24.35
C GLY F 179 -20.04 -4.18 -23.03
N THR F 180 -19.57 -3.23 -22.23
CA THR F 180 -18.94 -3.50 -20.94
C THR F 180 -19.53 -2.57 -19.90
N GLN F 181 -18.91 -2.51 -18.71
CA GLN F 181 -19.43 -1.65 -17.65
C GLN F 181 -19.30 -0.18 -18.02
N PHE F 182 -18.28 0.18 -18.80
CA PHE F 182 -18.03 1.58 -19.11
C PHE F 182 -18.69 2.02 -20.42
N ILE F 183 -18.54 1.22 -21.47
CA ILE F 183 -19.14 1.55 -22.76
C ILE F 183 -20.58 1.07 -22.78
N ARG F 184 -21.42 1.77 -23.54
CA ARG F 184 -22.85 1.50 -23.56
C ARG F 184 -23.11 0.11 -24.12
N GLY F 185 -23.53 -0.81 -23.26
CA GLY F 185 -23.67 -2.19 -23.66
C GLY F 185 -25.03 -2.51 -24.28
N VAL F 186 -25.00 -3.45 -25.21
CA VAL F 186 -26.24 -3.97 -25.80
C VAL F 186 -27.05 -4.68 -24.72
N SER F 187 -28.37 -4.73 -24.93
CA SER F 187 -29.27 -5.31 -23.95
C SER F 187 -28.83 -6.73 -23.57
N GLY F 188 -29.08 -7.08 -22.31
CA GLY F 188 -28.61 -8.36 -21.80
C GLY F 188 -29.16 -9.55 -22.58
N GLY F 189 -30.36 -9.41 -23.14
CA GLY F 189 -30.91 -10.48 -23.94
C GLY F 189 -30.07 -10.79 -25.17
N GLU F 190 -29.58 -9.75 -25.85
CA GLU F 190 -28.69 -9.99 -26.98
C GLU F 190 -27.33 -10.50 -26.52
N ARG F 191 -26.90 -10.12 -25.32
CA ARG F 191 -25.70 -10.73 -24.74
C ARG F 191 -25.88 -12.25 -24.60
N LYS F 192 -27.01 -12.67 -24.05
CA LYS F 192 -27.28 -14.09 -23.90
C LYS F 192 -27.41 -14.79 -25.24
N ARG F 193 -28.05 -14.13 -26.21
CA ARG F 193 -28.11 -14.69 -27.56
C ARG F 193 -26.72 -14.88 -28.14
N THR F 194 -25.82 -13.91 -27.92
CA THR F 194 -24.46 -14.02 -28.41
C THR F 194 -23.73 -15.19 -27.76
N SER F 195 -23.86 -15.31 -26.43
CA SER F 195 -23.20 -16.40 -25.72
C SER F 195 -23.71 -17.75 -26.18
N ILE F 196 -25.00 -17.84 -26.48
CA ILE F 196 -25.54 -19.06 -27.08
C ILE F 196 -24.89 -19.32 -28.43
N GLY F 197 -24.99 -18.33 -29.33
CA GLY F 197 -24.48 -18.51 -30.69
C GLY F 197 -23.02 -18.88 -30.74
N MET F 198 -22.23 -18.43 -29.75
CA MET F 198 -20.83 -18.84 -29.68
C MET F 198 -20.67 -20.34 -29.57
N GLU F 199 -21.74 -21.08 -29.26
CA GLU F 199 -21.71 -22.53 -29.17
C GLU F 199 -22.54 -23.20 -30.27
N LEU F 200 -22.86 -22.46 -31.32
CA LEU F 200 -23.51 -23.02 -32.50
C LEU F 200 -22.58 -23.14 -33.70
N ILE F 201 -21.38 -22.54 -33.64
CA ILE F 201 -20.49 -22.52 -34.78
C ILE F 201 -20.02 -23.93 -35.13
N THR F 202 -19.75 -24.76 -34.13
CA THR F 202 -19.38 -26.14 -34.39
C THR F 202 -20.57 -26.99 -34.83
N ASP F 203 -21.79 -26.44 -34.76
CA ASP F 203 -23.02 -27.18 -34.99
C ASP F 203 -23.01 -28.46 -34.16
N PRO F 204 -23.07 -28.37 -32.84
CA PRO F 204 -23.27 -29.58 -32.04
C PRO F 204 -24.69 -30.10 -32.20
N SER F 205 -24.92 -31.31 -31.71
CA SER F 205 -26.25 -31.89 -31.69
C SER F 205 -26.95 -31.66 -30.36
N ILE F 206 -26.27 -31.92 -29.25
CA ILE F 206 -26.85 -31.74 -27.92
C ILE F 206 -26.43 -30.38 -27.39
N LEU F 207 -27.42 -29.52 -27.11
CA LEU F 207 -27.18 -28.24 -26.47
C LEU F 207 -27.59 -28.33 -25.01
N PHE F 208 -26.67 -27.96 -24.12
CA PHE F 208 -26.90 -27.99 -22.69
C PHE F 208 -26.93 -26.57 -22.15
N LEU F 209 -28.04 -26.20 -21.52
CA LEU F 209 -28.19 -24.88 -20.93
C LEU F 209 -28.48 -25.05 -19.44
N ASP F 210 -28.24 -24.00 -18.67
CA ASP F 210 -28.51 -23.99 -17.24
C ASP F 210 -28.97 -22.60 -16.85
N GLU F 211 -30.17 -22.52 -16.26
CA GLU F 211 -30.81 -21.27 -15.85
C GLU F 211 -30.59 -20.17 -16.89
N PRO F 212 -31.04 -20.38 -18.14
CA PRO F 212 -30.77 -19.39 -19.19
C PRO F 212 -31.49 -18.07 -18.98
N THR F 213 -32.49 -18.04 -18.11
CA THR F 213 -33.34 -16.86 -17.92
C THR F 213 -33.29 -16.38 -16.47
N THR F 214 -32.09 -16.28 -15.90
CA THR F 214 -31.91 -15.77 -14.55
C THR F 214 -31.03 -14.53 -14.64
N GLY F 215 -31.65 -13.36 -14.51
CA GLY F 215 -30.98 -12.10 -14.74
C GLY F 215 -31.62 -11.38 -15.90
N LEU F 216 -32.89 -11.68 -16.16
CA LEU F 216 -33.66 -11.08 -17.23
C LEU F 216 -34.96 -10.53 -16.67
N ASP F 217 -35.72 -9.86 -17.53
CA ASP F 217 -37.07 -9.42 -17.21
C ASP F 217 -38.07 -10.44 -17.74
N SER F 218 -39.36 -10.08 -17.74
CA SER F 218 -40.40 -11.04 -18.12
C SER F 218 -40.44 -11.27 -19.62
N SER F 219 -40.52 -10.21 -20.41
CA SER F 219 -40.72 -10.32 -21.86
C SER F 219 -39.44 -10.60 -22.63
N THR F 220 -38.27 -10.61 -21.98
CA THR F 220 -37.05 -10.99 -22.66
C THR F 220 -36.73 -12.47 -22.48
N ALA F 221 -37.02 -13.00 -21.29
CA ALA F 221 -36.90 -14.44 -21.09
C ALA F 221 -37.82 -15.20 -22.05
N ASN F 222 -38.99 -14.63 -22.33
CA ASN F 222 -39.89 -15.24 -23.29
C ASN F 222 -39.28 -15.26 -24.69
N ALA F 223 -38.56 -14.20 -25.06
CA ALA F 223 -37.89 -14.16 -26.35
C ALA F 223 -36.76 -15.18 -26.39
N VAL F 224 -36.00 -15.29 -25.31
CA VAL F 224 -34.92 -16.27 -25.23
C VAL F 224 -35.48 -17.69 -25.40
N LEU F 225 -36.60 -17.99 -24.73
CA LEU F 225 -37.16 -19.33 -24.84
C LEU F 225 -37.80 -19.59 -26.21
N LEU F 226 -38.38 -18.56 -26.82
CA LEU F 226 -38.89 -18.75 -28.18
C LEU F 226 -37.75 -19.01 -29.15
N LEU F 227 -36.61 -18.36 -28.94
CA LEU F 227 -35.44 -18.64 -29.77
C LEU F 227 -34.92 -20.05 -29.52
N LEU F 228 -34.92 -20.49 -28.26
CA LEU F 228 -34.49 -21.84 -27.96
C LEU F 228 -35.42 -22.88 -28.59
N LYS F 229 -36.73 -22.59 -28.62
CA LYS F 229 -37.67 -23.52 -29.26
C LYS F 229 -37.46 -23.55 -30.76
N ARG F 230 -37.24 -22.38 -31.38
CA ARG F 230 -36.95 -22.34 -32.81
C ARG F 230 -35.69 -23.11 -33.12
N MET F 231 -34.72 -23.10 -32.20
CA MET F 231 -33.55 -23.96 -32.36
C MET F 231 -33.90 -25.43 -32.21
N SER F 232 -34.67 -25.78 -31.19
CA SER F 232 -34.95 -27.17 -30.83
C SER F 232 -35.87 -27.86 -31.82
N LYS F 233 -36.53 -27.13 -32.70
CA LYS F 233 -37.34 -27.75 -33.74
C LYS F 233 -36.49 -28.23 -34.93
N GLN F 234 -35.18 -28.38 -34.74
CA GLN F 234 -34.28 -28.84 -35.78
C GLN F 234 -33.79 -30.26 -35.60
N GLY F 235 -34.14 -30.91 -34.49
CA GLY F 235 -33.49 -32.12 -34.06
C GLY F 235 -32.42 -31.90 -33.01
N ARG F 236 -32.04 -30.64 -32.78
CA ARG F 236 -31.08 -30.30 -31.73
C ARG F 236 -31.78 -30.44 -30.39
N THR F 237 -31.60 -31.58 -29.75
CA THR F 237 -32.22 -31.82 -28.45
C THR F 237 -31.62 -30.90 -27.41
N ILE F 238 -32.38 -29.88 -27.00
CA ILE F 238 -31.95 -28.94 -25.99
C ILE F 238 -32.32 -29.49 -24.62
N ILE F 239 -31.45 -29.23 -23.64
CA ILE F 239 -31.64 -29.73 -22.28
C ILE F 239 -31.17 -28.63 -21.34
N PHE F 240 -32.11 -28.00 -20.64
CA PHE F 240 -31.78 -26.90 -19.76
C PHE F 240 -32.40 -27.11 -18.38
N SER F 241 -31.83 -26.41 -17.40
CA SER F 241 -32.25 -26.46 -16.01
C SER F 241 -32.87 -25.11 -15.66
N ILE F 242 -34.18 -25.09 -15.49
CA ILE F 242 -34.94 -23.85 -15.35
C ILE F 242 -35.27 -23.60 -13.88
N HIS F 243 -35.60 -22.36 -13.57
CA HIS F 243 -35.77 -21.92 -12.18
C HIS F 243 -36.99 -21.01 -12.09
N GLN F 244 -38.02 -21.49 -11.38
CA GLN F 244 -39.24 -20.76 -11.07
C GLN F 244 -39.78 -19.97 -12.28
N PRO F 245 -40.16 -20.64 -13.35
CA PRO F 245 -40.70 -19.93 -14.52
C PRO F 245 -42.15 -19.54 -14.31
N ARG F 246 -42.63 -18.69 -15.22
CA ARG F 246 -44.05 -18.46 -15.37
C ARG F 246 -44.59 -19.42 -16.42
N TYR F 247 -45.83 -19.87 -16.23
CA TYR F 247 -46.38 -20.97 -17.03
C TYR F 247 -46.29 -20.70 -18.52
N SER F 248 -46.17 -19.43 -18.91
CA SER F 248 -46.02 -19.09 -20.33
C SER F 248 -44.84 -19.83 -20.95
N ILE F 249 -43.73 -19.95 -20.21
CA ILE F 249 -42.61 -20.75 -20.68
C ILE F 249 -42.88 -22.24 -20.50
N PHE F 250 -43.36 -22.63 -19.31
CA PHE F 250 -43.66 -24.01 -19.01
C PHE F 250 -44.51 -24.69 -20.08
N LYS F 251 -45.29 -23.93 -20.84
CA LYS F 251 -46.17 -24.52 -21.84
C LYS F 251 -45.41 -25.07 -23.05
N LEU F 252 -44.14 -24.72 -23.23
CA LEU F 252 -43.40 -25.11 -24.43
C LEU F 252 -42.35 -26.18 -24.16
N PHE F 253 -42.61 -27.10 -23.24
CA PHE F 253 -41.66 -28.14 -22.91
C PHE F 253 -42.06 -29.47 -23.57
N ASP F 254 -41.15 -30.44 -23.51
CA ASP F 254 -41.39 -31.76 -24.07
C ASP F 254 -41.05 -32.91 -23.13
N SER F 255 -40.19 -32.71 -22.14
CA SER F 255 -39.99 -33.66 -21.06
C SER F 255 -39.49 -32.89 -19.84
N LEU F 256 -39.56 -33.53 -18.69
CA LEU F 256 -39.43 -32.85 -17.42
C LEU F 256 -38.84 -33.81 -16.39
N THR F 257 -38.10 -33.22 -15.46
CA THR F 257 -37.42 -33.96 -14.40
C THR F 257 -37.48 -33.11 -13.14
N LEU F 258 -38.23 -33.56 -12.15
CA LEU F 258 -38.28 -32.88 -10.85
C LEU F 258 -37.25 -33.51 -9.93
N LEU F 259 -36.36 -32.68 -9.39
CA LEU F 259 -35.26 -33.15 -8.55
C LEU F 259 -35.28 -32.36 -7.26
N ALA F 260 -35.67 -33.02 -6.17
CA ALA F 260 -35.75 -32.40 -4.85
C ALA F 260 -34.85 -33.14 -3.88
N SER F 261 -33.88 -32.42 -3.30
CA SER F 261 -32.94 -32.92 -2.30
C SER F 261 -32.05 -34.04 -2.83
N GLY F 262 -32.17 -34.40 -4.10
CA GLY F 262 -31.38 -35.48 -4.65
C GLY F 262 -32.18 -36.73 -4.93
N ARG F 263 -33.44 -36.58 -5.33
CA ARG F 263 -34.27 -37.72 -5.65
C ARG F 263 -35.12 -37.38 -6.87
N LEU F 264 -35.24 -38.34 -7.78
CA LEU F 264 -36.18 -38.18 -8.89
C LEU F 264 -37.59 -38.20 -8.33
N MET F 265 -38.23 -37.03 -8.30
CA MET F 265 -39.61 -36.94 -7.85
C MET F 265 -40.61 -37.12 -8.99
N PHE F 266 -40.17 -36.93 -10.23
CA PHE F 266 -40.99 -37.14 -11.41
C PHE F 266 -40.10 -37.01 -12.64
N HIS F 267 -40.42 -37.81 -13.67
CA HIS F 267 -39.76 -37.67 -14.95
C HIS F 267 -40.72 -38.13 -16.04
N GLY F 268 -40.87 -37.30 -17.06
CA GLY F 268 -41.76 -37.62 -18.16
C GLY F 268 -42.27 -36.39 -18.86
N PRO F 269 -43.31 -36.54 -19.68
CA PRO F 269 -43.84 -35.39 -20.43
C PRO F 269 -44.20 -34.24 -19.48
N ALA F 270 -43.75 -33.04 -19.83
CA ALA F 270 -43.93 -31.87 -18.99
C ALA F 270 -45.34 -31.29 -19.10
N GLN F 271 -46.24 -31.98 -19.78
CA GLN F 271 -47.67 -31.68 -19.73
C GLN F 271 -48.41 -32.66 -18.83
N GLU F 272 -47.70 -33.31 -17.92
CA GLU F 272 -48.25 -34.35 -17.08
C GLU F 272 -47.96 -34.20 -15.59
N ALA F 273 -47.01 -33.33 -15.22
CA ALA F 273 -46.66 -33.22 -13.81
C ALA F 273 -47.83 -32.76 -12.97
N LEU F 274 -48.63 -31.82 -13.49
CA LEU F 274 -49.86 -31.43 -12.81
C LEU F 274 -50.82 -32.62 -12.67
N GLY F 275 -50.87 -33.48 -13.69
CA GLY F 275 -51.70 -34.67 -13.60
C GLY F 275 -51.12 -35.71 -12.65
N TYR F 276 -49.79 -35.78 -12.56
CA TYR F 276 -49.16 -36.75 -11.66
C TYR F 276 -49.35 -36.34 -10.20
N PHE F 277 -49.33 -35.04 -9.93
CA PHE F 277 -49.57 -34.56 -8.57
C PHE F 277 -51.05 -34.43 -8.25
N GLU F 278 -51.92 -34.33 -9.25
CA GLU F 278 -53.36 -34.31 -8.99
C GLU F 278 -53.86 -35.70 -8.59
N SER F 279 -53.49 -36.72 -9.36
CA SER F 279 -53.97 -38.08 -9.13
C SER F 279 -53.31 -38.75 -7.94
N ALA F 280 -52.49 -38.03 -7.18
CA ALA F 280 -51.87 -38.57 -5.97
C ALA F 280 -52.61 -38.18 -4.70
N GLY F 281 -53.64 -37.36 -4.79
CA GLY F 281 -54.35 -36.87 -3.64
C GLY F 281 -54.18 -35.39 -3.33
N TYR F 282 -53.81 -34.57 -4.31
CA TYR F 282 -53.64 -33.14 -4.13
C TYR F 282 -54.68 -32.38 -4.95
N HIS F 283 -54.76 -31.08 -4.69
CA HIS F 283 -55.66 -30.19 -5.41
C HIS F 283 -54.90 -28.94 -5.80
N CYS F 284 -54.99 -28.55 -7.06
CA CYS F 284 -54.39 -27.32 -7.56
C CYS F 284 -55.48 -26.29 -7.81
N GLU F 285 -55.33 -25.12 -7.22
CA GLU F 285 -56.25 -24.01 -7.46
C GLU F 285 -55.84 -23.28 -8.74
N ALA F 286 -56.76 -22.50 -9.27
CA ALA F 286 -56.44 -21.69 -10.43
C ALA F 286 -55.44 -20.59 -10.04
N TYR F 287 -54.98 -19.87 -11.05
CA TYR F 287 -54.09 -18.71 -10.88
C TYR F 287 -52.80 -19.05 -10.14
N ASN F 288 -52.44 -20.34 -10.07
CA ASN F 288 -51.20 -20.77 -9.47
C ASN F 288 -50.20 -21.13 -10.57
N ASN F 289 -48.94 -20.82 -10.34
CA ASN F 289 -47.89 -21.17 -11.28
C ASN F 289 -47.47 -22.62 -11.05
N PRO F 290 -47.68 -23.52 -12.02
CA PRO F 290 -47.38 -24.94 -11.78
C PRO F 290 -45.96 -25.21 -11.31
N ALA F 291 -44.98 -24.43 -11.77
CA ALA F 291 -43.62 -24.61 -11.25
C ALA F 291 -43.53 -24.20 -9.78
N ASP F 292 -44.11 -23.05 -9.44
CA ASP F 292 -44.24 -22.69 -8.05
C ASP F 292 -45.14 -23.66 -7.30
N PHE F 293 -46.13 -24.25 -7.99
CA PHE F 293 -46.97 -25.25 -7.36
C PHE F 293 -46.15 -26.47 -6.91
N PHE F 294 -45.28 -26.96 -7.78
CA PHE F 294 -44.44 -28.09 -7.41
C PHE F 294 -43.40 -27.69 -6.36
N LEU F 295 -42.85 -26.48 -6.46
CA LEU F 295 -41.88 -26.06 -5.46
C LEU F 295 -42.53 -25.72 -4.13
N ASP F 296 -43.86 -25.63 -4.08
CA ASP F 296 -44.60 -25.57 -2.82
C ASP F 296 -44.96 -26.96 -2.32
N ILE F 297 -45.28 -27.88 -3.23
CA ILE F 297 -45.49 -29.28 -2.86
C ILE F 297 -44.24 -29.83 -2.18
N ILE F 298 -43.06 -29.46 -2.69
CA ILE F 298 -41.82 -29.95 -2.10
C ILE F 298 -41.66 -29.48 -0.66
N ASN F 299 -42.26 -28.36 -0.28
CA ASN F 299 -42.26 -27.91 1.11
C ASN F 299 -43.50 -28.33 1.88
N GLY F 300 -44.43 -29.04 1.24
CA GLY F 300 -45.58 -29.59 1.93
C GLY F 300 -46.78 -28.68 2.02
N ASP F 301 -47.08 -27.98 0.94
CA ASP F 301 -48.23 -27.06 0.88
C ASP F 301 -48.18 -26.02 1.99
N LEU F 328 -40.90 -35.26 4.41
CA LEU F 328 -41.82 -35.47 3.29
C LEU F 328 -41.04 -35.73 2.01
N ILE F 329 -39.76 -35.35 2.01
CA ILE F 329 -38.89 -35.61 0.86
C ILE F 329 -38.85 -37.10 0.55
N GLU F 330 -38.59 -37.92 1.57
CA GLU F 330 -38.42 -39.35 1.39
C GLU F 330 -39.74 -40.10 1.16
N LYS F 331 -40.87 -39.40 1.10
CA LYS F 331 -42.16 -40.02 0.79
C LYS F 331 -42.61 -39.70 -0.63
N LEU F 332 -42.53 -38.44 -1.02
CA LEU F 332 -42.67 -38.07 -2.42
C LEU F 332 -41.56 -38.66 -3.27
N ALA F 333 -40.43 -38.99 -2.67
CA ALA F 333 -39.32 -39.60 -3.40
C ALA F 333 -39.50 -41.09 -3.59
N GLU F 334 -40.42 -41.72 -2.86
CA GLU F 334 -40.71 -43.13 -3.02
C GLU F 334 -42.05 -43.41 -3.70
N ILE F 335 -42.96 -42.44 -3.72
CA ILE F 335 -44.24 -42.67 -4.40
C ILE F 335 -44.04 -42.84 -5.90
N TYR F 336 -43.04 -42.18 -6.49
CA TYR F 336 -42.88 -42.17 -7.95
C TYR F 336 -42.62 -43.57 -8.49
N VAL F 337 -41.77 -44.34 -7.81
CA VAL F 337 -41.37 -45.66 -8.28
C VAL F 337 -42.60 -46.52 -8.61
N ASN F 338 -43.70 -46.29 -7.91
CA ASN F 338 -44.89 -47.12 -8.03
C ASN F 338 -45.91 -46.55 -9.00
N SER F 339 -45.47 -45.88 -10.06
CA SER F 339 -46.34 -45.35 -11.10
C SER F 339 -45.81 -45.73 -12.47
N SER F 340 -46.66 -45.56 -13.47
CA SER F 340 -46.32 -46.01 -14.83
C SER F 340 -45.23 -45.16 -15.46
N PHE F 341 -45.07 -43.92 -15.01
CA PHE F 341 -44.06 -43.04 -15.58
C PHE F 341 -42.65 -43.36 -15.08
N TYR F 342 -42.50 -44.38 -14.25
CA TYR F 342 -41.23 -45.03 -13.98
C TYR F 342 -41.09 -46.34 -14.72
N LYS F 343 -42.18 -47.11 -14.78
CA LYS F 343 -42.15 -48.40 -15.45
C LYS F 343 -41.84 -48.26 -16.93
N GLU F 344 -42.49 -47.31 -17.60
CA GLU F 344 -42.27 -47.14 -19.04
C GLU F 344 -40.81 -46.77 -19.33
N THR F 345 -40.28 -45.81 -18.59
CA THR F 345 -38.90 -45.37 -18.80
C THR F 345 -37.93 -46.51 -18.56
N LYS F 346 -38.07 -47.21 -17.42
CA LYS F 346 -37.14 -48.29 -17.14
C LYS F 346 -37.29 -49.44 -18.13
N ALA F 347 -38.50 -49.67 -18.64
CA ALA F 347 -38.68 -50.76 -19.60
C ALA F 347 -38.03 -50.42 -20.93
N GLU F 348 -38.27 -49.21 -21.44
CA GLU F 348 -37.62 -48.80 -22.69
C GLU F 348 -36.11 -48.72 -22.53
N LEU F 349 -35.62 -48.43 -21.33
CA LEU F 349 -34.18 -48.37 -21.11
C LEU F 349 -33.57 -49.77 -21.07
N HIS F 350 -34.11 -50.65 -20.22
CA HIS F 350 -33.65 -52.02 -20.17
C HIS F 350 -33.75 -52.69 -21.54
N GLN F 351 -34.69 -52.24 -22.38
CA GLN F 351 -34.70 -52.66 -23.76
C GLN F 351 -33.51 -52.07 -24.52
N LEU F 352 -33.25 -50.77 -24.34
CA LEU F 352 -32.11 -50.14 -24.99
C LEU F 352 -30.78 -50.47 -24.33
N SER F 353 -30.80 -51.09 -23.15
CA SER F 353 -29.59 -51.55 -22.48
C SER F 353 -29.55 -53.06 -22.32
N GLY F 354 -30.49 -53.77 -22.95
CA GLY F 354 -30.51 -55.23 -22.90
C GLY F 354 -30.98 -55.82 -24.22
N TYR F 369 -4.19 -32.03 -30.81
CA TYR F 369 -5.23 -31.01 -30.71
C TYR F 369 -5.69 -30.58 -32.09
N THR F 370 -6.94 -30.12 -32.18
CA THR F 370 -7.54 -29.74 -33.46
C THR F 370 -6.85 -28.55 -34.12
N THR F 371 -5.88 -27.93 -33.45
CA THR F 371 -5.17 -26.78 -34.00
C THR F 371 -3.71 -26.85 -33.57
N SER F 372 -2.84 -26.35 -34.43
CA SER F 372 -1.43 -26.27 -34.07
C SER F 372 -1.24 -25.32 -32.90
N PHE F 373 -0.09 -25.44 -32.24
CA PHE F 373 0.19 -24.58 -31.10
C PHE F 373 0.24 -23.11 -31.51
N CYS F 374 0.67 -22.83 -32.73
CA CYS F 374 0.74 -21.44 -33.18
C CYS F 374 -0.64 -20.89 -33.51
N HIS F 375 -1.53 -21.71 -34.05
CA HIS F 375 -2.89 -21.26 -34.30
C HIS F 375 -3.68 -21.09 -33.02
N GLN F 376 -3.14 -21.50 -31.87
CA GLN F 376 -3.75 -21.25 -30.58
C GLN F 376 -3.06 -20.13 -29.81
N LEU F 377 -1.78 -19.88 -30.09
CA LEU F 377 -1.13 -18.70 -29.52
C LEU F 377 -1.58 -17.44 -30.22
N ARG F 378 -1.64 -17.46 -31.55
CA ARG F 378 -1.97 -16.28 -32.34
C ARG F 378 -3.33 -15.72 -31.94
N TRP F 379 -4.38 -16.53 -32.04
CA TRP F 379 -5.72 -16.02 -31.82
C TRP F 379 -5.95 -15.63 -30.37
N VAL F 380 -5.36 -16.36 -29.42
CA VAL F 380 -5.53 -16.00 -28.01
C VAL F 380 -4.90 -14.64 -27.74
N SER F 381 -3.65 -14.44 -28.19
CA SER F 381 -3.00 -13.15 -27.98
C SER F 381 -3.74 -12.03 -28.70
N LYS F 382 -4.25 -12.31 -29.90
CA LYS F 382 -4.95 -11.29 -30.68
C LYS F 382 -6.25 -10.88 -30.00
N ARG F 383 -7.03 -11.85 -29.53
CA ARG F 383 -8.26 -11.52 -28.82
C ARG F 383 -7.97 -10.73 -27.56
N SER F 384 -6.95 -11.15 -26.79
CA SER F 384 -6.64 -10.42 -25.57
C SER F 384 -6.22 -8.99 -25.88
N PHE F 385 -5.46 -8.79 -26.95
CA PHE F 385 -5.04 -7.43 -27.30
C PHE F 385 -6.22 -6.56 -27.71
N LYS F 386 -7.08 -7.08 -28.60
CA LYS F 386 -8.28 -6.34 -28.97
C LYS F 386 -9.13 -6.02 -27.75
N ASN F 387 -9.14 -6.90 -26.76
CA ASN F 387 -9.86 -6.59 -25.52
C ASN F 387 -9.16 -5.50 -24.72
N LEU F 388 -7.83 -5.46 -24.78
CA LEU F 388 -7.10 -4.42 -24.06
C LEU F 388 -7.33 -3.05 -24.67
N LEU F 389 -7.28 -2.95 -26.00
CA LEU F 389 -7.55 -1.67 -26.66
C LEU F 389 -8.94 -1.18 -26.33
N GLY F 390 -9.92 -2.08 -26.27
CA GLY F 390 -11.28 -1.72 -25.92
C GLY F 390 -11.47 -1.54 -24.43
N ASN F 391 -10.40 -1.12 -23.74
CA ASN F 391 -10.43 -0.86 -22.31
C ASN F 391 -9.63 0.41 -22.07
N PRO F 392 -10.19 1.57 -22.39
CA PRO F 392 -9.45 2.83 -22.16
C PRO F 392 -9.13 3.07 -20.71
N GLN F 393 -10.00 2.64 -19.79
CA GLN F 393 -9.87 3.04 -18.40
C GLN F 393 -8.55 2.57 -17.79
N ALA F 394 -8.35 1.26 -17.71
CA ALA F 394 -7.20 0.72 -16.98
C ALA F 394 -5.88 1.20 -17.58
N SER F 395 -5.67 0.93 -18.87
CA SER F 395 -4.40 1.24 -19.50
C SER F 395 -4.15 2.74 -19.58
N ILE F 396 -5.18 3.52 -19.92
CA ILE F 396 -5.02 4.96 -20.01
C ILE F 396 -4.69 5.54 -18.64
N ALA F 397 -5.34 5.04 -17.58
CA ALA F 397 -5.01 5.50 -16.25
C ALA F 397 -3.60 5.11 -15.84
N GLN F 398 -3.15 3.92 -16.25
CA GLN F 398 -1.77 3.52 -15.97
C GLN F 398 -0.79 4.50 -16.60
N ILE F 399 -0.97 4.78 -17.90
CA ILE F 399 -0.06 5.70 -18.58
C ILE F 399 -0.10 7.08 -17.94
N ILE F 400 -1.30 7.56 -17.60
CA ILE F 400 -1.44 8.90 -17.05
C ILE F 400 -0.75 9.00 -15.69
N VAL F 401 -0.93 7.99 -14.83
CA VAL F 401 -0.33 8.08 -13.51
C VAL F 401 1.19 7.96 -13.61
N THR F 402 1.70 7.14 -14.53
CA THR F 402 3.15 7.08 -14.70
C THR F 402 3.70 8.42 -15.17
N VAL F 403 2.99 9.10 -16.07
CA VAL F 403 3.48 10.40 -16.55
C VAL F 403 3.43 11.44 -15.43
N VAL F 404 2.33 11.47 -14.67
CA VAL F 404 2.19 12.45 -13.61
C VAL F 404 3.23 12.22 -12.52
N LEU F 405 3.45 10.96 -12.14
CA LEU F 405 4.48 10.67 -11.16
C LEU F 405 5.86 11.00 -11.69
N GLY F 406 6.12 10.74 -12.97
CA GLY F 406 7.40 11.13 -13.54
C GLY F 406 7.66 12.62 -13.40
N LEU F 407 6.66 13.43 -13.74
CA LEU F 407 6.86 14.88 -13.69
C LEU F 407 6.95 15.38 -12.25
N VAL F 408 6.14 14.82 -11.35
CA VAL F 408 6.21 15.25 -9.94
C VAL F 408 7.56 14.87 -9.33
N ILE F 409 8.02 13.66 -9.59
CA ILE F 409 9.29 13.20 -9.03
C ILE F 409 10.46 13.92 -9.65
N GLY F 410 10.33 14.34 -10.91
CA GLY F 410 11.36 15.18 -11.50
C GLY F 410 11.34 16.61 -11.03
N ALA F 411 10.19 17.09 -10.56
CA ALA F 411 10.13 18.43 -9.98
C ALA F 411 10.70 18.46 -8.58
N ILE F 412 10.30 17.50 -7.74
CA ILE F 412 10.79 17.45 -6.36
C ILE F 412 12.30 17.25 -6.34
N TYR F 413 12.81 16.36 -7.18
CA TYR F 413 14.21 15.97 -7.17
C TYR F 413 15.03 16.71 -8.21
N PHE F 414 14.47 17.75 -8.83
CA PHE F 414 15.12 18.43 -9.94
C PHE F 414 16.54 18.87 -9.60
N GLY F 415 17.50 18.47 -10.44
CA GLY F 415 18.87 18.90 -10.30
C GLY F 415 19.60 18.36 -9.10
N LEU F 416 19.85 17.05 -9.09
CA LEU F 416 20.58 16.44 -7.99
C LEU F 416 21.99 17.01 -7.88
N LYS F 417 22.35 17.47 -6.70
CA LYS F 417 23.65 18.08 -6.47
C LYS F 417 24.64 17.07 -5.88
N ASN F 418 25.92 17.37 -6.03
CA ASN F 418 26.97 16.54 -5.46
C ASN F 418 27.47 17.13 -4.14
N ASP F 419 26.60 17.07 -3.14
CA ASP F 419 26.95 17.49 -1.79
C ASP F 419 26.41 16.44 -0.82
N SER F 420 26.40 16.80 0.47
CA SER F 420 26.02 15.85 1.51
C SER F 420 24.60 15.33 1.33
N THR F 421 23.71 16.15 0.78
CA THR F 421 22.34 15.69 0.53
C THR F 421 22.22 14.89 -0.76
N GLY F 422 23.28 14.81 -1.55
CA GLY F 422 23.19 14.10 -2.82
C GLY F 422 23.01 12.60 -2.63
N ILE F 423 23.74 12.01 -1.69
CA ILE F 423 23.61 10.58 -1.44
C ILE F 423 22.20 10.26 -0.97
N GLN F 424 21.67 11.06 -0.05
CA GLN F 424 20.33 10.82 0.46
C GLN F 424 19.29 10.96 -0.63
N ASN F 425 19.40 12.00 -1.46
CA ASN F 425 18.41 12.22 -2.51
C ASN F 425 18.46 11.12 -3.56
N ARG F 426 19.66 10.68 -3.96
CA ARG F 426 19.77 9.62 -4.95
C ARG F 426 19.24 8.30 -4.41
N ALA F 427 19.66 7.92 -3.21
CA ALA F 427 19.13 6.71 -2.59
C ALA F 427 17.62 6.77 -2.48
N GLY F 428 17.08 7.92 -2.09
CA GLY F 428 15.64 8.03 -1.95
C GLY F 428 14.90 7.87 -3.26
N VAL F 429 15.41 8.48 -4.33
CA VAL F 429 14.66 8.40 -5.59
C VAL F 429 14.80 7.00 -6.21
N LEU F 430 15.94 6.33 -6.05
CA LEU F 430 16.04 4.98 -6.59
C LEU F 430 15.20 4.00 -5.80
N PHE F 431 15.22 4.11 -4.46
CA PHE F 431 14.33 3.32 -3.63
C PHE F 431 12.88 3.57 -4.00
N PHE F 432 12.52 4.81 -4.26
CA PHE F 432 11.14 5.12 -4.62
C PHE F 432 10.74 4.47 -5.94
N LEU F 433 11.62 4.53 -6.94
CA LEU F 433 11.29 3.92 -8.23
C LEU F 433 11.12 2.41 -8.10
N THR F 434 11.99 1.75 -7.33
CA THR F 434 11.87 0.29 -7.22
C THR F 434 10.63 -0.11 -6.45
N THR F 435 10.37 0.53 -5.30
CA THR F 435 9.16 0.19 -4.56
C THR F 435 7.92 0.59 -5.32
N ASN F 436 8.00 1.58 -6.20
CA ASN F 436 6.87 1.90 -7.06
C ASN F 436 6.57 0.77 -8.02
N GLN F 437 7.62 0.29 -8.72
CA GLN F 437 7.45 -0.87 -9.59
C GLN F 437 6.80 -2.03 -8.85
N CYS F 438 7.33 -2.36 -7.68
CA CYS F 438 6.83 -3.51 -6.94
C CYS F 438 5.39 -3.32 -6.49
N PHE F 439 5.12 -2.25 -5.73
CA PHE F 439 3.78 -2.05 -5.20
C PHE F 439 2.74 -1.77 -6.29
N SER F 440 3.17 -1.37 -7.48
CA SER F 440 2.24 -1.25 -8.60
C SER F 440 2.00 -2.56 -9.31
N SER F 441 2.94 -3.50 -9.24
CA SER F 441 2.67 -4.83 -9.75
C SER F 441 1.49 -5.51 -9.06
N VAL F 442 1.13 -5.05 -7.87
CA VAL F 442 0.00 -5.61 -7.13
C VAL F 442 -1.28 -5.58 -7.96
N SER F 443 -1.39 -4.64 -8.89
CA SER F 443 -2.60 -4.48 -9.69
C SER F 443 -2.82 -5.63 -10.67
N ALA F 444 -1.91 -6.60 -10.76
CA ALA F 444 -2.04 -7.72 -11.67
C ALA F 444 -2.63 -8.95 -11.00
N VAL F 445 -3.50 -8.75 -10.02
CA VAL F 445 -4.22 -9.88 -9.44
C VAL F 445 -5.44 -10.25 -10.28
N GLU F 446 -5.97 -9.29 -11.04
CA GLU F 446 -7.17 -9.51 -11.84
C GLU F 446 -6.88 -10.08 -13.23
N LEU F 447 -5.76 -10.77 -13.41
CA LEU F 447 -5.40 -11.30 -14.72
C LEU F 447 -5.90 -12.73 -14.87
N PHE F 448 -5.51 -13.61 -13.95
CA PHE F 448 -5.97 -15.00 -13.93
C PHE F 448 -6.99 -15.25 -12.83
N VAL F 449 -7.63 -14.20 -12.33
CA VAL F 449 -8.63 -14.32 -11.28
C VAL F 449 -10.00 -13.86 -11.76
N VAL F 450 -10.08 -12.77 -12.52
CA VAL F 450 -11.37 -12.29 -13.00
C VAL F 450 -11.82 -13.00 -14.27
N GLU F 451 -10.90 -13.66 -14.98
CA GLU F 451 -11.24 -14.44 -16.17
C GLU F 451 -11.05 -15.93 -15.91
N LYS F 452 -11.41 -16.38 -14.70
CA LYS F 452 -11.27 -17.79 -14.34
C LYS F 452 -12.37 -18.63 -14.98
N LYS F 453 -13.63 -18.29 -14.71
CA LYS F 453 -14.75 -19.10 -15.17
C LYS F 453 -14.73 -19.28 -16.68
N LEU F 454 -14.45 -18.20 -17.42
CA LEU F 454 -14.34 -18.31 -18.86
C LEU F 454 -13.23 -19.26 -19.26
N PHE F 455 -12.09 -19.20 -18.56
CA PHE F 455 -11.00 -20.12 -18.85
C PHE F 455 -11.44 -21.57 -18.66
N ILE F 456 -12.08 -21.87 -17.54
CA ILE F 456 -12.48 -23.26 -17.27
C ILE F 456 -13.48 -23.72 -18.32
N HIS F 457 -14.47 -22.90 -18.62
CA HIS F 457 -15.48 -23.27 -19.61
C HIS F 457 -14.84 -23.53 -20.96
N GLU F 458 -13.99 -22.62 -21.42
CA GLU F 458 -13.42 -22.75 -22.75
C GLU F 458 -12.41 -23.90 -22.83
N TYR F 459 -11.70 -24.18 -21.74
CA TYR F 459 -10.77 -25.30 -21.74
C TYR F 459 -11.52 -26.62 -21.79
N ILE F 460 -12.51 -26.81 -20.91
CA ILE F 460 -13.28 -28.05 -20.92
C ILE F 460 -14.01 -28.22 -22.25
N SER F 461 -14.45 -27.12 -22.85
CA SER F 461 -15.11 -27.21 -24.16
C SER F 461 -14.16 -27.78 -25.21
N GLY F 462 -12.87 -27.49 -25.10
CA GLY F 462 -11.90 -27.99 -26.06
C GLY F 462 -11.39 -26.92 -26.98
N TYR F 463 -11.28 -25.70 -26.48
CA TYR F 463 -10.79 -24.59 -27.28
C TYR F 463 -9.29 -24.70 -27.52
N TYR F 464 -8.51 -24.70 -26.44
CA TYR F 464 -7.06 -24.60 -26.52
C TYR F 464 -6.44 -25.37 -25.37
N ARG F 465 -5.12 -25.47 -25.38
CA ARG F 465 -4.39 -26.11 -24.30
C ARG F 465 -4.02 -25.08 -23.23
N VAL F 466 -3.55 -25.57 -22.09
CA VAL F 466 -3.20 -24.68 -20.99
C VAL F 466 -1.97 -23.87 -21.34
N SER F 467 -1.01 -24.46 -22.06
CA SER F 467 0.22 -23.74 -22.35
C SER F 467 -0.01 -22.65 -23.39
N SER F 468 -0.84 -22.93 -24.41
CA SER F 468 -1.12 -21.92 -25.42
C SER F 468 -1.90 -20.75 -24.84
N TYR F 469 -2.91 -21.04 -24.03
CA TYR F 469 -3.67 -19.97 -23.38
C TYR F 469 -2.80 -19.19 -22.41
N PHE F 470 -1.92 -19.89 -21.68
CA PHE F 470 -1.03 -19.20 -20.75
C PHE F 470 -0.10 -18.27 -21.48
N LEU F 471 0.51 -18.73 -22.58
CA LEU F 471 1.46 -17.88 -23.32
C LEU F 471 0.74 -16.75 -24.03
N GLY F 472 -0.51 -16.95 -24.42
CA GLY F 472 -1.29 -15.87 -25.00
C GLY F 472 -1.61 -14.78 -24.00
N LYS F 473 -2.30 -15.15 -22.92
CA LYS F 473 -2.70 -14.14 -21.93
C LYS F 473 -1.52 -13.60 -21.13
N LEU F 474 -0.30 -13.98 -21.47
CA LEU F 474 0.91 -13.48 -20.83
C LEU F 474 1.82 -12.77 -21.81
N LEU F 475 1.38 -12.61 -23.06
CA LEU F 475 2.14 -11.92 -24.08
C LEU F 475 1.43 -10.69 -24.62
N SER F 476 0.18 -10.44 -24.24
CA SER F 476 -0.51 -9.22 -24.60
C SER F 476 -1.12 -8.48 -23.41
N ASP F 477 -1.66 -9.18 -22.42
CA ASP F 477 -2.16 -8.53 -21.22
C ASP F 477 -1.05 -8.10 -20.26
N LEU F 478 0.13 -8.73 -20.33
CA LEU F 478 1.18 -8.45 -19.37
C LEU F 478 2.46 -7.97 -20.04
N LEU F 479 2.76 -8.49 -21.23
CA LEU F 479 4.03 -8.14 -21.87
C LEU F 479 4.10 -6.68 -22.27
N PRO F 480 3.14 -6.12 -23.03
CA PRO F 480 3.22 -4.70 -23.37
C PRO F 480 2.56 -3.75 -22.38
N MET F 481 2.22 -4.20 -21.18
CA MET F 481 1.66 -3.34 -20.16
C MET F 481 2.64 -3.07 -19.02
N ARG F 482 3.74 -3.80 -18.96
CA ARG F 482 4.77 -3.58 -17.96
C ARG F 482 6.04 -2.98 -18.56
N MET F 483 6.07 -2.79 -19.88
CA MET F 483 7.20 -2.14 -20.54
C MET F 483 7.08 -0.62 -20.56
N LEU F 484 5.86 -0.10 -20.58
CA LEU F 484 5.63 1.32 -20.80
C LEU F 484 5.98 2.17 -19.57
N PRO F 485 5.57 1.80 -18.35
CA PRO F 485 5.99 2.61 -17.20
C PRO F 485 7.50 2.62 -17.00
N SER F 486 8.16 1.49 -17.23
CA SER F 486 9.61 1.43 -17.10
C SER F 486 10.32 2.20 -18.19
N ILE F 487 9.63 2.55 -19.27
CA ILE F 487 10.19 3.40 -20.31
C ILE F 487 9.95 4.88 -20.00
N ILE F 488 8.71 5.20 -19.61
CA ILE F 488 8.35 6.57 -19.33
C ILE F 488 9.15 7.10 -18.15
N PHE F 489 9.21 6.32 -17.07
CA PHE F 489 9.93 6.78 -15.88
C PHE F 489 11.37 7.12 -16.21
N THR F 490 12.06 6.21 -16.91
CA THR F 490 13.45 6.45 -17.27
C THR F 490 13.58 7.69 -18.16
N CYS F 491 12.88 7.70 -19.30
CA CYS F 491 12.99 8.79 -20.25
C CYS F 491 12.72 10.15 -19.59
N ILE F 492 11.71 10.23 -18.74
CA ILE F 492 11.36 11.51 -18.12
C ILE F 492 12.37 11.88 -17.04
N VAL F 493 12.47 11.06 -15.99
CA VAL F 493 13.22 11.50 -14.83
C VAL F 493 14.73 11.30 -14.98
N TYR F 494 15.22 10.88 -16.15
CA TYR F 494 16.66 10.69 -16.24
C TYR F 494 17.41 11.99 -16.51
N PHE F 495 16.75 12.99 -17.07
CA PHE F 495 17.42 14.24 -17.41
C PHE F 495 16.91 15.44 -16.65
N MET F 496 15.72 15.36 -16.05
CA MET F 496 15.34 16.34 -15.04
C MET F 496 16.20 16.18 -13.80
N LEU F 497 16.23 14.97 -13.24
CA LEU F 497 17.08 14.69 -12.08
C LEU F 497 18.54 14.97 -12.39
N GLY F 498 19.04 14.43 -13.48
CA GLY F 498 20.44 14.59 -13.82
C GLY F 498 21.27 13.38 -13.43
N LEU F 499 20.78 12.19 -13.77
CA LEU F 499 21.47 10.96 -13.45
C LEU F 499 22.66 10.80 -14.39
N LYS F 500 23.33 9.65 -14.34
CA LYS F 500 24.58 9.43 -15.08
C LYS F 500 24.36 9.60 -16.57
N PRO F 501 24.92 10.65 -17.18
CA PRO F 501 24.58 11.03 -18.56
C PRO F 501 25.36 10.29 -19.64
N LYS F 502 25.44 8.97 -19.50
CA LYS F 502 26.11 8.12 -20.47
C LYS F 502 25.08 7.26 -21.19
N ALA F 503 25.46 6.78 -22.37
CA ALA F 503 24.50 6.13 -23.25
C ALA F 503 24.04 4.79 -22.68
N ASP F 504 24.93 4.07 -22.01
CA ASP F 504 24.62 2.73 -21.55
C ASP F 504 24.04 2.70 -20.14
N ALA F 505 24.39 3.66 -19.28
CA ALA F 505 23.80 3.72 -17.95
C ALA F 505 22.30 3.93 -18.03
N PHE F 506 21.86 4.81 -18.93
CA PHE F 506 20.44 5.01 -19.20
C PHE F 506 19.74 3.70 -19.53
N PHE F 507 20.35 2.92 -20.43
CA PHE F 507 19.71 1.70 -20.89
C PHE F 507 19.76 0.59 -19.84
N VAL F 508 20.83 0.55 -19.05
CA VAL F 508 20.90 -0.40 -17.93
C VAL F 508 19.83 -0.09 -16.91
N MET F 509 19.59 1.19 -16.63
CA MET F 509 18.54 1.56 -15.71
C MET F 509 17.17 1.15 -16.23
N MET F 510 16.92 1.41 -17.51
CA MET F 510 15.64 1.01 -18.12
C MET F 510 15.46 -0.50 -18.06
N PHE F 511 16.51 -1.25 -18.39
CA PHE F 511 16.46 -2.71 -18.36
C PHE F 511 16.20 -3.24 -16.96
N THR F 512 16.86 -2.65 -15.95
CA THR F 512 16.66 -3.09 -14.58
C THR F 512 15.24 -2.81 -14.09
N LEU F 513 14.72 -1.62 -14.37
CA LEU F 513 13.35 -1.31 -13.96
C LEU F 513 12.35 -2.26 -14.62
N MET F 514 12.57 -2.58 -15.89
CA MET F 514 11.67 -3.51 -16.57
C MET F 514 11.78 -4.92 -15.99
N MET F 515 13.00 -5.35 -15.65
CA MET F 515 13.18 -6.69 -15.08
C MET F 515 12.53 -6.81 -13.72
N VAL F 516 12.66 -5.79 -12.88
CA VAL F 516 12.05 -5.89 -11.55
C VAL F 516 10.54 -5.80 -11.64
N ALA F 517 10.01 -5.02 -12.60
CA ALA F 517 8.57 -5.03 -12.83
C ALA F 517 8.09 -6.41 -13.26
N TYR F 518 8.82 -7.07 -14.17
CA TYR F 518 8.44 -8.40 -14.62
C TYR F 518 8.52 -9.42 -13.49
N SER F 519 9.54 -9.34 -12.65
CA SER F 519 9.68 -10.29 -11.56
C SER F 519 8.56 -10.13 -10.54
N ALA F 520 8.23 -8.89 -10.18
CA ALA F 520 7.12 -8.67 -9.25
C ALA F 520 5.81 -9.14 -9.84
N SER F 521 5.61 -8.95 -11.15
CA SER F 521 4.39 -9.45 -11.78
C SER F 521 4.34 -10.97 -11.81
N SER F 522 5.49 -11.62 -12.01
CA SER F 522 5.54 -13.08 -11.96
C SER F 522 5.16 -13.59 -10.58
N MET F 523 5.66 -12.95 -9.53
CA MET F 523 5.28 -13.36 -8.17
C MET F 523 3.80 -13.14 -7.92
N ALA F 524 3.26 -11.99 -8.35
CA ALA F 524 1.84 -11.73 -8.24
C ALA F 524 1.03 -12.82 -8.92
N LEU F 525 1.47 -13.27 -10.09
CA LEU F 525 0.75 -14.33 -10.80
C LEU F 525 0.86 -15.65 -10.07
N ALA F 526 2.05 -15.99 -9.57
CA ALA F 526 2.24 -17.24 -8.86
C ALA F 526 1.35 -17.31 -7.62
N ILE F 527 1.07 -16.17 -7.00
CA ILE F 527 0.17 -16.19 -5.86
C ILE F 527 -1.29 -16.20 -6.30
N ALA F 528 -1.63 -15.41 -7.32
CA ALA F 528 -3.04 -15.24 -7.68
C ALA F 528 -3.57 -16.35 -8.58
N ALA F 529 -2.70 -17.15 -9.19
CA ALA F 529 -3.16 -18.18 -10.12
C ALA F 529 -3.84 -19.30 -9.34
N GLY F 530 -5.15 -19.45 -9.52
CA GLY F 530 -5.89 -20.48 -8.85
C GLY F 530 -6.61 -20.05 -7.60
N GLN F 531 -7.00 -18.78 -7.51
CA GLN F 531 -7.84 -18.27 -6.42
C GLN F 531 -9.02 -17.53 -7.03
N SER F 532 -10.19 -17.68 -6.42
CA SER F 532 -11.42 -17.13 -6.98
C SER F 532 -11.75 -15.73 -6.48
N VAL F 533 -11.21 -15.32 -5.34
CA VAL F 533 -11.52 -14.02 -4.74
C VAL F 533 -10.23 -13.22 -4.62
N VAL F 534 -10.34 -11.91 -4.88
CA VAL F 534 -9.16 -11.05 -4.97
C VAL F 534 -8.61 -10.68 -3.60
N SER F 535 -9.47 -10.44 -2.61
CA SER F 535 -9.05 -9.87 -1.33
C SER F 535 -7.94 -10.71 -0.69
N VAL F 536 -8.21 -12.00 -0.45
CA VAL F 536 -7.22 -12.87 0.15
C VAL F 536 -6.00 -13.03 -0.73
N ALA F 537 -6.14 -12.77 -2.03
CA ALA F 537 -5.01 -12.81 -2.94
C ALA F 537 -4.14 -11.57 -2.87
N THR F 538 -4.69 -10.43 -2.43
CA THR F 538 -3.94 -9.19 -2.35
C THR F 538 -3.36 -8.93 -0.97
N LEU F 539 -4.01 -9.43 0.09
CA LEU F 539 -3.46 -9.26 1.43
C LEU F 539 -2.05 -9.86 1.53
N LEU F 540 -1.89 -11.09 1.06
CA LEU F 540 -0.59 -11.75 1.16
C LEU F 540 0.44 -11.04 0.30
N MET F 541 0.06 -10.58 -0.89
CA MET F 541 1.01 -9.86 -1.73
C MET F 541 1.48 -8.58 -1.06
N THR F 542 0.57 -7.85 -0.42
CA THR F 542 0.98 -6.63 0.27
C THR F 542 1.88 -6.94 1.46
N ILE F 543 1.61 -8.04 2.16
CA ILE F 543 2.47 -8.43 3.28
C ILE F 543 3.87 -8.77 2.78
N CYS F 544 3.95 -9.58 1.72
CA CYS F 544 5.25 -9.97 1.17
C CYS F 544 6.01 -8.75 0.67
N PHE F 545 5.33 -7.80 0.05
CA PHE F 545 6.05 -6.63 -0.45
C PHE F 545 6.50 -5.73 0.69
N VAL F 546 5.72 -5.63 1.77
CA VAL F 546 6.19 -4.89 2.94
C VAL F 546 7.46 -5.53 3.51
N PHE F 547 7.47 -6.87 3.59
CA PHE F 547 8.64 -7.54 4.15
C PHE F 547 9.87 -7.38 3.26
N MET F 548 9.68 -7.55 1.95
CA MET F 548 10.78 -7.35 1.01
C MET F 548 11.31 -5.92 1.08
N MET F 549 10.40 -4.94 1.22
CA MET F 549 10.82 -3.55 1.30
C MET F 549 11.59 -3.27 2.59
N ILE F 550 11.25 -3.97 3.68
CA ILE F 550 12.09 -3.87 4.86
C ILE F 550 13.48 -4.42 4.58
N PHE F 551 13.55 -5.58 3.91
CA PHE F 551 14.83 -6.21 3.60
C PHE F 551 15.48 -5.68 2.33
N SER F 552 15.06 -4.51 1.82
CA SER F 552 15.52 -4.02 0.53
C SER F 552 16.84 -3.28 0.58
N GLY F 553 17.27 -2.80 1.75
CA GLY F 553 18.58 -2.20 1.89
C GLY F 553 18.61 -0.73 2.19
N LEU F 554 17.47 -0.08 2.43
CA LEU F 554 17.45 1.31 2.86
C LEU F 554 17.01 1.50 4.30
N LEU F 555 15.98 0.77 4.74
CA LEU F 555 15.48 0.93 6.09
C LEU F 555 16.29 0.16 7.13
N VAL F 556 17.25 -0.65 6.71
CA VAL F 556 18.13 -1.37 7.62
C VAL F 556 19.36 -1.76 6.84
N ASN F 557 20.53 -1.61 7.46
CA ASN F 557 21.76 -2.03 6.82
C ASN F 557 21.83 -3.55 6.80
N LEU F 558 22.01 -4.12 5.62
CA LEU F 558 21.95 -5.57 5.47
C LEU F 558 23.18 -6.27 5.99
N THR F 559 24.21 -5.53 6.37
CA THR F 559 25.40 -6.12 6.96
C THR F 559 25.35 -6.18 8.49
N THR F 560 24.28 -5.68 9.10
CA THR F 560 24.18 -5.62 10.56
C THR F 560 23.24 -6.66 11.15
N ILE F 561 22.48 -7.39 10.33
CA ILE F 561 21.54 -8.36 10.87
C ILE F 561 22.30 -9.57 11.38
N ALA F 562 21.72 -10.23 12.39
CA ALA F 562 22.31 -11.45 12.93
C ALA F 562 22.17 -12.59 11.93
N SER F 563 23.12 -13.51 11.96
CA SER F 563 23.25 -14.50 10.90
C SER F 563 22.10 -15.48 10.84
N TRP F 564 21.43 -15.74 11.96
CA TRP F 564 20.29 -16.66 11.92
C TRP F 564 19.08 -16.05 11.23
N LEU F 565 19.15 -14.78 10.84
CA LEU F 565 18.09 -14.11 10.12
C LEU F 565 18.56 -13.42 8.85
N SER F 566 19.86 -13.20 8.68
CA SER F 566 20.39 -12.41 7.58
C SER F 566 20.31 -13.11 6.23
N TRP F 567 20.03 -14.40 6.21
CA TRP F 567 19.89 -15.13 4.95
C TRP F 567 18.59 -14.86 4.25
N LEU F 568 17.68 -14.09 4.86
CA LEU F 568 16.37 -13.82 4.27
C LEU F 568 16.41 -12.72 3.23
N GLN F 569 17.55 -12.05 3.08
CA GLN F 569 17.69 -10.97 2.11
C GLN F 569 17.84 -11.48 0.68
N TYR F 570 17.86 -12.79 0.47
CA TYR F 570 17.90 -13.36 -0.87
C TYR F 570 16.51 -13.66 -1.41
N PHE F 571 15.47 -13.34 -0.64
CA PHE F 571 14.09 -13.55 -1.04
C PHE F 571 13.38 -12.25 -1.40
N SER F 572 14.13 -11.17 -1.62
CA SER F 572 13.56 -9.85 -1.84
C SER F 572 13.90 -9.38 -3.25
N ILE F 573 12.88 -9.14 -4.05
CA ILE F 573 13.03 -8.59 -5.40
C ILE F 573 13.44 -7.11 -5.34
N PRO F 574 12.79 -6.28 -4.51
CA PRO F 574 13.26 -4.89 -4.40
C PRO F 574 14.72 -4.77 -4.05
N ARG F 575 15.28 -5.74 -3.33
CA ARG F 575 16.70 -5.65 -3.00
C ARG F 575 17.56 -5.77 -4.24
N TYR F 576 17.23 -6.71 -5.13
CA TYR F 576 18.01 -6.87 -6.36
C TYR F 576 17.84 -5.68 -7.29
N GLY F 577 16.60 -5.20 -7.43
CA GLY F 577 16.39 -3.99 -8.21
C GLY F 577 17.18 -2.80 -7.69
N PHE F 578 17.04 -2.51 -6.39
CA PHE F 578 17.68 -1.36 -5.78
C PHE F 578 19.19 -1.50 -5.78
N THR F 579 19.72 -2.72 -5.65
CA THR F 579 21.15 -2.94 -5.71
C THR F 579 21.69 -2.67 -7.10
N ALA F 580 20.98 -3.13 -8.14
CA ALA F 580 21.45 -2.88 -9.50
C ALA F 580 21.39 -1.39 -9.83
N LEU F 581 20.33 -0.70 -9.39
CA LEU F 581 20.22 0.73 -9.66
C LEU F 581 21.31 1.51 -8.94
N GLN F 582 21.51 1.23 -7.65
CA GLN F 582 22.57 1.87 -6.89
C GLN F 582 23.93 1.63 -7.53
N HIS F 583 24.20 0.39 -7.94
CA HIS F 583 25.48 0.08 -8.56
C HIS F 583 25.68 0.88 -9.83
N ASN F 584 24.66 0.90 -10.69
CA ASN F 584 24.77 1.60 -11.97
C ASN F 584 24.91 3.10 -11.78
N GLU F 585 24.35 3.66 -10.72
CA GLU F 585 24.29 5.11 -10.58
C GLU F 585 25.38 5.71 -9.70
N PHE F 586 25.83 5.01 -8.67
CA PHE F 586 26.66 5.61 -7.64
C PHE F 586 28.15 5.49 -7.92
N LEU F 587 28.56 4.69 -8.89
CA LEU F 587 29.94 4.20 -8.97
C LEU F 587 31.01 5.30 -8.99
N GLY F 588 31.05 6.10 -10.04
CA GLY F 588 32.12 7.10 -10.15
C GLY F 588 31.78 8.50 -9.69
N GLN F 589 31.46 8.69 -8.42
CA GLN F 589 31.00 9.99 -7.94
C GLN F 589 31.85 10.50 -6.77
N ASN F 590 31.76 11.80 -6.54
CA ASN F 590 32.29 12.46 -5.36
C ASN F 590 31.19 13.31 -4.75
N PHE F 591 31.12 13.34 -3.42
CA PHE F 591 30.03 14.03 -2.73
C PHE F 591 30.52 15.00 -1.67
N CYS F 592 31.81 15.32 -1.66
CA CYS F 592 32.36 16.30 -0.72
C CYS F 592 33.04 17.39 -1.52
N PRO F 593 32.46 18.59 -1.60
CA PRO F 593 33.06 19.64 -2.43
C PRO F 593 34.36 20.13 -1.83
N GLY F 594 35.42 20.10 -2.64
CA GLY F 594 36.73 20.49 -2.20
C GLY F 594 37.57 19.35 -1.66
N LEU F 595 36.99 18.20 -1.41
CA LEU F 595 37.72 17.05 -0.90
C LEU F 595 37.78 16.00 -1.99
N ASN F 596 38.99 15.73 -2.48
CA ASN F 596 39.23 14.64 -3.42
C ASN F 596 39.68 13.44 -2.61
N ALA F 597 38.78 12.46 -2.46
CA ALA F 597 39.02 11.29 -1.62
C ALA F 597 39.30 10.03 -2.43
N THR F 598 39.54 10.17 -3.74
CA THR F 598 39.78 8.99 -4.57
C THR F 598 40.99 8.20 -4.08
N GLY F 599 42.03 8.90 -3.64
CA GLY F 599 43.21 8.24 -3.12
C GLY F 599 43.13 8.10 -1.62
N ASN F 600 43.90 8.91 -0.88
CA ASN F 600 43.80 8.91 0.56
C ASN F 600 42.52 9.62 0.98
N ASN F 601 41.68 8.93 1.76
CA ASN F 601 40.53 9.54 2.40
C ASN F 601 40.98 10.15 3.72
N PRO F 602 41.07 11.46 3.84
CA PRO F 602 41.41 12.05 5.14
C PRO F 602 40.20 12.07 6.05
N CYS F 603 40.43 11.69 7.31
CA CYS F 603 39.38 11.73 8.33
C CYS F 603 38.18 10.88 7.91
N ASN F 604 38.39 9.57 7.95
CA ASN F 604 37.34 8.60 7.66
C ASN F 604 36.15 8.83 8.57
N TYR F 605 35.03 8.15 8.29
CA TYR F 605 33.66 8.46 8.71
C TYR F 605 33.02 9.48 7.79
N ALA F 606 33.68 9.87 6.69
CA ALA F 606 33.20 10.98 5.87
C ALA F 606 32.21 10.55 4.80
N THR F 607 32.45 9.41 4.14
CA THR F 607 31.60 8.92 3.04
C THR F 607 31.56 9.94 1.90
N CYS F 608 32.73 10.13 1.30
CA CYS F 608 32.95 11.17 0.29
C CYS F 608 32.96 10.63 -1.13
N THR F 609 32.43 9.44 -1.37
CA THR F 609 32.46 8.87 -2.71
C THR F 609 31.37 7.82 -2.84
N GLY F 610 31.19 7.33 -4.08
CA GLY F 610 30.19 6.32 -4.33
C GLY F 610 30.65 4.91 -4.01
N GLU F 611 31.95 4.65 -4.13
CA GLU F 611 32.50 3.35 -3.73
C GLU F 611 32.34 3.11 -2.24
N GLU F 612 32.63 4.14 -1.41
CA GLU F 612 32.45 4.00 0.03
C GLU F 612 31.00 3.72 0.38
N TYR F 613 30.08 4.50 -0.18
CA TYR F 613 28.67 4.29 0.11
C TYR F 613 28.19 2.93 -0.38
N LEU F 614 28.72 2.46 -1.51
CA LEU F 614 28.25 1.19 -2.06
C LEU F 614 28.77 0.01 -1.24
N VAL F 615 30.01 0.10 -0.75
CA VAL F 615 30.54 -0.98 0.07
C VAL F 615 29.92 -0.96 1.45
N LYS F 616 29.57 0.22 1.96
CA LYS F 616 28.91 0.32 3.26
C LYS F 616 27.60 -0.46 3.29
N GLN F 617 26.99 -0.67 2.14
CA GLN F 617 25.71 -1.38 2.07
C GLN F 617 25.86 -2.85 1.72
N GLY F 618 27.06 -3.30 1.41
CA GLY F 618 27.27 -4.68 1.01
C GLY F 618 26.93 -4.93 -0.44
N ILE F 619 27.55 -4.16 -1.34
CA ILE F 619 27.36 -4.30 -2.77
C ILE F 619 28.74 -4.44 -3.41
N ASP F 620 28.81 -5.20 -4.49
CA ASP F 620 30.07 -5.49 -5.17
C ASP F 620 30.47 -4.33 -6.09
N LEU F 621 31.77 -4.21 -6.32
CA LEU F 621 32.31 -3.17 -7.17
C LEU F 621 32.80 -3.69 -8.52
N SER F 622 32.74 -4.99 -8.76
CA SER F 622 33.06 -5.56 -10.05
C SER F 622 31.81 -5.65 -10.91
N PRO F 623 31.95 -5.77 -12.24
CA PRO F 623 30.74 -5.79 -13.09
C PRO F 623 29.85 -6.98 -12.84
N TRP F 624 30.40 -8.12 -12.41
CA TRP F 624 29.57 -9.23 -12.00
C TRP F 624 28.58 -8.80 -10.92
N GLY F 625 29.03 -7.94 -10.01
CA GLY F 625 28.17 -7.42 -8.96
C GLY F 625 27.01 -6.59 -9.45
N LEU F 626 26.97 -6.25 -10.73
CA LEU F 626 25.80 -5.63 -11.31
C LEU F 626 24.87 -6.65 -11.98
N TRP F 627 25.42 -7.74 -12.50
CA TRP F 627 24.64 -8.66 -13.32
C TRP F 627 24.14 -9.88 -12.57
N LYS F 628 24.72 -10.23 -11.42
CA LYS F 628 24.09 -11.27 -10.62
C LYS F 628 22.71 -10.84 -10.19
N ASN F 629 22.56 -9.58 -9.76
CA ASN F 629 21.26 -9.02 -9.46
C ASN F 629 20.29 -9.23 -10.60
N HIS F 630 20.79 -9.33 -11.83
CA HIS F 630 19.90 -9.55 -12.96
C HIS F 630 19.57 -11.02 -13.17
N VAL F 631 20.56 -11.92 -13.09
CA VAL F 631 20.25 -13.32 -13.35
C VAL F 631 19.28 -13.85 -12.31
N ALA F 632 19.56 -13.57 -11.04
CA ALA F 632 18.61 -13.84 -9.97
C ALA F 632 17.22 -13.40 -10.37
N LEU F 633 17.09 -12.13 -10.79
CA LEU F 633 15.79 -11.63 -11.20
C LEU F 633 15.20 -12.52 -12.29
N ALA F 634 15.96 -12.73 -13.37
CA ALA F 634 15.50 -13.62 -14.43
C ALA F 634 15.10 -14.97 -13.86
N CYS F 635 15.96 -15.56 -13.04
CA CYS F 635 15.65 -16.85 -12.44
C CYS F 635 14.29 -16.81 -11.78
N MET F 636 14.07 -15.80 -10.92
CA MET F 636 12.81 -15.70 -10.21
C MET F 636 11.66 -15.76 -11.18
N ILE F 637 11.73 -14.92 -12.23
CA ILE F 637 10.68 -14.91 -13.25
C ILE F 637 10.37 -16.33 -13.68
N VAL F 638 11.40 -17.01 -14.21
CA VAL F 638 11.22 -18.39 -14.69
C VAL F 638 10.52 -19.20 -13.62
N ILE F 639 11.13 -19.28 -12.43
CA ILE F 639 10.60 -20.11 -11.37
C ILE F 639 9.15 -19.76 -11.13
N PHE F 640 8.89 -18.48 -10.88
CA PHE F 640 7.54 -18.10 -10.49
C PHE F 640 6.56 -18.39 -11.60
N LEU F 641 6.96 -18.12 -12.85
CA LEU F 641 6.06 -18.40 -13.95
C LEU F 641 5.76 -19.89 -14.01
N THR F 642 6.80 -20.72 -13.86
CA THR F 642 6.59 -22.16 -13.81
C THR F 642 5.55 -22.50 -12.75
N ILE F 643 5.72 -21.95 -11.55
CA ILE F 643 4.77 -22.23 -10.47
C ILE F 643 3.36 -21.88 -10.94
N ALA F 644 3.19 -20.68 -11.48
CA ALA F 644 1.88 -20.28 -11.98
C ALA F 644 1.35 -21.30 -12.98
N TYR F 645 2.19 -21.70 -13.93
CA TYR F 645 1.76 -22.67 -14.93
C TYR F 645 1.29 -23.95 -14.27
N LEU F 646 2.04 -24.44 -13.27
CA LEU F 646 1.62 -25.64 -12.57
C LEU F 646 0.30 -25.42 -11.85
N LYS F 647 0.12 -24.25 -11.24
CA LYS F 647 -1.13 -23.97 -10.57
C LYS F 647 -2.29 -23.85 -11.54
N LEU F 648 -2.02 -23.84 -12.84
CA LEU F 648 -3.06 -23.90 -13.84
C LEU F 648 -3.24 -25.28 -14.46
N LEU F 649 -2.25 -26.16 -14.33
CA LEU F 649 -2.37 -27.50 -14.87
C LEU F 649 -3.06 -28.46 -13.92
N PHE F 650 -2.82 -28.31 -12.62
CA PHE F 650 -3.43 -29.15 -11.60
C PHE F 650 -4.63 -28.48 -10.94
N LEU F 651 -5.04 -27.31 -11.41
CA LEU F 651 -6.26 -26.68 -10.92
C LEU F 651 -7.46 -27.55 -11.26
N LYS F 652 -8.37 -27.69 -10.30
CA LYS F 652 -9.49 -28.60 -10.38
C LYS F 652 -10.51 -28.08 -11.38
N LYS F 653 -10.34 -28.47 -12.65
CA LYS F 653 -11.21 -27.97 -13.70
C LYS F 653 -12.63 -28.49 -13.56
N TYR F 654 -12.78 -29.76 -13.20
CA TYR F 654 -14.09 -30.39 -13.08
C TYR F 654 -14.80 -29.95 -11.80
#